data_1AOY
#
_entry.id   1AOY
#
_cell.length_a   1.000
_cell.length_b   1.000
_cell.length_c   1.000
_cell.angle_alpha   90.00
_cell.angle_beta   90.00
_cell.angle_gamma   90.00
#
_symmetry.space_group_name_H-M   'P 1'
#
_entity_poly.entity_id   1
_entity_poly.type   'polypeptide(L)'
_entity_poly.pdbx_seq_one_letter_code
;MRSSAKQEELVKAFKALLKEEKFSSQGEIVAALQEQGFDNINQSKVSRMLTKFGAVRTRNAKMEMVYCLPAELGVPTT
;
_entity_poly.pdbx_strand_id   A
#
# COMPACT_ATOMS: atom_id res chain seq x y z
N MET A 1 -19.04 -9.38 19.95
CA MET A 1 -19.73 -10.27 18.98
C MET A 1 -20.28 -9.45 17.81
N ARG A 2 -19.39 -9.00 16.94
CA ARG A 2 -19.74 -8.19 15.78
C ARG A 2 -18.82 -8.53 14.61
N SER A 3 -19.35 -9.28 13.66
CA SER A 3 -18.60 -9.70 12.47
C SER A 3 -19.01 -8.85 11.26
N SER A 4 -18.50 -7.62 11.20
CA SER A 4 -18.79 -6.70 10.11
C SER A 4 -17.59 -6.61 9.16
N ALA A 5 -17.78 -7.02 7.91
CA ALA A 5 -16.71 -7.00 6.91
C ALA A 5 -16.46 -5.56 6.42
N LYS A 6 -15.67 -4.82 7.18
CA LYS A 6 -15.30 -3.44 6.83
C LYS A 6 -13.97 -3.43 6.06
N GLN A 7 -13.66 -2.30 5.41
CA GLN A 7 -12.44 -2.19 4.60
C GLN A 7 -11.20 -1.89 5.45
N GLU A 8 -11.12 -2.48 6.65
CA GLU A 8 -9.94 -2.37 7.51
C GLU A 8 -8.85 -3.36 7.07
N GLU A 9 -9.05 -3.98 5.90
CA GLU A 9 -8.09 -4.93 5.34
C GLU A 9 -7.26 -4.28 4.24
N LEU A 10 -7.93 -3.54 3.36
CA LEU A 10 -7.25 -2.82 2.28
C LEU A 10 -6.15 -1.89 2.83
N VAL A 11 -6.30 -1.48 4.09
CA VAL A 11 -5.31 -0.62 4.75
C VAL A 11 -4.11 -1.42 5.26
N LYS A 12 -4.33 -2.57 5.91
CA LYS A 12 -3.19 -3.37 6.42
C LYS A 12 -2.38 -3.91 5.26
N ALA A 13 -3.10 -4.37 4.25
CA ALA A 13 -2.51 -4.86 3.00
C ALA A 13 -1.68 -3.77 2.31
N PHE A 14 -2.27 -2.59 2.12
CA PHE A 14 -1.58 -1.44 1.47
C PHE A 14 -0.24 -1.13 2.14
N LYS A 15 -0.29 -0.78 3.44
CA LYS A 15 0.90 -0.45 4.22
C LYS A 15 1.95 -1.56 4.19
N ALA A 16 1.49 -2.83 4.28
CA ALA A 16 2.38 -3.99 4.25
C ALA A 16 3.11 -4.11 2.90
N LEU A 17 2.35 -4.06 1.80
CA LEU A 17 2.92 -4.15 0.44
C LEU A 17 4.06 -3.15 0.24
N LEU A 18 3.82 -1.90 0.64
CA LEU A 18 4.82 -0.83 0.52
C LEU A 18 6.05 -1.12 1.39
N LYS A 19 5.81 -1.47 2.65
CA LYS A 19 6.89 -1.74 3.61
C LYS A 19 7.77 -2.94 3.22
N GLU A 20 7.26 -3.82 2.33
CA GLU A 20 8.04 -4.97 1.83
C GLU A 20 9.15 -4.51 0.85
N GLU A 21 8.96 -3.31 0.25
CA GLU A 21 9.91 -2.72 -0.71
C GLU A 21 10.06 -3.60 -1.95
N LYS A 22 9.03 -3.61 -2.79
CA LYS A 22 9.00 -4.43 -4.01
C LYS A 22 8.36 -3.67 -5.18
N PHE A 23 7.27 -2.95 -4.89
CA PHE A 23 6.52 -2.22 -5.92
C PHE A 23 7.17 -0.89 -6.26
N SER A 24 7.40 -0.67 -7.55
CA SER A 24 8.08 0.52 -8.05
C SER A 24 7.13 1.56 -8.65
N SER A 25 5.83 1.30 -8.61
CA SER A 25 4.82 2.23 -9.14
C SER A 25 3.44 1.93 -8.55
N GLN A 26 2.47 2.82 -8.84
CA GLN A 26 1.09 2.66 -8.37
C GLN A 26 0.44 1.43 -9.01
N GLY A 27 0.39 1.42 -10.34
CA GLY A 27 -0.17 0.29 -11.10
C GLY A 27 0.36 -1.09 -10.69
N GLU A 28 1.60 -1.11 -10.18
CA GLU A 28 2.22 -2.35 -9.69
C GLU A 28 1.50 -2.89 -8.44
N ILE A 29 1.26 -2.01 -7.46
CA ILE A 29 0.56 -2.39 -6.23
C ILE A 29 -0.96 -2.48 -6.47
N VAL A 30 -1.46 -1.80 -7.53
CA VAL A 30 -2.87 -1.91 -7.94
C VAL A 30 -3.21 -3.35 -8.29
N ALA A 31 -2.37 -3.94 -9.16
CA ALA A 31 -2.53 -5.33 -9.60
C ALA A 31 -2.27 -6.31 -8.46
N ALA A 32 -1.25 -6.03 -7.64
CA ALA A 32 -0.87 -6.88 -6.50
C ALA A 32 -2.04 -7.14 -5.55
N LEU A 33 -2.75 -6.08 -5.14
CA LEU A 33 -3.90 -6.22 -4.23
C LEU A 33 -5.06 -6.99 -4.88
N GLN A 34 -5.16 -6.98 -6.21
CA GLN A 34 -6.20 -7.77 -6.89
C GLN A 34 -5.93 -9.28 -6.71
N GLU A 35 -4.64 -9.63 -6.66
CA GLU A 35 -4.22 -11.03 -6.44
C GLU A 35 -4.36 -11.41 -4.96
N GLN A 36 -4.18 -10.42 -4.07
CA GLN A 36 -4.31 -10.63 -2.61
C GLN A 36 -5.74 -10.99 -2.23
N GLY A 37 -6.71 -10.21 -2.73
CA GLY A 37 -8.11 -10.47 -2.43
C GLY A 37 -8.95 -9.20 -2.38
N PHE A 38 -8.63 -8.23 -3.25
CA PHE A 38 -9.37 -6.97 -3.29
C PHE A 38 -9.80 -6.64 -4.72
N ASP A 39 -11.10 -6.80 -4.98
CA ASP A 39 -11.69 -6.52 -6.30
C ASP A 39 -12.26 -5.10 -6.36
N ASN A 40 -11.87 -4.27 -5.40
CA ASN A 40 -12.28 -2.87 -5.32
C ASN A 40 -11.03 -1.98 -5.27
N ILE A 41 -10.18 -2.10 -6.30
CA ILE A 41 -8.93 -1.36 -6.37
C ILE A 41 -8.65 -0.93 -7.81
N ASN A 42 -8.14 0.30 -7.95
CA ASN A 42 -7.77 0.86 -9.26
C ASN A 42 -6.63 1.87 -9.09
N GLN A 43 -6.16 2.44 -10.20
CA GLN A 43 -5.05 3.42 -10.19
C GLN A 43 -5.36 4.62 -9.30
N SER A 44 -6.62 5.08 -9.31
CA SER A 44 -7.06 6.21 -8.48
C SER A 44 -7.05 5.85 -6.98
N LYS A 45 -7.49 4.62 -6.66
CA LYS A 45 -7.51 4.13 -5.27
C LYS A 45 -6.09 4.04 -4.70
N VAL A 46 -5.16 3.57 -5.53
CA VAL A 46 -3.76 3.40 -5.14
C VAL A 46 -3.02 4.74 -5.06
N SER A 47 -3.28 5.66 -6.01
CA SER A 47 -2.67 6.99 -5.98
C SER A 47 -3.22 7.82 -4.81
N ARG A 48 -4.52 7.62 -4.50
CA ARG A 48 -5.16 8.30 -3.38
C ARG A 48 -4.62 7.79 -2.04
N MET A 49 -4.46 6.46 -1.93
CA MET A 49 -3.92 5.85 -0.71
C MET A 49 -2.45 6.24 -0.49
N LEU A 50 -1.68 6.39 -1.57
CA LEU A 50 -0.27 6.82 -1.46
C LEU A 50 -0.17 8.22 -0.87
N THR A 51 -1.00 9.13 -1.37
CA THR A 51 -1.04 10.52 -0.90
C THR A 51 -1.67 10.59 0.51
N LYS A 52 -2.73 9.81 0.73
CA LYS A 52 -3.44 9.75 2.03
C LYS A 52 -2.53 9.23 3.15
N PHE A 53 -1.97 8.04 2.94
CA PHE A 53 -1.07 7.41 3.92
C PHE A 53 0.29 8.13 4.01
N GLY A 54 0.75 8.68 2.88
CA GLY A 54 2.01 9.41 2.84
C GLY A 54 3.22 8.51 2.64
N ALA A 55 3.19 7.71 1.58
CA ALA A 55 4.31 6.82 1.26
C ALA A 55 5.44 7.59 0.56
N VAL A 56 6.64 6.99 0.53
CA VAL A 56 7.81 7.62 -0.09
C VAL A 56 8.52 6.65 -1.06
N ARG A 57 9.09 7.21 -2.13
CA ARG A 57 9.85 6.43 -3.12
C ARG A 57 11.34 6.45 -2.75
N THR A 58 11.90 5.29 -2.40
CA THR A 58 13.30 5.22 -1.97
C THR A 58 14.05 4.04 -2.62
N ARG A 59 15.38 4.13 -2.60
CA ARG A 59 16.25 3.07 -3.11
C ARG A 59 16.31 1.91 -2.11
N ASN A 60 16.00 0.71 -2.58
CA ASN A 60 16.02 -0.49 -1.71
C ASN A 60 17.42 -1.11 -1.65
N ALA A 61 17.50 -2.37 -1.21
CA ALA A 61 18.78 -3.09 -1.08
C ALA A 61 19.60 -3.09 -2.38
N LYS A 62 18.93 -3.23 -3.53
CA LYS A 62 19.62 -3.24 -4.83
C LYS A 62 19.50 -1.90 -5.58
N MET A 63 19.32 -0.80 -4.85
CA MET A 63 19.27 0.55 -5.44
C MET A 63 18.04 0.81 -6.32
N GLU A 64 17.03 -0.07 -6.25
CA GLU A 64 15.81 0.11 -7.04
C GLU A 64 14.87 1.09 -6.34
N MET A 65 14.46 2.13 -7.08
CA MET A 65 13.56 3.16 -6.54
C MET A 65 12.14 2.63 -6.41
N VAL A 66 11.81 2.09 -5.23
CA VAL A 66 10.49 1.52 -4.97
C VAL A 66 9.75 2.27 -3.86
N TYR A 67 8.44 2.06 -3.81
CA TYR A 67 7.57 2.66 -2.81
C TYR A 67 7.74 1.97 -1.45
N CYS A 68 7.91 2.77 -0.41
CA CYS A 68 8.02 2.27 0.96
C CYS A 68 7.24 3.17 1.91
N LEU A 69 7.17 2.78 3.18
CA LEU A 69 6.45 3.54 4.18
C LEU A 69 7.39 4.13 5.23
N PRO A 70 7.28 5.46 5.49
CA PRO A 70 8.08 6.13 6.53
C PRO A 70 7.58 5.77 7.94
N ALA A 71 7.82 6.65 8.90
CA ALA A 71 7.34 6.45 10.29
C ALA A 71 5.82 6.23 10.33
N GLU A 72 5.34 5.61 11.42
CA GLU A 72 3.92 5.28 11.60
C GLU A 72 2.99 6.45 11.23
N LEU A 73 2.32 6.31 10.08
CA LEU A 73 1.41 7.32 9.56
C LEU A 73 0.24 6.64 8.83
N GLY A 74 -0.97 6.83 9.35
CA GLY A 74 -2.16 6.24 8.76
C GLY A 74 -2.73 5.10 9.58
N VAL A 75 -3.05 5.40 10.85
CA VAL A 75 -3.63 4.42 11.77
C VAL A 75 -5.10 4.14 11.40
N PRO A 76 -5.52 2.85 11.36
CA PRO A 76 -6.91 2.47 11.03
C PRO A 76 -7.91 3.02 12.05
N THR A 77 -8.85 3.84 11.59
CA THR A 77 -9.84 4.46 12.48
C THR A 77 -11.03 5.06 11.69
N THR A 78 -10.76 5.63 10.51
CA THR A 78 -11.80 6.23 9.68
C THR A 78 -11.55 5.92 8.20
N MET A 1 -12.60 -4.49 17.84
CA MET A 1 -12.61 -5.44 16.70
C MET A 1 -13.42 -6.70 17.04
N ARG A 2 -14.62 -6.81 16.46
CA ARG A 2 -15.52 -7.95 16.71
C ARG A 2 -15.46 -8.96 15.54
N SER A 3 -14.25 -9.24 15.06
CA SER A 3 -14.00 -10.19 13.97
C SER A 3 -14.45 -9.64 12.60
N SER A 4 -15.74 -9.30 12.48
CA SER A 4 -16.29 -8.78 11.23
C SER A 4 -15.84 -7.33 10.99
N ALA A 5 -14.90 -7.17 10.06
CA ALA A 5 -14.37 -5.85 9.69
C ALA A 5 -14.70 -5.54 8.23
N LYS A 6 -15.58 -4.56 8.01
CA LYS A 6 -16.02 -4.19 6.65
C LYS A 6 -14.89 -3.52 5.86
N GLN A 7 -14.24 -4.33 5.01
CA GLN A 7 -13.13 -3.88 4.16
C GLN A 7 -11.97 -3.22 4.94
N GLU A 8 -11.89 -3.49 6.24
CA GLU A 8 -10.79 -2.99 7.08
C GLU A 8 -9.55 -3.86 6.91
N GLU A 9 -9.32 -4.32 5.68
CA GLU A 9 -8.18 -5.17 5.34
C GLU A 9 -7.36 -4.51 4.22
N LEU A 10 -8.06 -3.85 3.28
CA LEU A 10 -7.42 -3.14 2.16
C LEU A 10 -6.31 -2.20 2.63
N VAL A 11 -6.51 -1.60 3.80
CA VAL A 11 -5.50 -0.71 4.40
C VAL A 11 -4.30 -1.52 4.91
N LYS A 12 -4.55 -2.62 5.65
CA LYS A 12 -3.44 -3.47 6.16
C LYS A 12 -2.60 -4.01 5.01
N ALA A 13 -3.29 -4.44 3.95
CA ALA A 13 -2.64 -4.94 2.74
C ALA A 13 -1.80 -3.83 2.07
N PHE A 14 -2.38 -2.63 1.96
CA PHE A 14 -1.69 -1.47 1.35
C PHE A 14 -0.37 -1.16 2.07
N LYS A 15 -0.43 -0.93 3.38
CA LYS A 15 0.76 -0.63 4.19
C LYS A 15 1.84 -1.72 4.03
N ALA A 16 1.41 -2.99 4.07
CA ALA A 16 2.31 -4.14 3.94
C ALA A 16 3.04 -4.15 2.58
N LEU A 17 2.27 -4.00 1.48
CA LEU A 17 2.84 -3.97 0.12
C LEU A 17 3.97 -2.94 -0.01
N LEU A 18 3.72 -1.74 0.53
CA LEU A 18 4.71 -0.65 0.50
C LEU A 18 5.90 -0.96 1.43
N LYS A 19 5.60 -1.31 2.67
CA LYS A 19 6.63 -1.58 3.69
C LYS A 19 7.51 -2.79 3.34
N GLU A 20 7.03 -3.68 2.46
CA GLU A 20 7.81 -4.84 2.00
C GLU A 20 8.92 -4.43 1.01
N GLU A 21 8.77 -3.22 0.42
CA GLU A 21 9.74 -2.66 -0.54
C GLU A 21 9.87 -3.53 -1.80
N LYS A 22 8.91 -3.38 -2.71
CA LYS A 22 8.88 -4.14 -3.97
C LYS A 22 8.38 -3.26 -5.12
N PHE A 23 7.22 -2.64 -4.93
CA PHE A 23 6.57 -1.83 -5.96
C PHE A 23 7.22 -0.46 -6.11
N SER A 24 7.53 -0.11 -7.36
CA SER A 24 8.14 1.19 -7.69
C SER A 24 7.13 2.15 -8.34
N SER A 25 5.97 1.61 -8.74
CA SER A 25 4.90 2.41 -9.35
C SER A 25 3.54 2.01 -8.78
N GLN A 26 2.53 2.84 -9.03
CA GLN A 26 1.16 2.59 -8.55
C GLN A 26 0.55 1.33 -9.20
N GLY A 27 0.48 1.33 -10.52
CA GLY A 27 -0.11 0.21 -11.29
C GLY A 27 0.23 -1.19 -10.79
N GLU A 28 1.49 -1.42 -10.43
CA GLU A 28 1.94 -2.74 -9.96
C GLU A 28 1.30 -3.14 -8.62
N ILE A 29 1.13 -2.17 -7.70
CA ILE A 29 0.48 -2.44 -6.40
C ILE A 29 -1.06 -2.55 -6.58
N VAL A 30 -1.61 -1.92 -7.65
CA VAL A 30 -3.03 -2.05 -7.99
C VAL A 30 -3.37 -3.52 -8.25
N ALA A 31 -2.55 -4.17 -9.08
CA ALA A 31 -2.70 -5.59 -9.40
C ALA A 31 -2.36 -6.47 -8.17
N ALA A 32 -1.36 -6.04 -7.40
CA ALA A 32 -0.91 -6.77 -6.20
C ALA A 32 -2.05 -7.02 -5.20
N LEU A 33 -2.95 -6.04 -5.06
CA LEU A 33 -4.10 -6.20 -4.16
C LEU A 33 -5.16 -7.14 -4.78
N GLN A 34 -5.24 -7.16 -6.12
CA GLN A 34 -6.17 -8.06 -6.82
C GLN A 34 -5.75 -9.53 -6.63
N GLU A 35 -4.43 -9.78 -6.58
CA GLU A 35 -3.90 -11.13 -6.35
C GLU A 35 -3.96 -11.51 -4.85
N GLN A 36 -4.18 -10.50 -3.99
CA GLN A 36 -4.29 -10.72 -2.53
C GLN A 36 -5.70 -11.19 -2.16
N GLY A 37 -6.70 -10.34 -2.44
CA GLY A 37 -8.08 -10.69 -2.13
C GLY A 37 -9.02 -9.50 -2.19
N PHE A 38 -8.77 -8.56 -3.09
CA PHE A 38 -9.61 -7.35 -3.22
C PHE A 38 -10.16 -7.20 -4.63
N ASP A 39 -11.36 -6.63 -4.73
CA ASP A 39 -12.01 -6.34 -5.99
C ASP A 39 -12.73 -5.01 -5.88
N ASN A 40 -12.59 -4.22 -6.94
CA ASN A 40 -13.11 -2.85 -7.03
C ASN A 40 -11.99 -1.89 -6.61
N ILE A 41 -10.85 -2.03 -7.28
CA ILE A 41 -9.64 -1.24 -7.02
C ILE A 41 -9.07 -0.74 -8.34
N ASN A 42 -8.51 0.48 -8.33
CA ASN A 42 -7.96 1.10 -9.54
C ASN A 42 -6.78 2.01 -9.21
N GLN A 43 -6.30 2.71 -10.25
CA GLN A 43 -5.18 3.66 -10.12
C GLN A 43 -5.48 4.74 -9.07
N SER A 44 -6.74 5.20 -9.03
CA SER A 44 -7.17 6.23 -8.10
C SER A 44 -7.07 5.78 -6.63
N LYS A 45 -7.53 4.55 -6.33
CA LYS A 45 -7.44 4.00 -4.96
C LYS A 45 -5.98 3.88 -4.51
N VAL A 46 -5.11 3.50 -5.45
CA VAL A 46 -3.68 3.33 -5.18
C VAL A 46 -2.95 4.68 -5.06
N SER A 47 -3.27 5.64 -5.92
CA SER A 47 -2.67 6.98 -5.85
C SER A 47 -3.19 7.76 -4.65
N ARG A 48 -4.48 7.59 -4.33
CA ARG A 48 -5.12 8.26 -3.18
C ARG A 48 -4.54 7.73 -1.86
N MET A 49 -4.37 6.41 -1.76
CA MET A 49 -3.80 5.79 -0.57
C MET A 49 -2.30 6.14 -0.42
N LEU A 50 -1.59 6.29 -1.55
CA LEU A 50 -0.17 6.68 -1.54
C LEU A 50 0.02 8.07 -0.93
N THR A 51 -0.72 9.05 -1.45
CA THR A 51 -0.65 10.42 -0.95
C THR A 51 -1.25 10.55 0.47
N LYS A 52 -2.27 9.72 0.76
CA LYS A 52 -2.92 9.71 2.09
C LYS A 52 -1.97 9.14 3.16
N PHE A 53 -1.36 7.98 2.85
CA PHE A 53 -0.44 7.33 3.79
C PHE A 53 0.97 7.95 3.72
N GLY A 54 1.22 8.82 2.74
CA GLY A 54 2.51 9.49 2.60
C GLY A 54 3.67 8.55 2.31
N ALA A 55 3.51 7.72 1.28
CA ALA A 55 4.54 6.74 0.90
C ALA A 55 5.67 7.40 0.09
N VAL A 56 6.89 7.29 0.61
CA VAL A 56 8.09 7.84 -0.04
C VAL A 56 8.86 6.73 -0.77
N ARG A 57 9.45 7.05 -1.92
CA ARG A 57 10.23 6.07 -2.68
C ARG A 57 11.69 6.10 -2.23
N THR A 58 12.31 4.93 -2.17
CA THR A 58 13.70 4.81 -1.72
C THR A 58 14.33 3.51 -2.25
N ARG A 59 15.66 3.49 -2.34
CA ARG A 59 16.39 2.31 -2.83
C ARG A 59 16.44 1.22 -1.76
N ASN A 60 16.01 0.01 -2.13
CA ASN A 60 16.00 -1.14 -1.21
C ASN A 60 17.35 -1.90 -1.23
N ALA A 61 17.34 -3.13 -0.70
CA ALA A 61 18.55 -3.98 -0.65
C ALA A 61 19.13 -4.25 -2.03
N LYS A 62 18.26 -4.34 -3.04
CA LYS A 62 18.68 -4.57 -4.43
C LYS A 62 18.70 -3.26 -5.24
N MET A 63 19.02 -2.15 -4.56
CA MET A 63 19.11 -0.82 -5.19
C MET A 63 17.92 -0.48 -6.11
N GLU A 64 16.71 -0.90 -5.74
CA GLU A 64 15.51 -0.59 -6.52
C GLU A 64 14.73 0.54 -5.86
N MET A 65 14.49 1.63 -6.61
CA MET A 65 13.74 2.79 -6.10
C MET A 65 12.26 2.45 -5.97
N VAL A 66 11.89 1.83 -4.84
CA VAL A 66 10.52 1.38 -4.61
C VAL A 66 9.79 2.20 -3.55
N TYR A 67 8.46 2.19 -3.63
CA TYR A 67 7.58 2.87 -2.68
C TYR A 67 7.66 2.19 -1.31
N CYS A 68 7.87 2.99 -0.27
CA CYS A 68 7.92 2.49 1.11
C CYS A 68 7.20 3.46 2.04
N LEU A 69 6.96 3.01 3.27
CA LEU A 69 6.25 3.83 4.24
C LEU A 69 7.20 4.45 5.28
N PRO A 70 7.17 5.80 5.45
CA PRO A 70 7.98 6.50 6.46
C PRO A 70 7.54 6.16 7.89
N ALA A 71 7.54 7.16 8.75
CA ALA A 71 7.10 7.01 10.14
C ALA A 71 5.62 6.58 10.23
N GLU A 72 5.17 6.26 11.45
CA GLU A 72 3.79 5.80 11.68
C GLU A 72 2.74 6.81 11.21
N LEU A 73 2.03 6.45 10.13
CA LEU A 73 0.99 7.29 9.54
C LEU A 73 -0.16 6.41 9.03
N GLY A 74 -1.25 6.35 9.77
CA GLY A 74 -2.40 5.53 9.39
C GLY A 74 -3.72 6.26 9.52
N VAL A 75 -4.29 6.26 10.73
CA VAL A 75 -5.55 6.94 10.99
C VAL A 75 -5.30 8.42 11.35
N PRO A 76 -6.03 9.36 10.70
CA PRO A 76 -5.88 10.81 10.95
C PRO A 76 -6.48 11.25 12.28
N THR A 77 -5.81 10.89 13.37
CA THR A 77 -6.25 11.24 14.73
C THR A 77 -5.13 10.94 15.73
N THR A 78 -4.71 11.96 16.47
CA THR A 78 -3.64 11.81 17.46
C THR A 78 -3.61 13.02 18.39
N MET A 1 -22.28 -13.77 9.12
CA MET A 1 -21.77 -13.96 7.74
C MET A 1 -20.48 -14.78 7.74
N ARG A 2 -19.99 -15.12 6.55
CA ARG A 2 -18.74 -15.87 6.40
C ARG A 2 -17.54 -14.96 6.65
N SER A 3 -16.99 -14.42 5.57
CA SER A 3 -15.87 -13.48 5.65
C SER A 3 -16.39 -12.04 5.82
N SER A 4 -16.22 -11.49 7.03
CA SER A 4 -16.68 -10.12 7.33
C SER A 4 -15.87 -9.12 6.50
N ALA A 5 -16.52 -8.53 5.49
CA ALA A 5 -15.87 -7.64 4.54
C ALA A 5 -15.69 -6.20 5.05
N LYS A 6 -14.78 -6.02 6.01
CA LYS A 6 -14.41 -4.68 6.47
C LYS A 6 -13.27 -4.17 5.59
N GLN A 7 -13.35 -2.92 5.12
CA GLN A 7 -12.32 -2.39 4.21
C GLN A 7 -11.01 -2.03 4.94
N GLU A 8 -10.86 -2.52 6.17
CA GLU A 8 -9.64 -2.34 6.95
C GLU A 8 -8.57 -3.37 6.52
N GLU A 9 -8.94 -4.25 5.57
CA GLU A 9 -8.05 -5.28 5.05
C GLU A 9 -7.17 -4.70 3.95
N LEU A 10 -7.82 -3.95 3.04
CA LEU A 10 -7.11 -3.25 1.96
C LEU A 10 -6.12 -2.23 2.54
N VAL A 11 -6.48 -1.65 3.69
CA VAL A 11 -5.63 -0.68 4.39
C VAL A 11 -4.42 -1.37 5.04
N LYS A 12 -4.68 -2.43 5.81
CA LYS A 12 -3.62 -3.20 6.47
C LYS A 12 -2.69 -3.86 5.44
N ALA A 13 -3.24 -4.20 4.27
CA ALA A 13 -2.47 -4.76 3.18
C ALA A 13 -1.63 -3.68 2.50
N PHE A 14 -2.28 -2.54 2.17
CA PHE A 14 -1.63 -1.40 1.49
C PHE A 14 -0.31 -1.00 2.17
N LYS A 15 -0.34 -0.81 3.50
CA LYS A 15 0.87 -0.46 4.25
C LYS A 15 1.94 -1.55 4.16
N ALA A 16 1.53 -2.82 4.19
CA ALA A 16 2.45 -3.95 4.12
C ALA A 16 3.12 -4.05 2.73
N LEU A 17 2.33 -3.83 1.68
CA LEU A 17 2.84 -3.86 0.30
C LEU A 17 3.97 -2.85 0.10
N LEU A 18 3.74 -1.62 0.57
CA LEU A 18 4.75 -0.55 0.48
C LEU A 18 5.97 -0.84 1.36
N LYS A 19 5.72 -1.08 2.66
CA LYS A 19 6.78 -1.32 3.64
C LYS A 19 7.69 -2.51 3.28
N GLU A 20 7.20 -3.43 2.46
CA GLU A 20 8.00 -4.58 1.98
C GLU A 20 9.07 -4.14 0.96
N GLU A 21 8.85 -2.99 0.31
CA GLU A 21 9.78 -2.44 -0.69
C GLU A 21 9.93 -3.39 -1.88
N LYS A 22 8.83 -3.59 -2.59
CA LYS A 22 8.76 -4.52 -3.74
C LYS A 22 8.16 -3.84 -4.98
N PHE A 23 7.21 -2.93 -4.74
CA PHE A 23 6.48 -2.24 -5.82
C PHE A 23 7.09 -0.88 -6.13
N SER A 24 7.34 -0.65 -7.41
CA SER A 24 8.00 0.59 -7.87
C SER A 24 7.02 1.65 -8.40
N SER A 25 5.75 1.29 -8.59
CA SER A 25 4.76 2.24 -9.11
C SER A 25 3.36 1.94 -8.55
N GLN A 26 2.43 2.88 -8.78
CA GLN A 26 1.03 2.75 -8.34
C GLN A 26 0.39 1.50 -8.95
N GLY A 27 0.34 1.47 -10.28
CA GLY A 27 -0.23 0.32 -11.02
C GLY A 27 0.36 -1.03 -10.62
N GLU A 28 1.60 -1.02 -10.12
CA GLU A 28 2.28 -2.24 -9.66
C GLU A 28 1.56 -2.82 -8.42
N ILE A 29 1.27 -1.94 -7.45
CA ILE A 29 0.58 -2.34 -6.22
C ILE A 29 -0.94 -2.48 -6.45
N VAL A 30 -1.45 -1.90 -7.55
CA VAL A 30 -2.85 -2.07 -7.95
C VAL A 30 -3.11 -3.54 -8.30
N ALA A 31 -2.27 -4.06 -9.21
CA ALA A 31 -2.34 -5.48 -9.62
C ALA A 31 -2.09 -6.41 -8.42
N ALA A 32 -1.14 -6.01 -7.55
CA ALA A 32 -0.81 -6.79 -6.35
C ALA A 32 -2.03 -7.04 -5.46
N LEU A 33 -2.78 -5.98 -5.16
CA LEU A 33 -3.99 -6.10 -4.31
C LEU A 33 -5.10 -6.89 -5.00
N GLN A 34 -5.19 -6.79 -6.34
CA GLN A 34 -6.18 -7.56 -7.09
C GLN A 34 -5.97 -9.08 -6.91
N GLU A 35 -4.69 -9.50 -6.84
CA GLU A 35 -4.35 -10.91 -6.62
C GLU A 35 -4.48 -11.30 -5.14
N GLN A 36 -4.29 -10.31 -4.24
CA GLN A 36 -4.39 -10.52 -2.79
C GLN A 36 -5.80 -10.96 -2.38
N GLY A 37 -6.80 -10.17 -2.78
CA GLY A 37 -8.18 -10.50 -2.45
C GLY A 37 -9.10 -9.29 -2.47
N PHE A 38 -8.75 -8.28 -3.28
CA PHE A 38 -9.56 -7.05 -3.38
C PHE A 38 -10.00 -6.83 -4.83
N ASP A 39 -11.31 -7.00 -5.07
CA ASP A 39 -11.89 -6.90 -6.42
C ASP A 39 -12.44 -5.50 -6.73
N ASN A 40 -12.34 -4.62 -5.76
CA ASN A 40 -12.78 -3.23 -5.90
C ASN A 40 -11.57 -2.30 -5.76
N ILE A 41 -10.64 -2.38 -6.72
CA ILE A 41 -9.40 -1.60 -6.70
C ILE A 41 -9.07 -1.07 -8.09
N ASN A 42 -8.45 0.12 -8.12
CA ASN A 42 -7.99 0.75 -9.37
C ASN A 42 -6.82 1.70 -9.09
N GLN A 43 -6.29 2.30 -10.15
CA GLN A 43 -5.14 3.22 -10.05
C GLN A 43 -5.44 4.40 -9.11
N SER A 44 -6.67 4.90 -9.15
CA SER A 44 -7.10 6.03 -8.32
C SER A 44 -7.12 5.64 -6.83
N LYS A 45 -7.57 4.43 -6.52
CA LYS A 45 -7.60 3.92 -5.15
C LYS A 45 -6.19 3.82 -4.56
N VAL A 46 -5.25 3.38 -5.40
CA VAL A 46 -3.84 3.22 -5.03
C VAL A 46 -3.13 4.57 -4.89
N SER A 47 -3.30 5.46 -5.88
CA SER A 47 -2.70 6.80 -5.83
C SER A 47 -3.26 7.62 -4.65
N ARG A 48 -4.54 7.40 -4.33
CA ARG A 48 -5.19 8.07 -3.21
C ARG A 48 -4.58 7.63 -1.86
N MET A 49 -4.45 6.31 -1.68
CA MET A 49 -3.87 5.75 -0.45
C MET A 49 -2.38 6.12 -0.32
N LEU A 50 -1.65 6.19 -1.45
CA LEU A 50 -0.23 6.59 -1.43
C LEU A 50 -0.08 8.04 -0.92
N THR A 51 -0.92 8.93 -1.43
CA THR A 51 -0.91 10.35 -1.02
C THR A 51 -1.46 10.51 0.41
N LYS A 52 -2.42 9.67 0.78
CA LYS A 52 -3.03 9.69 2.11
C LYS A 52 -2.07 9.19 3.18
N PHE A 53 -1.56 7.97 3.01
CA PHE A 53 -0.63 7.35 3.97
C PHE A 53 0.76 8.02 3.95
N GLY A 54 1.08 8.71 2.85
CA GLY A 54 2.37 9.40 2.75
C GLY A 54 3.53 8.47 2.47
N ALA A 55 3.49 7.84 1.30
CA ALA A 55 4.54 6.90 0.89
C ALA A 55 5.78 7.62 0.36
N VAL A 56 6.95 7.01 0.58
CA VAL A 56 8.23 7.56 0.14
C VAL A 56 8.92 6.65 -0.86
N ARG A 57 9.50 7.23 -1.92
CA ARG A 57 10.22 6.47 -2.94
C ARG A 57 11.70 6.35 -2.55
N THR A 58 12.20 5.13 -2.47
CA THR A 58 13.60 4.89 -2.07
C THR A 58 14.09 3.53 -2.55
N ARG A 59 15.36 3.22 -2.28
CA ARG A 59 15.94 1.93 -2.66
C ARG A 59 15.70 0.89 -1.56
N ASN A 60 15.55 -0.37 -1.97
CA ASN A 60 15.36 -1.48 -1.03
C ASN A 60 16.72 -2.11 -0.65
N ALA A 61 16.68 -3.33 -0.11
CA ALA A 61 17.88 -4.05 0.32
C ALA A 61 18.82 -4.43 -0.85
N LYS A 62 18.41 -4.17 -2.10
CA LYS A 62 19.23 -4.47 -3.28
C LYS A 62 19.32 -3.27 -4.23
N MET A 63 19.16 -2.05 -3.69
CA MET A 63 19.30 -0.82 -4.49
C MET A 63 18.19 -0.62 -5.53
N GLU A 64 17.11 -1.42 -5.44
CA GLU A 64 15.98 -1.30 -6.37
C GLU A 64 15.07 -0.14 -5.94
N MET A 65 14.91 0.85 -6.81
CA MET A 65 14.08 2.03 -6.52
C MET A 65 12.60 1.66 -6.48
N VAL A 66 12.00 1.68 -5.28
CA VAL A 66 10.61 1.30 -5.08
C VAL A 66 9.90 2.18 -4.05
N TYR A 67 8.60 1.93 -3.88
CA TYR A 67 7.78 2.63 -2.90
C TYR A 67 7.93 2.00 -1.52
N CYS A 68 7.90 2.84 -0.49
CA CYS A 68 7.97 2.39 0.90
C CYS A 68 7.17 3.33 1.79
N LEU A 69 7.05 2.98 3.06
CA LEU A 69 6.31 3.78 4.03
C LEU A 69 7.22 4.19 5.19
N PRO A 70 7.19 5.48 5.60
CA PRO A 70 7.94 5.93 6.78
C PRO A 70 7.15 5.64 8.05
N ALA A 71 7.50 6.28 9.15
CA ALA A 71 6.73 6.13 10.39
C ALA A 71 5.30 6.62 10.16
N GLU A 72 4.34 5.67 10.16
CA GLU A 72 2.91 5.96 9.85
C GLU A 72 2.47 7.36 10.28
N LEU A 73 2.25 8.21 9.28
CA LEU A 73 1.89 9.63 9.50
C LEU A 73 0.53 9.78 10.21
N GLY A 74 -0.26 8.70 10.23
CA GLY A 74 -1.54 8.69 10.92
C GLY A 74 -1.40 8.10 12.31
N VAL A 75 -1.27 8.98 13.32
CA VAL A 75 -1.08 8.58 14.72
C VAL A 75 -2.13 7.55 15.19
N PRO A 76 -1.72 6.55 16.01
CA PRO A 76 -2.60 5.47 16.50
C PRO A 76 -3.87 5.97 17.20
N THR A 77 -5.01 5.47 16.75
CA THR A 77 -6.31 5.80 17.35
C THR A 77 -7.34 4.73 16.92
N THR A 78 -7.01 3.48 17.21
CA THR A 78 -7.84 2.33 16.85
C THR A 78 -7.85 1.28 17.96
N MET A 1 -11.77 -1.17 16.39
CA MET A 1 -12.09 -2.61 16.60
C MET A 1 -13.28 -3.05 15.74
N ARG A 2 -13.58 -4.36 15.77
CA ARG A 2 -14.69 -4.95 15.01
C ARG A 2 -14.48 -4.75 13.49
N SER A 3 -13.40 -5.33 12.98
CA SER A 3 -13.05 -5.23 11.55
C SER A 3 -13.06 -6.61 10.88
N SER A 4 -14.26 -7.13 10.62
CA SER A 4 -14.44 -8.43 9.96
C SER A 4 -15.30 -8.25 8.71
N ALA A 5 -14.66 -8.35 7.53
CA ALA A 5 -15.31 -8.14 6.23
C ALA A 5 -15.48 -6.64 5.93
N LYS A 6 -14.60 -5.81 6.52
CA LYS A 6 -14.58 -4.37 6.29
C LYS A 6 -13.37 -4.00 5.43
N GLN A 7 -13.36 -2.77 4.90
CA GLN A 7 -12.28 -2.33 4.01
C GLN A 7 -10.95 -2.04 4.76
N GLU A 8 -10.89 -2.37 6.05
CA GLU A 8 -9.67 -2.21 6.84
C GLU A 8 -8.60 -3.25 6.44
N GLU A 9 -8.96 -4.19 5.58
CA GLU A 9 -8.03 -5.23 5.13
C GLU A 9 -7.16 -4.71 4.00
N LEU A 10 -7.78 -3.97 3.09
CA LEU A 10 -7.07 -3.30 1.99
C LEU A 10 -6.10 -2.25 2.55
N VAL A 11 -6.49 -1.61 3.66
CA VAL A 11 -5.66 -0.57 4.30
C VAL A 11 -4.44 -1.18 5.01
N LYS A 12 -4.63 -2.21 5.86
CA LYS A 12 -3.48 -2.88 6.53
C LYS A 12 -2.53 -3.48 5.48
N ALA A 13 -3.14 -4.15 4.51
CA ALA A 13 -2.40 -4.75 3.39
C ALA A 13 -1.63 -3.71 2.59
N PHE A 14 -2.24 -2.53 2.39
CA PHE A 14 -1.60 -1.42 1.63
C PHE A 14 -0.27 -1.01 2.26
N LYS A 15 -0.27 -0.77 3.59
CA LYS A 15 0.95 -0.39 4.31
C LYS A 15 2.02 -1.49 4.20
N ALA A 16 1.59 -2.74 4.35
CA ALA A 16 2.49 -3.91 4.28
C ALA A 16 3.16 -4.04 2.90
N LEU A 17 2.37 -3.91 1.82
CA LEU A 17 2.90 -3.98 0.44
C LEU A 17 4.02 -2.98 0.22
N LEU A 18 3.80 -1.75 0.67
CA LEU A 18 4.80 -0.68 0.54
C LEU A 18 6.04 -0.98 1.40
N LYS A 19 5.81 -1.20 2.70
CA LYS A 19 6.88 -1.46 3.66
C LYS A 19 7.79 -2.66 3.28
N GLU A 20 7.24 -3.63 2.54
CA GLU A 20 8.00 -4.79 2.10
C GLU A 20 9.04 -4.43 1.02
N GLU A 21 8.90 -3.25 0.40
CA GLU A 21 9.83 -2.78 -0.65
C GLU A 21 9.78 -3.70 -1.87
N LYS A 22 8.77 -3.49 -2.72
CA LYS A 22 8.55 -4.33 -3.91
C LYS A 22 8.13 -3.49 -5.10
N PHE A 23 7.06 -2.74 -4.91
CA PHE A 23 6.39 -2.00 -5.96
C PHE A 23 7.03 -0.65 -6.22
N SER A 24 7.30 -0.39 -7.50
CA SER A 24 7.93 0.86 -7.93
C SER A 24 6.91 1.88 -8.47
N SER A 25 5.66 1.45 -8.69
CA SER A 25 4.62 2.36 -9.17
C SER A 25 3.25 2.04 -8.55
N GLN A 26 2.41 3.07 -8.50
CA GLN A 26 1.04 2.97 -7.97
C GLN A 26 0.19 1.99 -8.79
N GLY A 27 0.62 1.68 -10.02
CA GLY A 27 -0.08 0.70 -10.85
C GLY A 27 0.26 -0.74 -10.44
N GLU A 28 1.55 -0.99 -10.17
CA GLU A 28 2.02 -2.32 -9.76
C GLU A 28 1.32 -2.78 -8.46
N ILE A 29 1.13 -1.88 -7.50
CA ILE A 29 0.46 -2.22 -6.23
C ILE A 29 -1.06 -2.43 -6.42
N VAL A 30 -1.63 -1.87 -7.52
CA VAL A 30 -3.04 -2.11 -7.86
C VAL A 30 -3.23 -3.59 -8.21
N ALA A 31 -2.39 -4.07 -9.14
CA ALA A 31 -2.41 -5.46 -9.58
C ALA A 31 -2.11 -6.43 -8.42
N ALA A 32 -1.21 -6.01 -7.53
CA ALA A 32 -0.81 -6.82 -6.36
C ALA A 32 -1.98 -7.11 -5.42
N LEU A 33 -2.76 -6.06 -5.08
CA LEU A 33 -3.91 -6.23 -4.18
C LEU A 33 -5.03 -7.05 -4.87
N GLN A 34 -5.13 -6.93 -6.20
CA GLN A 34 -6.10 -7.73 -6.96
C GLN A 34 -5.77 -9.23 -6.84
N GLU A 35 -4.47 -9.57 -6.82
CA GLU A 35 -4.01 -10.96 -6.62
C GLU A 35 -4.28 -11.42 -5.18
N GLN A 36 -4.16 -10.49 -4.22
CA GLN A 36 -4.39 -10.79 -2.79
C GLN A 36 -5.85 -11.17 -2.50
N GLY A 37 -6.79 -10.34 -2.98
CA GLY A 37 -8.21 -10.61 -2.75
C GLY A 37 -9.07 -9.37 -2.71
N PHE A 38 -8.69 -8.34 -3.47
CA PHE A 38 -9.44 -7.07 -3.50
C PHE A 38 -9.90 -6.76 -4.92
N ASP A 39 -11.22 -6.84 -5.13
CA ASP A 39 -11.84 -6.62 -6.45
C ASP A 39 -12.45 -5.22 -6.58
N ASN A 40 -12.07 -4.32 -5.66
CA ASN A 40 -12.52 -2.93 -5.68
C ASN A 40 -11.30 -2.01 -5.54
N ILE A 41 -10.39 -2.11 -6.49
CA ILE A 41 -9.13 -1.37 -6.47
C ILE A 41 -8.69 -1.00 -7.89
N ASN A 42 -8.29 0.26 -8.05
CA ASN A 42 -7.77 0.77 -9.33
C ASN A 42 -6.64 1.77 -9.07
N GLN A 43 -6.04 2.30 -10.14
CA GLN A 43 -4.93 3.27 -10.01
C GLN A 43 -5.32 4.48 -9.16
N SER A 44 -6.59 4.90 -9.24
CA SER A 44 -7.09 6.03 -8.46
C SER A 44 -7.16 5.70 -6.96
N LYS A 45 -7.63 4.49 -6.63
CA LYS A 45 -7.72 4.01 -5.24
C LYS A 45 -6.32 3.93 -4.60
N VAL A 46 -5.36 3.46 -5.40
CA VAL A 46 -3.97 3.29 -4.96
C VAL A 46 -3.23 4.64 -4.90
N SER A 47 -3.41 5.49 -5.91
CA SER A 47 -2.78 6.83 -5.90
C SER A 47 -3.35 7.71 -4.78
N ARG A 48 -4.64 7.51 -4.46
CA ARG A 48 -5.29 8.22 -3.35
C ARG A 48 -4.69 7.77 -2.01
N MET A 49 -4.48 6.45 -1.88
CA MET A 49 -3.89 5.87 -0.67
C MET A 49 -2.40 6.22 -0.54
N LEU A 50 -1.68 6.30 -1.67
CA LEU A 50 -0.25 6.70 -1.65
C LEU A 50 -0.11 8.14 -1.11
N THR A 51 -1.02 9.02 -1.51
CA THR A 51 -1.03 10.41 -1.06
C THR A 51 -1.55 10.52 0.40
N LYS A 52 -2.51 9.67 0.76
CA LYS A 52 -3.09 9.66 2.11
C LYS A 52 -2.10 9.10 3.15
N PHE A 53 -1.53 7.93 2.87
CA PHE A 53 -0.59 7.28 3.78
C PHE A 53 0.80 7.94 3.75
N GLY A 54 1.15 8.58 2.63
CA GLY A 54 2.44 9.24 2.50
C GLY A 54 3.56 8.27 2.19
N ALA A 55 3.50 7.68 0.99
CA ALA A 55 4.49 6.70 0.55
C ALA A 55 5.77 7.36 0.06
N VAL A 56 6.90 6.92 0.61
CA VAL A 56 8.23 7.39 0.21
C VAL A 56 8.86 6.38 -0.75
N ARG A 57 10.02 6.72 -1.32
CA ARG A 57 10.70 5.81 -2.25
C ARG A 57 12.14 5.54 -1.80
N THR A 58 12.62 4.34 -2.10
CA THR A 58 13.99 3.93 -1.73
C THR A 58 14.47 2.79 -2.63
N ARG A 59 15.79 2.54 -2.60
CA ARG A 59 16.40 1.47 -3.39
C ARG A 59 16.04 0.10 -2.80
N ASN A 60 15.55 -0.81 -3.65
CA ASN A 60 15.17 -2.16 -3.21
C ASN A 60 16.39 -3.10 -3.17
N ALA A 61 16.15 -4.40 -3.30
CA ALA A 61 17.22 -5.41 -3.29
C ALA A 61 18.11 -5.35 -4.55
N LYS A 62 17.62 -4.73 -5.63
CA LYS A 62 18.37 -4.65 -6.88
C LYS A 62 18.39 -3.24 -7.49
N MET A 63 18.67 -2.24 -6.66
CA MET A 63 18.86 -0.84 -7.13
C MET A 63 17.58 -0.17 -7.69
N GLU A 64 16.43 -0.85 -7.66
CA GLU A 64 15.18 -0.25 -8.18
C GLU A 64 14.54 0.63 -7.11
N MET A 65 14.17 1.86 -7.50
CA MET A 65 13.54 2.82 -6.58
C MET A 65 12.07 2.45 -6.35
N VAL A 66 11.82 1.63 -5.33
CA VAL A 66 10.45 1.19 -5.00
C VAL A 66 9.84 2.01 -3.86
N TYR A 67 8.52 1.92 -3.77
CA TYR A 67 7.73 2.61 -2.74
C TYR A 67 7.88 1.91 -1.38
N CYS A 68 7.91 2.73 -0.33
CA CYS A 68 8.01 2.26 1.05
C CYS A 68 7.24 3.20 1.97
N LEU A 69 7.20 2.86 3.25
CA LEU A 69 6.49 3.66 4.25
C LEU A 69 7.45 4.09 5.36
N PRO A 70 7.28 5.31 5.92
CA PRO A 70 8.11 5.79 7.04
C PRO A 70 7.87 4.99 8.33
N ALA A 71 8.22 5.58 9.46
CA ALA A 71 8.01 4.94 10.77
C ALA A 71 6.52 4.61 10.97
N GLU A 72 6.26 3.43 11.57
CA GLU A 72 4.88 2.94 11.80
C GLU A 72 3.97 4.03 12.40
N LEU A 73 3.11 4.57 11.54
CA LEU A 73 2.20 5.67 11.93
C LEU A 73 0.94 5.14 12.61
N GLY A 74 1.12 4.23 13.58
CA GLY A 74 0.00 3.67 14.33
C GLY A 74 0.00 4.12 15.77
N VAL A 75 0.23 5.42 15.97
CA VAL A 75 0.27 6.02 17.31
C VAL A 75 -0.76 7.15 17.43
N PRO A 76 -1.09 7.59 18.68
CA PRO A 76 -2.06 8.68 18.90
C PRO A 76 -1.51 10.04 18.43
N THR A 77 -2.10 10.57 17.36
CA THR A 77 -1.66 11.84 16.79
C THR A 77 -2.79 12.49 15.99
N THR A 78 -2.56 13.74 15.55
CA THR A 78 -3.54 14.51 14.79
C THR A 78 -2.94 14.99 13.46
N MET A 1 -17.43 -13.09 16.43
CA MET A 1 -17.06 -12.49 15.11
C MET A 1 -18.26 -11.77 14.50
N ARG A 2 -17.99 -10.69 13.76
CA ARG A 2 -19.04 -9.89 13.12
C ARG A 2 -18.60 -9.46 11.71
N SER A 3 -18.75 -10.37 10.75
CA SER A 3 -18.39 -10.12 9.34
C SER A 3 -16.89 -9.91 9.16
N SER A 4 -16.16 -11.01 8.92
CA SER A 4 -14.70 -10.94 8.71
C SER A 4 -14.39 -10.50 7.27
N ALA A 5 -14.80 -9.26 6.94
CA ALA A 5 -14.58 -8.68 5.63
C ALA A 5 -14.60 -7.15 5.74
N LYS A 6 -13.70 -6.61 6.55
CA LYS A 6 -13.57 -5.17 6.75
C LYS A 6 -12.69 -4.57 5.65
N GLN A 7 -12.88 -3.29 5.34
CA GLN A 7 -12.03 -2.61 4.36
C GLN A 7 -10.68 -2.22 4.98
N GLU A 8 -10.55 -2.40 6.31
CA GLU A 8 -9.29 -2.17 7.01
C GLU A 8 -8.24 -3.23 6.63
N GLU A 9 -8.67 -4.18 5.79
CA GLU A 9 -7.81 -5.25 5.29
C GLU A 9 -7.08 -4.77 4.04
N LEU A 10 -7.80 -4.00 3.22
CA LEU A 10 -7.23 -3.36 2.03
C LEU A 10 -6.20 -2.32 2.45
N VAL A 11 -6.48 -1.64 3.57
CA VAL A 11 -5.54 -0.66 4.14
C VAL A 11 -4.31 -1.37 4.69
N LYS A 12 -4.50 -2.30 5.64
CA LYS A 12 -3.41 -3.08 6.24
C LYS A 12 -2.54 -3.77 5.18
N ALA A 13 -3.19 -4.25 4.10
CA ALA A 13 -2.49 -4.85 2.97
C ALA A 13 -1.65 -3.81 2.24
N PHE A 14 -2.25 -2.63 2.00
CA PHE A 14 -1.59 -1.50 1.35
C PHE A 14 -0.27 -1.14 2.07
N LYS A 15 -0.35 -0.90 3.38
CA LYS A 15 0.83 -0.56 4.20
C LYS A 15 1.94 -1.62 4.06
N ALA A 16 1.54 -2.89 4.18
CA ALA A 16 2.47 -4.03 4.10
C ALA A 16 3.17 -4.10 2.74
N LEU A 17 2.39 -4.01 1.65
CA LEU A 17 2.94 -4.05 0.27
C LEU A 17 4.04 -3.01 0.08
N LEU A 18 3.81 -1.80 0.56
CA LEU A 18 4.80 -0.71 0.44
C LEU A 18 6.02 -0.97 1.33
N LYS A 19 5.77 -1.26 2.61
CA LYS A 19 6.84 -1.48 3.58
C LYS A 19 7.75 -2.68 3.22
N GLU A 20 7.27 -3.56 2.34
CA GLU A 20 8.07 -4.69 1.86
C GLU A 20 9.21 -4.24 0.92
N GLU A 21 9.07 -3.03 0.35
CA GLU A 21 10.03 -2.50 -0.62
C GLU A 21 10.09 -3.41 -1.85
N LYS A 22 9.02 -3.34 -2.66
CA LYS A 22 8.84 -4.23 -3.81
C LYS A 22 8.32 -3.46 -5.04
N PHE A 23 7.21 -2.75 -4.84
CA PHE A 23 6.53 -2.02 -5.92
C PHE A 23 7.07 -0.61 -6.09
N SER A 24 7.35 -0.22 -7.32
CA SER A 24 7.89 1.11 -7.64
C SER A 24 6.80 2.07 -8.15
N SER A 25 5.76 1.51 -8.77
CA SER A 25 4.67 2.31 -9.31
C SER A 25 3.31 1.87 -8.72
N GLN A 26 2.31 2.73 -8.84
CA GLN A 26 0.96 2.48 -8.33
C GLN A 26 0.33 1.25 -9.00
N GLY A 27 0.30 1.25 -10.33
CA GLY A 27 -0.29 0.13 -11.10
C GLY A 27 0.16 -1.26 -10.67
N GLU A 28 1.43 -1.38 -10.24
CA GLU A 28 1.98 -2.66 -9.77
C GLU A 28 1.29 -3.13 -8.48
N ILE A 29 1.09 -2.21 -7.53
CA ILE A 29 0.41 -2.53 -6.27
C ILE A 29 -1.12 -2.64 -6.47
N VAL A 30 -1.64 -2.02 -7.54
CA VAL A 30 -3.06 -2.16 -7.90
C VAL A 30 -3.38 -3.62 -8.22
N ALA A 31 -2.53 -4.22 -9.07
CA ALA A 31 -2.67 -5.63 -9.46
C ALA A 31 -2.39 -6.56 -8.27
N ALA A 32 -1.34 -6.26 -7.50
CA ALA A 32 -0.94 -7.06 -6.33
C ALA A 32 -2.10 -7.31 -5.37
N LEU A 33 -2.86 -6.25 -5.04
CA LEU A 33 -4.00 -6.37 -4.12
C LEU A 33 -5.16 -7.17 -4.76
N GLN A 34 -5.26 -7.12 -6.09
CA GLN A 34 -6.29 -7.90 -6.80
C GLN A 34 -5.96 -9.40 -6.75
N GLU A 35 -4.67 -9.73 -6.64
CA GLU A 35 -4.23 -11.12 -6.46
C GLU A 35 -4.39 -11.56 -5.00
N GLN A 36 -4.26 -10.60 -4.07
CA GLN A 36 -4.39 -10.85 -2.63
C GLN A 36 -5.80 -11.29 -2.24
N GLY A 37 -6.78 -10.41 -2.47
CA GLY A 37 -8.16 -10.72 -2.12
C GLY A 37 -9.06 -9.50 -2.10
N PHE A 38 -8.75 -8.52 -2.93
CA PHE A 38 -9.52 -7.27 -3.03
C PHE A 38 -10.08 -7.12 -4.45
N ASP A 39 -11.34 -6.68 -4.55
CA ASP A 39 -12.02 -6.56 -5.83
C ASP A 39 -12.73 -5.21 -5.95
N ASN A 40 -12.45 -4.56 -7.06
CA ASN A 40 -13.02 -3.26 -7.45
C ASN A 40 -12.09 -2.12 -7.04
N ILE A 41 -10.82 -2.24 -7.42
CA ILE A 41 -9.79 -1.23 -7.14
C ILE A 41 -9.21 -0.69 -8.44
N ASN A 42 -8.56 0.47 -8.37
CA ASN A 42 -7.97 1.12 -9.55
C ASN A 42 -6.75 1.97 -9.16
N GLN A 43 -6.05 2.48 -10.18
CA GLN A 43 -4.84 3.31 -9.98
C GLN A 43 -5.13 4.61 -9.19
N SER A 44 -6.33 5.17 -9.37
CA SER A 44 -6.75 6.38 -8.66
C SER A 44 -6.85 6.13 -7.14
N LYS A 45 -7.35 4.95 -6.77
CA LYS A 45 -7.44 4.55 -5.36
C LYS A 45 -6.05 4.34 -4.76
N VAL A 46 -5.15 3.77 -5.56
CA VAL A 46 -3.76 3.49 -5.14
C VAL A 46 -2.93 4.78 -5.02
N SER A 47 -3.11 5.71 -5.96
CA SER A 47 -2.42 7.01 -5.91
C SER A 47 -2.94 7.86 -4.74
N ARG A 48 -4.26 7.74 -4.47
CA ARG A 48 -4.88 8.45 -3.34
C ARG A 48 -4.38 7.89 -2.01
N MET A 49 -4.31 6.56 -1.92
CA MET A 49 -3.81 5.87 -0.73
C MET A 49 -2.33 6.18 -0.48
N LEU A 50 -1.54 6.28 -1.55
CA LEU A 50 -0.11 6.62 -1.44
C LEU A 50 0.08 8.01 -0.81
N THR A 51 -0.70 8.98 -1.29
CA THR A 51 -0.65 10.35 -0.76
C THR A 51 -1.22 10.41 0.66
N LYS A 52 -2.38 9.75 0.86
CA LYS A 52 -3.05 9.69 2.17
C LYS A 52 -2.16 9.08 3.26
N PHE A 53 -1.64 7.88 2.99
CA PHE A 53 -0.78 7.17 3.95
C PHE A 53 0.63 7.77 4.04
N GLY A 54 0.91 8.82 3.25
CA GLY A 54 2.23 9.49 3.29
C GLY A 54 3.37 8.59 2.84
N ALA A 55 3.22 7.99 1.65
CA ALA A 55 4.22 7.07 1.11
C ALA A 55 5.46 7.81 0.58
N VAL A 56 6.60 7.12 0.64
CA VAL A 56 7.88 7.65 0.19
C VAL A 56 8.50 6.68 -0.84
N ARG A 57 9.58 7.10 -1.49
CA ARG A 57 10.31 6.22 -2.40
C ARG A 57 11.71 5.99 -1.87
N THR A 58 12.05 4.72 -1.66
CA THR A 58 13.33 4.34 -1.07
C THR A 58 13.94 3.15 -1.82
N ARG A 59 15.26 3.00 -1.70
CA ARG A 59 15.98 1.90 -2.34
C ARG A 59 15.81 0.60 -1.53
N ASN A 60 15.40 -0.47 -2.22
CA ASN A 60 15.18 -1.77 -1.56
C ASN A 60 16.48 -2.59 -1.47
N ALA A 61 16.35 -3.86 -1.06
CA ALA A 61 17.49 -4.77 -0.90
C ALA A 61 18.23 -5.01 -2.24
N LYS A 62 17.54 -4.80 -3.35
CA LYS A 62 18.13 -4.96 -4.68
C LYS A 62 18.56 -3.62 -5.27
N MET A 63 18.87 -2.65 -4.40
CA MET A 63 19.29 -1.30 -4.79
C MET A 63 18.41 -0.68 -5.89
N GLU A 64 17.10 -0.91 -5.80
CA GLU A 64 16.15 -0.33 -6.75
C GLU A 64 15.16 0.57 -6.01
N MET A 65 14.93 1.76 -6.57
CA MET A 65 14.00 2.72 -5.97
C MET A 65 12.56 2.22 -6.10
N VAL A 66 11.90 2.01 -4.95
CA VAL A 66 10.53 1.53 -4.90
C VAL A 66 9.72 2.33 -3.87
N TYR A 67 8.40 2.14 -3.90
CA TYR A 67 7.50 2.77 -2.93
C TYR A 67 7.63 2.10 -1.57
N CYS A 68 7.79 2.92 -0.54
CA CYS A 68 7.93 2.44 0.82
C CYS A 68 7.15 3.35 1.77
N LEU A 69 7.00 2.89 3.01
CA LEU A 69 6.30 3.65 4.04
C LEU A 69 7.26 4.02 5.16
N PRO A 70 7.16 5.25 5.73
CA PRO A 70 7.98 5.67 6.87
C PRO A 70 7.57 4.93 8.14
N ALA A 71 7.75 5.60 9.27
CA ALA A 71 7.24 5.11 10.55
C ALA A 71 5.71 5.02 10.47
N GLU A 72 5.15 3.85 10.80
CA GLU A 72 3.70 3.57 10.66
C GLU A 72 2.81 4.76 11.05
N LEU A 73 1.90 5.11 10.14
CA LEU A 73 0.99 6.25 10.31
C LEU A 73 -0.46 5.77 10.49
N GLY A 74 -0.84 5.44 11.73
CA GLY A 74 -2.19 4.99 12.01
C GLY A 74 -2.39 3.49 11.77
N VAL A 75 -2.96 2.81 12.76
CA VAL A 75 -3.23 1.37 12.68
C VAL A 75 -4.75 1.12 12.49
N PRO A 76 -5.17 -0.15 12.23
CA PRO A 76 -6.60 -0.50 12.01
C PRO A 76 -7.45 -0.44 13.29
N THR A 77 -7.06 0.40 14.25
CA THR A 77 -7.80 0.57 15.49
C THR A 77 -7.28 1.82 16.23
N THR A 78 -7.98 2.22 17.30
CA THR A 78 -7.60 3.40 18.09
C THR A 78 -7.11 2.98 19.48
N MET A 1 -18.02 -13.26 10.53
CA MET A 1 -16.54 -13.27 10.68
C MET A 1 -15.94 -11.89 10.42
N ARG A 2 -16.07 -11.40 9.18
CA ARG A 2 -15.52 -10.09 8.78
C ARG A 2 -16.60 -8.99 8.83
N SER A 3 -17.01 -8.63 10.04
CA SER A 3 -18.01 -7.57 10.26
C SER A 3 -17.35 -6.32 10.85
N SER A 4 -16.55 -6.51 11.90
CA SER A 4 -15.84 -5.40 12.56
C SER A 4 -14.53 -5.05 11.82
N ALA A 5 -14.64 -4.83 10.52
CA ALA A 5 -13.51 -4.47 9.66
C ALA A 5 -14.02 -3.81 8.38
N LYS A 6 -14.39 -2.53 8.48
CA LYS A 6 -14.92 -1.79 7.34
C LYS A 6 -13.78 -1.32 6.42
N GLN A 7 -13.39 -2.22 5.52
CA GLN A 7 -12.33 -1.98 4.53
C GLN A 7 -10.95 -1.76 5.16
N GLU A 8 -10.75 -2.30 6.36
CA GLU A 8 -9.45 -2.21 7.06
C GLU A 8 -8.45 -3.27 6.56
N GLU A 9 -8.92 -4.20 5.73
CA GLU A 9 -8.06 -5.28 5.21
C GLU A 9 -7.26 -4.78 4.01
N LEU A 10 -7.92 -4.03 3.13
CA LEU A 10 -7.27 -3.40 1.98
C LEU A 10 -6.17 -2.45 2.45
N VAL A 11 -6.39 -1.83 3.61
CA VAL A 11 -5.41 -0.91 4.19
C VAL A 11 -4.21 -1.67 4.78
N LYS A 12 -4.45 -2.66 5.66
CA LYS A 12 -3.34 -3.47 6.25
C LYS A 12 -2.46 -4.04 5.14
N ALA A 13 -3.11 -4.52 4.10
CA ALA A 13 -2.44 -5.07 2.91
C ALA A 13 -1.61 -3.99 2.20
N PHE A 14 -2.24 -2.84 1.94
CA PHE A 14 -1.58 -1.69 1.27
C PHE A 14 -0.27 -1.31 1.99
N LYS A 15 -0.39 -0.94 3.27
CA LYS A 15 0.77 -0.59 4.12
C LYS A 15 1.88 -1.65 4.05
N ALA A 16 1.49 -2.91 4.13
CA ALA A 16 2.43 -4.05 4.08
C ALA A 16 3.19 -4.10 2.74
N LEU A 17 2.45 -4.00 1.62
CA LEU A 17 3.06 -4.04 0.27
C LEU A 17 4.16 -2.99 0.12
N LEU A 18 3.89 -1.78 0.61
CA LEU A 18 4.87 -0.69 0.55
C LEU A 18 6.06 -0.96 1.48
N LYS A 19 5.76 -1.33 2.73
CA LYS A 19 6.79 -1.58 3.74
C LYS A 19 7.70 -2.77 3.38
N GLU A 20 7.26 -3.62 2.43
CA GLU A 20 8.08 -4.73 1.93
C GLU A 20 9.21 -4.24 1.01
N GLU A 21 9.03 -3.04 0.43
CA GLU A 21 10.01 -2.43 -0.50
C GLU A 21 10.13 -3.29 -1.77
N LYS A 22 9.04 -3.31 -2.55
CA LYS A 22 8.95 -4.16 -3.74
C LYS A 22 8.46 -3.35 -4.96
N PHE A 23 7.33 -2.68 -4.80
CA PHE A 23 6.67 -1.94 -5.89
C PHE A 23 7.26 -0.55 -6.09
N SER A 24 7.51 -0.20 -7.35
CA SER A 24 8.08 1.11 -7.70
C SER A 24 7.03 2.08 -8.24
N SER A 25 5.93 1.55 -8.77
CA SER A 25 4.84 2.37 -9.31
C SER A 25 3.49 1.93 -8.74
N GLN A 26 2.49 2.79 -8.91
CA GLN A 26 1.12 2.54 -8.43
C GLN A 26 0.51 1.29 -9.08
N GLY A 27 0.42 1.30 -10.41
CA GLY A 27 -0.14 0.19 -11.20
C GLY A 27 0.24 -1.21 -10.72
N GLU A 28 1.50 -1.39 -10.29
CA GLU A 28 1.98 -2.68 -9.80
C GLU A 28 1.29 -3.11 -8.50
N ILE A 29 1.18 -2.19 -7.53
CA ILE A 29 0.53 -2.49 -6.24
C ILE A 29 -1.01 -2.56 -6.39
N VAL A 30 -1.53 -1.98 -7.50
CA VAL A 30 -2.96 -2.10 -7.84
C VAL A 30 -3.29 -3.56 -8.16
N ALA A 31 -2.50 -4.15 -9.06
CA ALA A 31 -2.64 -5.55 -9.45
C ALA A 31 -2.30 -6.49 -8.29
N ALA A 32 -1.40 -6.05 -7.41
CA ALA A 32 -0.99 -6.84 -6.24
C ALA A 32 -2.17 -7.07 -5.28
N LEU A 33 -2.88 -5.99 -4.92
CA LEU A 33 -4.04 -6.11 -4.02
C LEU A 33 -5.23 -6.79 -4.74
N GLN A 34 -5.27 -6.70 -6.07
CA GLN A 34 -6.30 -7.40 -6.85
C GLN A 34 -6.14 -8.92 -6.71
N GLU A 35 -4.88 -9.39 -6.74
CA GLU A 35 -4.57 -10.81 -6.58
C GLU A 35 -4.73 -11.26 -5.11
N GLN A 36 -4.56 -10.31 -4.17
CA GLN A 36 -4.71 -10.57 -2.74
C GLN A 36 -6.16 -10.95 -2.39
N GLY A 37 -7.09 -10.04 -2.70
CA GLY A 37 -8.50 -10.30 -2.44
C GLY A 37 -9.35 -9.04 -2.40
N PHE A 38 -9.00 -8.05 -3.24
CA PHE A 38 -9.75 -6.78 -3.31
C PHE A 38 -10.04 -6.45 -4.77
N ASP A 39 -11.31 -6.54 -5.15
CA ASP A 39 -11.74 -6.34 -6.55
C ASP A 39 -12.18 -4.90 -6.85
N ASN A 40 -12.27 -4.08 -5.81
CA ASN A 40 -12.68 -2.68 -5.96
C ASN A 40 -11.45 -1.75 -5.94
N ILE A 41 -10.33 -2.25 -6.47
CA ILE A 41 -9.07 -1.51 -6.50
C ILE A 41 -8.71 -1.10 -7.93
N ASN A 42 -8.25 0.13 -8.04
CA ASN A 42 -7.80 0.71 -9.32
C ASN A 42 -6.63 1.68 -9.07
N GLN A 43 -6.11 2.27 -10.14
CA GLN A 43 -4.99 3.22 -10.04
C GLN A 43 -5.32 4.40 -9.11
N SER A 44 -6.57 4.87 -9.18
CA SER A 44 -7.03 5.99 -8.35
C SER A 44 -7.02 5.63 -6.85
N LYS A 45 -7.46 4.40 -6.52
CA LYS A 45 -7.46 3.91 -5.13
C LYS A 45 -6.03 3.82 -4.56
N VAL A 46 -5.10 3.38 -5.41
CA VAL A 46 -3.68 3.23 -5.06
C VAL A 46 -2.99 4.60 -4.95
N SER A 47 -3.34 5.52 -5.84
CA SER A 47 -2.81 6.90 -5.80
C SER A 47 -3.38 7.66 -4.59
N ARG A 48 -4.65 7.40 -4.27
CA ARG A 48 -5.31 8.04 -3.13
C ARG A 48 -4.68 7.60 -1.81
N MET A 49 -4.48 6.29 -1.64
CA MET A 49 -3.84 5.75 -0.44
C MET A 49 -2.37 6.18 -0.34
N LEU A 50 -1.70 6.31 -1.50
CA LEU A 50 -0.30 6.77 -1.53
C LEU A 50 -0.18 8.20 -0.99
N THR A 51 -1.03 9.09 -1.48
CA THR A 51 -1.05 10.50 -1.05
C THR A 51 -1.58 10.64 0.39
N LYS A 52 -2.63 9.87 0.72
CA LYS A 52 -3.24 9.86 2.05
C LYS A 52 -2.25 9.43 3.14
N PHE A 53 -1.65 8.26 2.94
CA PHE A 53 -0.68 7.70 3.90
C PHE A 53 0.66 8.45 3.85
N GLY A 54 1.05 8.90 2.66
CA GLY A 54 2.32 9.62 2.51
C GLY A 54 3.50 8.69 2.34
N ALA A 55 3.47 7.89 1.26
CA ALA A 55 4.54 6.95 0.97
C ALA A 55 5.74 7.63 0.30
N VAL A 56 6.93 7.17 0.68
CA VAL A 56 8.19 7.70 0.13
C VAL A 56 8.85 6.67 -0.81
N ARG A 57 9.76 7.13 -1.68
CA ARG A 57 10.47 6.24 -2.60
C ARG A 57 11.95 6.20 -2.26
N THR A 58 12.53 5.01 -2.26
CA THR A 58 13.97 4.85 -1.95
C THR A 58 14.52 3.51 -2.44
N ARG A 59 15.79 3.24 -2.10
CA ARG A 59 16.47 2.01 -2.47
C ARG A 59 16.07 0.86 -1.53
N ASN A 60 15.82 -0.33 -2.08
CA ASN A 60 15.47 -1.51 -1.26
C ASN A 60 16.71 -2.37 -1.01
N ALA A 61 16.50 -3.64 -0.65
CA ALA A 61 17.59 -4.59 -0.35
C ALA A 61 18.55 -4.78 -1.53
N LYS A 62 18.05 -4.60 -2.76
CA LYS A 62 18.89 -4.74 -3.97
C LYS A 62 18.97 -3.45 -4.78
N MET A 63 18.93 -2.31 -4.09
CA MET A 63 19.12 -1.00 -4.71
C MET A 63 18.01 -0.59 -5.71
N GLU A 64 16.85 -1.24 -5.67
CA GLU A 64 15.74 -0.90 -6.57
C GLU A 64 15.00 0.33 -6.04
N MET A 65 14.76 1.30 -6.94
CA MET A 65 14.03 2.52 -6.58
C MET A 65 12.53 2.21 -6.44
N VAL A 66 12.11 1.84 -5.23
CA VAL A 66 10.71 1.44 -4.97
C VAL A 66 10.05 2.27 -3.87
N TYR A 67 8.73 2.10 -3.78
CA TYR A 67 7.91 2.74 -2.76
C TYR A 67 8.13 2.09 -1.40
N CYS A 68 7.97 2.88 -0.35
CA CYS A 68 8.08 2.39 1.03
C CYS A 68 7.37 3.34 1.97
N LEU A 69 7.01 2.82 3.15
CA LEU A 69 6.30 3.62 4.15
C LEU A 69 7.26 4.15 5.21
N PRO A 70 7.15 5.45 5.56
CA PRO A 70 7.97 6.03 6.62
C PRO A 70 7.54 5.52 8.01
N ALA A 71 8.48 5.54 8.94
CA ALA A 71 8.27 5.04 10.31
C ALA A 71 7.00 5.59 10.98
N GLU A 72 5.95 4.75 10.99
CA GLU A 72 4.64 5.07 11.61
C GLU A 72 4.08 6.41 11.11
N LEU A 73 3.57 6.40 9.88
CA LEU A 73 2.96 7.58 9.25
C LEU A 73 1.58 7.22 8.70
N GLY A 74 0.53 7.78 9.30
CA GLY A 74 -0.83 7.50 8.87
C GLY A 74 -1.54 6.51 9.78
N VAL A 75 -2.19 7.01 10.83
CA VAL A 75 -2.92 6.18 11.79
C VAL A 75 -4.43 6.19 11.48
N PRO A 76 -5.20 5.23 12.06
CA PRO A 76 -6.66 5.15 11.84
C PRO A 76 -7.41 6.37 12.38
N THR A 77 -8.48 6.75 11.69
CA THR A 77 -9.31 7.89 12.09
C THR A 77 -10.75 7.71 11.60
N THR A 78 -11.49 8.81 11.49
CA THR A 78 -12.88 8.80 11.04
C THR A 78 -13.13 9.88 9.97
N MET A 1 -16.10 -19.35 11.39
CA MET A 1 -16.79 -18.40 10.48
C MET A 1 -15.98 -17.11 10.32
N ARG A 2 -15.24 -17.02 9.22
CA ARG A 2 -14.45 -15.82 8.91
C ARG A 2 -15.16 -15.03 7.79
N SER A 3 -15.62 -13.83 8.11
CA SER A 3 -16.34 -12.99 7.15
C SER A 3 -16.21 -11.52 7.50
N SER A 4 -15.48 -10.78 6.66
CA SER A 4 -15.28 -9.33 6.84
C SER A 4 -15.90 -8.57 5.66
N ALA A 5 -16.93 -7.76 5.95
CA ALA A 5 -17.62 -6.96 4.93
C ALA A 5 -17.01 -5.57 4.81
N LYS A 6 -16.50 -5.04 5.94
CA LYS A 6 -15.86 -3.72 5.97
C LYS A 6 -14.47 -3.81 5.31
N GLN A 7 -14.25 -2.98 4.28
CA GLN A 7 -12.99 -3.01 3.51
C GLN A 7 -11.82 -2.33 4.26
N GLU A 8 -11.80 -2.44 5.59
CA GLU A 8 -10.69 -1.94 6.40
C GLU A 8 -9.51 -2.92 6.37
N GLU A 9 -9.56 -3.89 5.45
CA GLU A 9 -8.49 -4.86 5.25
C GLU A 9 -7.55 -4.35 4.17
N LEU A 10 -8.14 -3.64 3.19
CA LEU A 10 -7.40 -3.00 2.11
C LEU A 10 -6.26 -2.12 2.65
N VAL A 11 -6.46 -1.59 3.87
CA VAL A 11 -5.44 -0.78 4.53
C VAL A 11 -4.27 -1.64 5.04
N LYS A 12 -4.56 -2.79 5.70
CA LYS A 12 -3.48 -3.67 6.20
C LYS A 12 -2.62 -4.17 5.03
N ALA A 13 -3.30 -4.55 3.94
CA ALA A 13 -2.62 -5.02 2.73
C ALA A 13 -1.79 -3.90 2.08
N PHE A 14 -2.38 -2.71 1.93
CA PHE A 14 -1.70 -1.55 1.34
C PHE A 14 -0.38 -1.24 2.05
N LYS A 15 -0.47 -0.92 3.34
CA LYS A 15 0.68 -0.60 4.19
C LYS A 15 1.75 -1.70 4.16
N ALA A 16 1.31 -2.96 4.20
CA ALA A 16 2.22 -4.12 4.18
C ALA A 16 3.02 -4.21 2.88
N LEU A 17 2.32 -4.08 1.74
CA LEU A 17 2.96 -4.13 0.41
C LEU A 17 4.08 -3.11 0.28
N LEU A 18 3.77 -1.84 0.60
CA LEU A 18 4.76 -0.76 0.51
C LEU A 18 5.98 -1.02 1.39
N LYS A 19 5.73 -1.43 2.63
CA LYS A 19 6.79 -1.70 3.60
C LYS A 19 7.71 -2.87 3.21
N GLU A 20 7.32 -3.67 2.20
CA GLU A 20 8.15 -4.78 1.70
C GLU A 20 9.21 -4.28 0.70
N GLU A 21 8.96 -3.08 0.13
CA GLU A 21 9.89 -2.43 -0.83
C GLU A 21 9.99 -3.18 -2.16
N LYS A 22 8.84 -3.42 -2.81
CA LYS A 22 8.80 -4.07 -4.13
C LYS A 22 7.70 -3.43 -5.01
N PHE A 23 7.55 -2.10 -4.92
CA PHE A 23 6.48 -1.41 -5.61
C PHE A 23 6.91 -0.05 -6.13
N SER A 24 7.35 0.02 -7.39
CA SER A 24 7.83 1.26 -7.99
C SER A 24 6.69 2.18 -8.42
N SER A 25 5.68 1.63 -9.06
CA SER A 25 4.53 2.41 -9.53
C SER A 25 3.25 1.99 -8.81
N GLN A 26 2.23 2.82 -8.92
CA GLN A 26 0.91 2.55 -8.32
C GLN A 26 0.28 1.30 -8.94
N GLY A 27 0.18 1.29 -10.28
CA GLY A 27 -0.38 0.16 -11.03
C GLY A 27 0.11 -1.22 -10.60
N GLU A 28 1.39 -1.31 -10.21
CA GLU A 28 1.97 -2.58 -9.75
C GLU A 28 1.32 -3.07 -8.46
N ILE A 29 1.11 -2.16 -7.50
CA ILE A 29 0.48 -2.51 -6.21
C ILE A 29 -1.04 -2.69 -6.37
N VAL A 30 -1.63 -2.13 -7.45
CA VAL A 30 -3.04 -2.35 -7.77
C VAL A 30 -3.26 -3.83 -8.12
N ALA A 31 -2.42 -4.35 -9.02
CA ALA A 31 -2.47 -5.76 -9.43
C ALA A 31 -2.18 -6.69 -8.25
N ALA A 32 -1.23 -6.31 -7.39
CA ALA A 32 -0.86 -7.10 -6.21
C ALA A 32 -2.05 -7.30 -5.25
N LEU A 33 -2.82 -6.23 -5.01
CA LEU A 33 -4.00 -6.31 -4.13
C LEU A 33 -5.11 -7.16 -4.79
N GLN A 34 -5.21 -7.12 -6.12
CA GLN A 34 -6.18 -7.95 -6.84
C GLN A 34 -5.85 -9.45 -6.67
N GLU A 35 -4.55 -9.77 -6.58
CA GLU A 35 -4.10 -11.14 -6.31
C GLU A 35 -4.28 -11.52 -4.83
N GLN A 36 -4.23 -10.50 -3.95
CA GLN A 36 -4.42 -10.69 -2.50
C GLN A 36 -5.85 -11.08 -2.17
N GLY A 37 -6.81 -10.23 -2.55
CA GLY A 37 -8.23 -10.52 -2.29
C GLY A 37 -9.10 -9.27 -2.36
N PHE A 38 -8.76 -8.33 -3.24
CA PHE A 38 -9.52 -7.10 -3.40
C PHE A 38 -9.89 -6.88 -4.87
N ASP A 39 -11.17 -7.06 -5.18
CA ASP A 39 -11.68 -6.92 -6.56
C ASP A 39 -12.45 -5.60 -6.74
N ASN A 40 -12.12 -4.62 -5.91
CA ASN A 40 -12.69 -3.29 -5.97
C ASN A 40 -11.58 -2.26 -5.73
N ILE A 41 -10.66 -2.16 -6.70
CA ILE A 41 -9.49 -1.29 -6.58
C ILE A 41 -9.01 -0.84 -7.96
N ASN A 42 -8.56 0.41 -8.05
CA ASN A 42 -8.03 0.99 -9.30
C ASN A 42 -6.75 1.79 -9.01
N GLN A 43 -6.08 2.24 -10.08
CA GLN A 43 -4.83 3.01 -9.96
C GLN A 43 -5.04 4.32 -9.20
N SER A 44 -6.18 4.99 -9.45
CA SER A 44 -6.52 6.25 -8.76
C SER A 44 -6.69 5.99 -7.25
N LYS A 45 -7.22 4.81 -6.91
CA LYS A 45 -7.38 4.37 -5.52
C LYS A 45 -6.02 4.22 -4.82
N VAL A 46 -5.05 3.70 -5.58
CA VAL A 46 -3.69 3.45 -5.10
C VAL A 46 -2.88 4.74 -4.97
N SER A 47 -2.94 5.61 -5.98
CA SER A 47 -2.24 6.91 -5.93
C SER A 47 -2.79 7.80 -4.81
N ARG A 48 -4.12 7.71 -4.56
CA ARG A 48 -4.76 8.46 -3.47
C ARG A 48 -4.30 7.93 -2.10
N MET A 49 -4.24 6.60 -1.97
CA MET A 49 -3.79 5.97 -0.73
C MET A 49 -2.29 6.22 -0.48
N LEU A 50 -1.50 6.30 -1.56
CA LEU A 50 -0.06 6.60 -1.44
C LEU A 50 0.16 8.00 -0.84
N THR A 51 -0.62 8.98 -1.30
CA THR A 51 -0.55 10.35 -0.79
C THR A 51 -1.12 10.42 0.64
N LYS A 52 -2.27 9.75 0.85
CA LYS A 52 -2.94 9.70 2.16
C LYS A 52 -2.04 9.10 3.25
N PHE A 53 -1.48 7.92 2.97
CA PHE A 53 -0.59 7.23 3.93
C PHE A 53 0.83 7.83 3.93
N GLY A 54 1.07 8.85 3.09
CA GLY A 54 2.37 9.52 3.03
C GLY A 54 3.53 8.60 2.67
N ALA A 55 3.35 7.82 1.59
CA ALA A 55 4.40 6.91 1.11
C ALA A 55 5.56 7.67 0.47
N VAL A 56 6.76 7.10 0.54
CA VAL A 56 7.96 7.72 0.00
C VAL A 56 8.70 6.78 -0.96
N ARG A 57 9.36 7.36 -1.96
CA ARG A 57 10.14 6.60 -2.93
C ARG A 57 11.58 6.44 -2.42
N THR A 58 12.04 5.18 -2.31
CA THR A 58 13.36 4.88 -1.76
C THR A 58 13.99 3.67 -2.47
N ARG A 59 15.30 3.56 -2.40
CA ARG A 59 16.03 2.44 -3.00
C ARG A 59 15.90 1.19 -2.12
N ASN A 60 15.44 0.08 -2.71
CA ASN A 60 15.29 -1.19 -1.99
C ASN A 60 16.58 -2.01 -2.00
N ALA A 61 16.49 -3.29 -1.60
CA ALA A 61 17.65 -4.18 -1.56
C ALA A 61 18.31 -4.37 -2.94
N LYS A 62 17.54 -4.21 -4.02
CA LYS A 62 18.05 -4.35 -5.39
C LYS A 62 18.34 -3.00 -6.04
N MET A 63 18.44 -1.94 -5.25
CA MET A 63 18.75 -0.60 -5.76
C MET A 63 17.64 -0.03 -6.67
N GLU A 64 16.42 -0.54 -6.53
CA GLU A 64 15.27 -0.06 -7.31
C GLU A 64 14.51 1.02 -6.55
N MET A 65 14.13 2.09 -7.25
CA MET A 65 13.40 3.21 -6.66
C MET A 65 11.91 2.83 -6.45
N VAL A 66 11.61 2.22 -5.29
CA VAL A 66 10.26 1.75 -5.00
C VAL A 66 9.61 2.51 -3.82
N TYR A 67 8.29 2.35 -3.71
CA TYR A 67 7.50 2.96 -2.66
C TYR A 67 7.67 2.22 -1.33
N CYS A 68 7.81 2.99 -0.26
CA CYS A 68 7.90 2.45 1.09
C CYS A 68 7.11 3.36 2.03
N LEU A 69 6.95 2.91 3.28
CA LEU A 69 6.18 3.66 4.27
C LEU A 69 7.06 4.20 5.39
N PRO A 70 6.83 5.47 5.83
CA PRO A 70 7.56 6.10 6.95
C PRO A 70 7.27 5.42 8.30
N ALA A 71 7.27 6.22 9.36
CA ALA A 71 6.94 5.76 10.71
C ALA A 71 5.42 5.54 10.86
N GLU A 72 4.92 5.68 12.08
CA GLU A 72 3.49 5.51 12.37
C GLU A 72 2.67 6.70 11.85
N LEU A 73 2.56 6.80 10.53
CA LEU A 73 1.82 7.89 9.88
C LEU A 73 0.40 7.41 9.53
N GLY A 74 -0.52 7.60 10.46
CA GLY A 74 -1.89 7.16 10.27
C GLY A 74 -2.67 7.25 11.57
N VAL A 75 -3.94 7.65 11.47
CA VAL A 75 -4.81 7.83 12.63
C VAL A 75 -4.93 6.54 13.47
N PRO A 76 -5.05 6.70 14.82
CA PRO A 76 -5.14 5.56 15.75
C PRO A 76 -6.48 4.80 15.69
N THR A 77 -7.48 5.40 15.05
CA THR A 77 -8.80 4.79 14.90
C THR A 77 -8.83 3.70 13.80
N THR A 78 -7.66 3.15 13.47
CA THR A 78 -7.54 2.10 12.46
C THR A 78 -6.32 1.22 12.77
N MET A 1 -9.40 -19.02 3.88
CA MET A 1 -8.74 -17.70 3.84
C MET A 1 -9.77 -16.58 3.61
N ARG A 2 -10.00 -15.77 4.64
CA ARG A 2 -10.93 -14.64 4.55
C ARG A 2 -10.20 -13.38 4.05
N SER A 3 -9.71 -13.47 2.83
CA SER A 3 -8.96 -12.38 2.20
C SER A 3 -9.89 -11.24 1.77
N SER A 4 -9.77 -10.10 2.43
CA SER A 4 -10.57 -8.90 2.14
C SER A 4 -12.05 -9.11 2.52
N ALA A 5 -12.28 -9.62 3.74
CA ALA A 5 -13.64 -9.81 4.26
C ALA A 5 -14.25 -8.47 4.68
N LYS A 6 -13.67 -7.87 5.72
CA LYS A 6 -14.06 -6.53 6.16
C LYS A 6 -13.23 -5.50 5.38
N GLN A 7 -13.75 -4.29 5.22
CA GLN A 7 -13.03 -3.26 4.44
C GLN A 7 -11.84 -2.65 5.19
N GLU A 8 -11.77 -2.88 6.51
CA GLU A 8 -10.62 -2.40 7.30
C GLU A 8 -9.42 -3.35 7.14
N GLU A 9 -9.29 -3.92 5.95
CA GLU A 9 -8.19 -4.83 5.60
C GLU A 9 -7.38 -4.23 4.43
N LEU A 10 -8.08 -3.56 3.51
CA LEU A 10 -7.47 -2.86 2.36
C LEU A 10 -6.32 -1.94 2.81
N VAL A 11 -6.44 -1.44 4.04
CA VAL A 11 -5.40 -0.61 4.65
C VAL A 11 -4.19 -1.44 5.09
N LYS A 12 -4.41 -2.54 5.82
CA LYS A 12 -3.30 -3.41 6.27
C LYS A 12 -2.52 -3.97 5.08
N ALA A 13 -3.24 -4.36 4.03
CA ALA A 13 -2.63 -4.87 2.80
C ALA A 13 -1.80 -3.78 2.09
N PHE A 14 -2.37 -2.57 2.02
CA PHE A 14 -1.69 -1.42 1.38
C PHE A 14 -0.34 -1.12 2.06
N LYS A 15 -0.39 -0.78 3.34
CA LYS A 15 0.78 -0.45 4.14
C LYS A 15 1.84 -1.57 4.10
N ALA A 16 1.40 -2.82 4.17
CA ALA A 16 2.29 -3.99 4.15
C ALA A 16 3.06 -4.10 2.83
N LEU A 17 2.34 -3.99 1.69
CA LEU A 17 2.96 -4.07 0.36
C LEU A 17 4.07 -3.04 0.18
N LEU A 18 3.79 -1.79 0.55
CA LEU A 18 4.78 -0.72 0.43
C LEU A 18 6.03 -1.01 1.26
N LYS A 19 5.83 -1.45 2.49
CA LYS A 19 6.93 -1.74 3.41
C LYS A 19 7.79 -2.94 2.98
N GLU A 20 7.36 -3.68 1.93
CA GLU A 20 8.16 -4.80 1.39
C GLU A 20 9.32 -4.28 0.52
N GLU A 21 9.18 -3.06 -0.03
CA GLU A 21 10.18 -2.45 -0.92
C GLU A 21 10.33 -3.30 -2.19
N LYS A 22 9.20 -3.51 -2.87
CA LYS A 22 9.12 -4.35 -4.07
C LYS A 22 8.49 -3.58 -5.24
N PHE A 23 7.40 -2.88 -4.96
CA PHE A 23 6.65 -2.12 -5.96
C PHE A 23 7.28 -0.74 -6.22
N SER A 24 7.51 -0.44 -7.49
CA SER A 24 8.15 0.84 -7.88
C SER A 24 7.14 1.84 -8.46
N SER A 25 5.90 1.39 -8.72
CA SER A 25 4.87 2.27 -9.25
C SER A 25 3.49 1.84 -8.73
N GLN A 26 2.52 2.75 -8.85
CA GLN A 26 1.13 2.53 -8.41
C GLN A 26 0.53 1.27 -9.04
N GLY A 27 0.52 1.24 -10.38
CA GLY A 27 -0.03 0.09 -11.14
C GLY A 27 0.39 -1.29 -10.63
N GLU A 28 1.63 -1.42 -10.16
CA GLU A 28 2.15 -2.70 -9.65
C GLU A 28 1.48 -3.11 -8.32
N ILE A 29 1.28 -2.15 -7.41
CA ILE A 29 0.61 -2.44 -6.12
C ILE A 29 -0.91 -2.59 -6.32
N VAL A 30 -1.44 -2.02 -7.42
CA VAL A 30 -2.86 -2.22 -7.80
C VAL A 30 -3.11 -3.69 -8.13
N ALA A 31 -2.24 -4.23 -9.00
CA ALA A 31 -2.29 -5.64 -9.41
C ALA A 31 -2.08 -6.58 -8.20
N ALA A 32 -1.18 -6.18 -7.29
CA ALA A 32 -0.90 -6.98 -6.09
C ALA A 32 -2.15 -7.16 -5.21
N LEU A 33 -2.88 -6.07 -4.96
CA LEU A 33 -4.11 -6.13 -4.16
C LEU A 33 -5.20 -6.95 -4.87
N GLN A 34 -5.25 -6.89 -6.20
CA GLN A 34 -6.21 -7.70 -6.98
C GLN A 34 -5.96 -9.19 -6.73
N GLU A 35 -4.68 -9.59 -6.62
CA GLU A 35 -4.30 -10.98 -6.33
C GLU A 35 -4.58 -11.33 -4.85
N GLN A 36 -4.42 -10.34 -3.95
CA GLN A 36 -4.64 -10.54 -2.51
C GLN A 36 -6.07 -11.01 -2.22
N GLY A 37 -7.06 -10.31 -2.77
CA GLY A 37 -8.46 -10.70 -2.55
C GLY A 37 -9.45 -9.57 -2.79
N PHE A 38 -8.96 -8.39 -3.17
CA PHE A 38 -9.84 -7.22 -3.35
C PHE A 38 -10.43 -7.20 -4.76
N ASP A 39 -11.53 -6.45 -4.90
CA ASP A 39 -12.24 -6.31 -6.16
C ASP A 39 -12.66 -4.85 -6.36
N ASN A 40 -12.48 -4.40 -7.59
CA ASN A 40 -12.74 -3.01 -8.00
C ASN A 40 -11.62 -2.09 -7.53
N ILE A 41 -10.39 -2.61 -7.59
CA ILE A 41 -9.20 -1.88 -7.18
C ILE A 41 -8.52 -1.27 -8.41
N ASN A 42 -8.51 0.07 -8.45
CA ASN A 42 -7.96 0.83 -9.59
C ASN A 42 -6.74 1.67 -9.17
N GLN A 43 -6.11 2.30 -10.17
CA GLN A 43 -4.92 3.14 -9.96
C GLN A 43 -5.23 4.38 -9.10
N SER A 44 -6.40 5.01 -9.34
CA SER A 44 -6.83 6.18 -8.58
C SER A 44 -6.91 5.90 -7.07
N LYS A 45 -7.39 4.70 -6.72
CA LYS A 45 -7.47 4.27 -5.32
C LYS A 45 -6.07 4.07 -4.72
N VAL A 46 -5.12 3.67 -5.57
CA VAL A 46 -3.73 3.44 -5.16
C VAL A 46 -2.95 4.75 -5.02
N SER A 47 -3.19 5.71 -5.93
CA SER A 47 -2.58 7.04 -5.85
C SER A 47 -3.15 7.85 -4.68
N ARG A 48 -4.46 7.69 -4.43
CA ARG A 48 -5.14 8.37 -3.31
C ARG A 48 -4.60 7.86 -1.97
N MET A 49 -4.47 6.53 -1.84
CA MET A 49 -3.94 5.92 -0.62
C MET A 49 -2.46 6.28 -0.40
N LEU A 50 -1.70 6.43 -1.49
CA LEU A 50 -0.29 6.83 -1.41
C LEU A 50 -0.17 8.23 -0.75
N THR A 51 -1.05 9.15 -1.17
CA THR A 51 -1.09 10.52 -0.63
C THR A 51 -1.72 10.54 0.77
N LYS A 52 -2.72 9.67 0.98
CA LYS A 52 -3.44 9.57 2.27
C LYS A 52 -2.55 9.01 3.38
N PHE A 53 -1.72 8.02 3.05
CA PHE A 53 -0.84 7.37 4.03
C PHE A 53 0.54 8.04 4.11
N GLY A 54 0.92 8.78 3.06
CA GLY A 54 2.20 9.47 3.04
C GLY A 54 3.34 8.53 2.71
N ALA A 55 3.27 7.89 1.55
CA ALA A 55 4.30 6.95 1.10
C ALA A 55 5.50 7.69 0.52
N VAL A 56 6.69 7.12 0.74
CA VAL A 56 7.94 7.70 0.25
C VAL A 56 8.70 6.72 -0.64
N ARG A 57 9.24 7.20 -1.75
CA ARG A 57 10.02 6.35 -2.65
C ARG A 57 11.48 6.33 -2.19
N THR A 58 12.07 5.14 -2.12
CA THR A 58 13.44 4.99 -1.64
C THR A 58 14.17 3.83 -2.33
N ARG A 59 15.48 3.75 -2.12
CA ARG A 59 16.31 2.70 -2.69
C ARG A 59 16.34 1.47 -1.77
N ASN A 60 16.17 0.29 -2.35
CA ASN A 60 16.21 -0.97 -1.57
C ASN A 60 17.64 -1.52 -1.50
N ALA A 61 17.80 -2.85 -1.48
CA ALA A 61 19.12 -3.49 -1.39
C ALA A 61 19.91 -3.36 -2.69
N LYS A 62 19.21 -3.37 -3.84
CA LYS A 62 19.86 -3.26 -5.15
C LYS A 62 19.47 -1.98 -5.89
N MET A 63 19.65 -0.85 -5.18
CA MET A 63 19.41 0.51 -5.71
C MET A 63 18.14 0.69 -6.55
N GLU A 64 17.07 -0.04 -6.24
CA GLU A 64 15.81 0.14 -6.97
C GLU A 64 14.94 1.17 -6.27
N MET A 65 14.55 2.22 -7.00
CA MET A 65 13.70 3.28 -6.46
C MET A 65 12.25 2.81 -6.32
N VAL A 66 11.97 2.11 -5.23
CA VAL A 66 10.63 1.55 -4.98
C VAL A 66 9.86 2.36 -3.94
N TYR A 67 8.57 2.11 -3.88
CA TYR A 67 7.68 2.76 -2.90
C TYR A 67 7.85 2.09 -1.54
N CYS A 68 7.91 2.90 -0.49
CA CYS A 68 8.00 2.41 0.88
C CYS A 68 7.17 3.29 1.81
N LEU A 69 7.09 2.87 3.06
CA LEU A 69 6.29 3.58 4.05
C LEU A 69 7.14 4.10 5.21
N PRO A 70 7.02 5.42 5.55
CA PRO A 70 7.67 5.99 6.74
C PRO A 70 6.95 5.54 8.02
N ALA A 71 7.01 6.36 9.06
CA ALA A 71 6.30 6.07 10.32
C ALA A 71 4.78 6.04 10.09
N GLU A 72 4.07 5.27 10.93
CA GLU A 72 2.60 5.14 10.83
C GLU A 72 1.92 6.51 10.92
N LEU A 73 1.40 6.99 9.79
CA LEU A 73 0.84 8.33 9.69
C LEU A 73 -0.68 8.34 9.84
N GLY A 74 -1.14 8.45 11.08
CA GLY A 74 -2.56 8.65 11.36
C GLY A 74 -2.84 10.13 11.50
N VAL A 75 -1.96 10.79 12.24
CA VAL A 75 -1.93 12.23 12.43
C VAL A 75 -0.46 12.67 12.59
N PRO A 76 -0.12 13.95 12.28
CA PRO A 76 1.27 14.45 12.36
C PRO A 76 2.01 14.03 13.64
N THR A 77 2.85 13.00 13.52
CA THR A 77 3.59 12.44 14.64
C THR A 77 5.08 12.78 14.55
N THR A 78 5.70 12.97 15.71
CA THR A 78 7.12 13.28 15.81
C THR A 78 7.76 12.43 16.91
N MET A 1 -15.17 1.62 17.59
CA MET A 1 -14.35 1.30 16.39
C MET A 1 -15.14 0.44 15.37
N ARG A 2 -16.05 -0.41 15.86
CA ARG A 2 -16.87 -1.30 15.03
C ARG A 2 -16.03 -2.41 14.39
N SER A 3 -16.15 -3.64 14.90
CA SER A 3 -15.41 -4.78 14.37
C SER A 3 -16.06 -5.27 13.06
N SER A 4 -15.22 -5.47 12.03
CA SER A 4 -15.67 -5.87 10.69
C SER A 4 -16.39 -4.72 9.97
N ALA A 5 -15.78 -3.53 10.01
CA ALA A 5 -16.32 -2.33 9.34
C ALA A 5 -16.06 -2.36 7.82
N LYS A 6 -15.52 -3.49 7.33
CA LYS A 6 -15.27 -3.76 5.92
C LYS A 6 -14.25 -2.81 5.27
N GLN A 7 -13.43 -3.40 4.40
CA GLN A 7 -12.41 -2.68 3.62
C GLN A 7 -11.23 -2.15 4.44
N GLU A 8 -11.11 -2.56 5.71
CA GLU A 8 -9.96 -2.19 6.53
C GLU A 8 -8.76 -3.10 6.22
N GLU A 9 -9.01 -4.13 5.40
CA GLU A 9 -8.01 -5.13 5.03
C GLU A 9 -7.15 -4.61 3.88
N LEU A 10 -7.78 -3.85 2.99
CA LEU A 10 -7.08 -3.17 1.90
C LEU A 10 -6.04 -2.21 2.48
N VAL A 11 -6.35 -1.68 3.68
CA VAL A 11 -5.41 -0.80 4.38
C VAL A 11 -4.20 -1.59 4.91
N LYS A 12 -4.43 -2.61 5.76
CA LYS A 12 -3.29 -3.42 6.28
C LYS A 12 -2.44 -3.98 5.14
N ALA A 13 -3.10 -4.45 4.08
CA ALA A 13 -2.41 -4.97 2.90
C ALA A 13 -1.58 -3.88 2.21
N PHE A 14 -2.17 -2.69 2.05
CA PHE A 14 -1.49 -1.54 1.41
C PHE A 14 -0.19 -1.18 2.15
N LYS A 15 -0.29 -0.94 3.47
CA LYS A 15 0.87 -0.59 4.30
C LYS A 15 1.98 -1.65 4.19
N ALA A 16 1.59 -2.93 4.23
CA ALA A 16 2.51 -4.07 4.15
C ALA A 16 3.28 -4.09 2.83
N LEU A 17 2.55 -4.02 1.70
CA LEU A 17 3.17 -4.04 0.36
C LEU A 17 4.26 -2.97 0.21
N LEU A 18 3.97 -1.76 0.72
CA LEU A 18 4.92 -0.65 0.66
C LEU A 18 6.14 -0.89 1.57
N LYS A 19 5.86 -1.21 2.84
CA LYS A 19 6.91 -1.40 3.86
C LYS A 19 7.91 -2.53 3.53
N GLU A 20 7.48 -3.49 2.72
CA GLU A 20 8.35 -4.60 2.30
C GLU A 20 9.38 -4.15 1.25
N GLU A 21 9.16 -2.96 0.65
CA GLU A 21 10.06 -2.38 -0.38
C GLU A 21 10.15 -3.30 -1.61
N LYS A 22 9.15 -3.20 -2.48
CA LYS A 22 9.07 -4.04 -3.68
C LYS A 22 8.54 -3.26 -4.90
N PHE A 23 7.40 -2.57 -4.70
CA PHE A 23 6.72 -1.86 -5.79
C PHE A 23 7.32 -0.47 -6.05
N SER A 24 7.46 -0.14 -7.33
CA SER A 24 7.99 1.16 -7.76
C SER A 24 6.91 2.01 -8.45
N SER A 25 5.84 1.35 -8.90
CA SER A 25 4.74 2.02 -9.60
C SER A 25 3.39 1.66 -8.96
N GLN A 26 2.43 2.57 -9.08
CA GLN A 26 1.07 2.37 -8.55
C GLN A 26 0.42 1.13 -9.16
N GLY A 27 0.35 1.10 -10.50
CA GLY A 27 -0.27 -0.01 -11.25
C GLY A 27 0.10 -1.42 -10.78
N GLU A 28 1.34 -1.62 -10.29
CA GLU A 28 1.78 -2.93 -9.82
C GLU A 28 1.19 -3.27 -8.44
N ILE A 29 1.10 -2.29 -7.53
CA ILE A 29 0.47 -2.51 -6.21
C ILE A 29 -1.06 -2.63 -6.38
N VAL A 30 -1.59 -2.01 -7.45
CA VAL A 30 -3.01 -2.14 -7.82
C VAL A 30 -3.31 -3.62 -8.15
N ALA A 31 -2.48 -4.19 -9.03
CA ALA A 31 -2.61 -5.59 -9.44
C ALA A 31 -2.32 -6.56 -8.28
N ALA A 32 -1.36 -6.20 -7.43
CA ALA A 32 -0.99 -7.02 -6.27
C ALA A 32 -2.19 -7.24 -5.33
N LEU A 33 -2.95 -6.16 -5.05
CA LEU A 33 -4.13 -6.24 -4.18
C LEU A 33 -5.29 -6.96 -4.90
N GLN A 34 -5.37 -6.80 -6.23
CA GLN A 34 -6.40 -7.51 -7.01
C GLN A 34 -6.23 -9.03 -6.87
N GLU A 35 -4.97 -9.50 -6.88
CA GLU A 35 -4.66 -10.92 -6.69
C GLU A 35 -4.86 -11.36 -5.22
N GLN A 36 -4.62 -10.44 -4.29
CA GLN A 36 -4.80 -10.71 -2.86
C GLN A 36 -6.26 -11.04 -2.53
N GLY A 37 -7.17 -10.13 -2.89
CA GLY A 37 -8.59 -10.34 -2.64
C GLY A 37 -9.39 -9.06 -2.56
N PHE A 38 -9.04 -8.07 -3.40
CA PHE A 38 -9.71 -6.76 -3.37
C PHE A 38 -10.33 -6.41 -4.73
N ASP A 39 -11.65 -6.21 -4.73
CA ASP A 39 -12.42 -5.90 -5.95
C ASP A 39 -12.62 -4.39 -6.15
N ASN A 40 -12.50 -3.65 -5.06
CA ASN A 40 -12.67 -2.19 -5.07
C ASN A 40 -11.30 -1.50 -5.10
N ILE A 41 -10.55 -1.77 -6.16
CA ILE A 41 -9.20 -1.23 -6.32
C ILE A 41 -8.97 -0.78 -7.76
N ASN A 42 -8.19 0.28 -7.91
CA ASN A 42 -7.83 0.86 -9.21
C ASN A 42 -6.65 1.83 -9.04
N GLN A 43 -6.19 2.42 -10.14
CA GLN A 43 -5.06 3.36 -10.10
C GLN A 43 -5.33 4.56 -9.19
N SER A 44 -6.56 5.09 -9.23
CA SER A 44 -6.96 6.22 -8.40
C SER A 44 -6.94 5.85 -6.91
N LYS A 45 -7.44 4.64 -6.58
CA LYS A 45 -7.45 4.13 -5.19
C LYS A 45 -6.01 4.02 -4.63
N VAL A 46 -5.10 3.55 -5.48
CA VAL A 46 -3.69 3.36 -5.12
C VAL A 46 -2.95 4.71 -5.01
N SER A 47 -3.27 5.65 -5.90
CA SER A 47 -2.68 7.00 -5.85
C SER A 47 -3.25 7.79 -4.65
N ARG A 48 -4.54 7.56 -4.34
CA ARG A 48 -5.18 8.20 -3.18
C ARG A 48 -4.57 7.67 -1.88
N MET A 49 -4.43 6.35 -1.79
CA MET A 49 -3.81 5.71 -0.62
C MET A 49 -2.34 6.13 -0.45
N LEU A 50 -1.65 6.36 -1.57
CA LEU A 50 -0.26 6.83 -1.56
C LEU A 50 -0.15 8.23 -0.94
N THR A 51 -0.98 9.14 -1.42
CA THR A 51 -1.02 10.52 -0.91
C THR A 51 -1.53 10.56 0.55
N LYS A 52 -2.52 9.71 0.84
CA LYS A 52 -3.14 9.62 2.17
C LYS A 52 -2.16 9.06 3.22
N PHE A 53 -1.62 7.88 2.93
CA PHE A 53 -0.69 7.21 3.86
C PHE A 53 0.70 7.87 3.86
N GLY A 54 1.07 8.48 2.74
CA GLY A 54 2.35 9.17 2.65
C GLY A 54 3.53 8.26 2.37
N ALA A 55 3.43 7.49 1.28
CA ALA A 55 4.52 6.58 0.89
C ALA A 55 5.62 7.36 0.14
N VAL A 56 6.88 7.13 0.53
CA VAL A 56 8.02 7.80 -0.08
C VAL A 56 8.79 6.83 -1.00
N ARG A 57 9.30 7.36 -2.11
CA ARG A 57 10.08 6.55 -3.07
C ARG A 57 11.56 6.58 -2.71
N THR A 58 12.17 5.40 -2.54
CA THR A 58 13.59 5.33 -2.17
C THR A 58 14.26 4.07 -2.76
N ARG A 59 15.59 4.11 -2.86
CA ARG A 59 16.37 3.00 -3.39
C ARG A 59 16.46 1.86 -2.37
N ASN A 60 16.08 0.64 -2.79
CA ASN A 60 16.12 -0.54 -1.91
C ASN A 60 17.51 -1.19 -1.91
N ALA A 61 17.57 -2.46 -1.47
CA ALA A 61 18.82 -3.23 -1.40
C ALA A 61 19.55 -3.29 -2.75
N LYS A 62 18.79 -3.40 -3.85
CA LYS A 62 19.38 -3.49 -5.20
C LYS A 62 19.19 -2.20 -6.00
N MET A 63 19.20 -1.07 -5.31
CA MET A 63 19.14 0.26 -5.95
C MET A 63 17.85 0.51 -6.76
N GLU A 64 16.77 -0.20 -6.43
CA GLU A 64 15.49 -0.01 -7.11
C GLU A 64 14.67 1.07 -6.39
N MET A 65 14.29 2.13 -7.12
CA MET A 65 13.48 3.21 -6.54
C MET A 65 12.05 2.72 -6.33
N VAL A 66 11.76 2.26 -5.10
CA VAL A 66 10.45 1.69 -4.77
C VAL A 66 9.71 2.51 -3.71
N TYR A 67 8.39 2.39 -3.73
CA TYR A 67 7.51 3.02 -2.74
C TYR A 67 7.65 2.31 -1.40
N CYS A 68 7.92 3.06 -0.35
CA CYS A 68 8.03 2.54 1.00
C CYS A 68 7.35 3.47 1.99
N LEU A 69 7.03 2.94 3.16
CA LEU A 69 6.39 3.72 4.22
C LEU A 69 7.43 4.19 5.23
N PRO A 70 7.39 5.48 5.65
CA PRO A 70 8.34 6.00 6.63
C PRO A 70 8.09 5.43 8.03
N ALA A 71 9.18 5.20 8.75
CA ALA A 71 9.15 4.66 10.12
C ALA A 71 8.14 5.36 11.03
N GLU A 72 7.23 4.58 11.62
CA GLU A 72 6.20 5.07 12.53
C GLU A 72 5.25 6.07 11.86
N LEU A 73 4.14 5.57 11.33
CA LEU A 73 3.12 6.40 10.67
C LEU A 73 1.90 6.56 11.58
N GLY A 74 1.88 7.63 12.38
CA GLY A 74 0.76 7.89 13.26
C GLY A 74 1.10 8.82 14.41
N VAL A 75 1.01 10.13 14.17
CA VAL A 75 1.26 11.13 15.22
C VAL A 75 0.06 11.24 16.18
N PRO A 76 0.28 11.76 17.41
CA PRO A 76 -0.80 11.92 18.41
C PRO A 76 -1.91 12.86 17.92
N THR A 77 -3.10 12.31 17.68
CA THR A 77 -4.24 13.07 17.18
C THR A 77 -5.56 12.50 17.73
N THR A 78 -6.68 13.07 17.28
CA THR A 78 -8.01 12.63 17.72
C THR A 78 -8.59 11.61 16.73
N MET A 1 -13.99 -0.49 19.12
CA MET A 1 -15.35 -1.04 18.81
C MET A 1 -15.41 -1.49 17.35
N ARG A 2 -16.62 -1.51 16.77
CA ARG A 2 -16.80 -1.94 15.39
C ARG A 2 -18.13 -1.45 14.83
N SER A 3 -18.06 -0.68 13.74
CA SER A 3 -19.25 -0.18 13.03
C SER A 3 -19.27 -0.75 11.61
N SER A 4 -18.24 -0.43 10.84
CA SER A 4 -18.06 -0.93 9.48
C SER A 4 -16.56 -1.04 9.19
N ALA A 5 -15.97 -2.16 9.58
CA ALA A 5 -14.52 -2.39 9.43
C ALA A 5 -14.22 -3.59 8.53
N LYS A 6 -14.76 -3.55 7.31
CA LYS A 6 -14.53 -4.60 6.32
C LYS A 6 -13.47 -4.18 5.29
N GLN A 7 -13.06 -2.92 5.35
CA GLN A 7 -12.05 -2.38 4.44
C GLN A 7 -10.71 -2.15 5.13
N GLU A 8 -10.63 -2.44 6.44
CA GLU A 8 -9.35 -2.33 7.18
C GLU A 8 -8.36 -3.41 6.71
N GLU A 9 -8.84 -4.28 5.80
CA GLU A 9 -8.03 -5.35 5.22
C GLU A 9 -7.19 -4.81 4.08
N LEU A 10 -7.82 -3.96 3.26
CA LEU A 10 -7.15 -3.29 2.14
C LEU A 10 -6.15 -2.25 2.67
N VAL A 11 -6.39 -1.75 3.89
CA VAL A 11 -5.50 -0.78 4.51
C VAL A 11 -4.24 -1.47 5.04
N LYS A 12 -4.41 -2.42 5.97
CA LYS A 12 -3.26 -3.17 6.53
C LYS A 12 -2.39 -3.77 5.42
N ALA A 13 -3.06 -4.33 4.42
CA ALA A 13 -2.39 -4.89 3.24
C ALA A 13 -1.60 -3.82 2.48
N PHE A 14 -2.24 -2.67 2.22
CA PHE A 14 -1.60 -1.53 1.52
C PHE A 14 -0.27 -1.13 2.18
N LYS A 15 -0.34 -0.84 3.48
CA LYS A 15 0.84 -0.46 4.28
C LYS A 15 1.95 -1.52 4.19
N ALA A 16 1.56 -2.79 4.31
CA ALA A 16 2.51 -3.92 4.26
C ALA A 16 3.20 -4.03 2.88
N LEU A 17 2.41 -3.98 1.80
CA LEU A 17 2.94 -4.06 0.43
C LEU A 17 4.04 -3.03 0.18
N LEU A 18 3.80 -1.80 0.64
CA LEU A 18 4.79 -0.72 0.49
C LEU A 18 6.01 -0.97 1.36
N LYS A 19 5.78 -1.24 2.65
CA LYS A 19 6.84 -1.45 3.63
C LYS A 19 7.77 -2.63 3.28
N GLU A 20 7.32 -3.54 2.41
CA GLU A 20 8.15 -4.67 1.95
C GLU A 20 9.22 -4.24 0.93
N GLU A 21 9.06 -3.03 0.35
CA GLU A 21 10.00 -2.48 -0.65
C GLU A 21 10.07 -3.37 -1.90
N LYS A 22 9.01 -3.35 -2.70
CA LYS A 22 8.91 -4.21 -3.90
C LYS A 22 8.32 -3.46 -5.09
N PHE A 23 7.21 -2.76 -4.87
CA PHE A 23 6.49 -2.06 -5.95
C PHE A 23 7.07 -0.68 -6.23
N SER A 24 7.26 -0.37 -7.51
CA SER A 24 7.82 0.92 -7.94
C SER A 24 6.76 1.87 -8.50
N SER A 25 5.64 1.32 -8.97
CA SER A 25 4.55 2.11 -9.54
C SER A 25 3.22 1.77 -8.86
N GLN A 26 2.27 2.70 -8.96
CA GLN A 26 0.92 2.53 -8.42
C GLN A 26 0.25 1.29 -9.04
N GLY A 27 0.20 1.27 -10.38
CA GLY A 27 -0.39 0.14 -11.12
C GLY A 27 0.13 -1.24 -10.71
N GLU A 28 1.39 -1.31 -10.26
CA GLU A 28 1.99 -2.55 -9.79
C GLU A 28 1.32 -3.05 -8.49
N ILE A 29 1.10 -2.12 -7.53
CA ILE A 29 0.44 -2.45 -6.26
C ILE A 29 -1.09 -2.59 -6.46
N VAL A 30 -1.62 -2.00 -7.54
CA VAL A 30 -3.05 -2.17 -7.90
C VAL A 30 -3.33 -3.65 -8.18
N ALA A 31 -2.57 -4.22 -9.12
CA ALA A 31 -2.71 -5.63 -9.49
C ALA A 31 -2.37 -6.55 -8.31
N ALA A 32 -1.35 -6.17 -7.52
CA ALA A 32 -0.93 -6.96 -6.35
C ALA A 32 -2.09 -7.21 -5.37
N LEU A 33 -2.83 -6.15 -5.02
CA LEU A 33 -3.97 -6.28 -4.10
C LEU A 33 -5.12 -7.07 -4.76
N GLN A 34 -5.34 -6.85 -6.06
CA GLN A 34 -6.38 -7.60 -6.79
C GLN A 34 -6.07 -9.11 -6.81
N GLU A 35 -4.77 -9.46 -6.72
CA GLU A 35 -4.34 -10.86 -6.62
C GLU A 35 -4.43 -11.38 -5.17
N GLN A 36 -4.23 -10.47 -4.20
CA GLN A 36 -4.32 -10.80 -2.76
C GLN A 36 -5.73 -11.24 -2.39
N GLY A 37 -6.70 -10.37 -2.64
CA GLY A 37 -8.09 -10.66 -2.32
C GLY A 37 -8.95 -9.41 -2.26
N PHE A 38 -8.65 -8.42 -3.11
CA PHE A 38 -9.36 -7.15 -3.12
C PHE A 38 -9.93 -6.82 -4.50
N ASP A 39 -10.83 -5.84 -4.51
CA ASP A 39 -11.41 -5.32 -5.72
C ASP A 39 -11.56 -3.82 -5.56
N ASN A 40 -12.41 -3.24 -6.38
CA ASN A 40 -12.67 -1.78 -6.45
C ASN A 40 -11.39 -0.94 -6.47
N ILE A 41 -10.27 -1.59 -6.78
CA ILE A 41 -8.96 -0.97 -6.73
C ILE A 41 -8.41 -0.72 -8.14
N ASN A 42 -8.02 0.53 -8.38
CA ASN A 42 -7.40 0.94 -9.63
C ASN A 42 -6.32 1.99 -9.34
N GLN A 43 -5.70 2.55 -10.38
CA GLN A 43 -4.61 3.53 -10.23
C GLN A 43 -4.99 4.73 -9.35
N SER A 44 -6.25 5.16 -9.40
CA SER A 44 -6.72 6.31 -8.60
C SER A 44 -6.70 6.00 -7.10
N LYS A 45 -7.38 4.92 -6.72
CA LYS A 45 -7.47 4.48 -5.32
C LYS A 45 -6.08 4.19 -4.72
N VAL A 46 -5.17 3.68 -5.55
CA VAL A 46 -3.79 3.39 -5.14
C VAL A 46 -2.96 4.67 -5.02
N SER A 47 -3.16 5.61 -5.95
CA SER A 47 -2.47 6.92 -5.89
C SER A 47 -3.01 7.76 -4.73
N ARG A 48 -4.32 7.69 -4.49
CA ARG A 48 -4.95 8.43 -3.39
C ARG A 48 -4.50 7.87 -2.03
N MET A 49 -4.41 6.55 -1.92
CA MET A 49 -3.93 5.91 -0.69
C MET A 49 -2.43 6.22 -0.46
N LEU A 50 -1.64 6.32 -1.55
CA LEU A 50 -0.21 6.67 -1.46
C LEU A 50 -0.04 8.07 -0.85
N THR A 51 -0.87 9.01 -1.29
CA THR A 51 -0.86 10.39 -0.78
C THR A 51 -1.46 10.45 0.64
N LYS A 52 -2.57 9.73 0.85
CA LYS A 52 -3.25 9.68 2.16
C LYS A 52 -2.34 9.10 3.24
N PHE A 53 -1.78 7.91 2.99
CA PHE A 53 -0.90 7.24 3.96
C PHE A 53 0.47 7.92 4.04
N GLY A 54 0.86 8.62 2.97
CA GLY A 54 2.14 9.33 2.94
C GLY A 54 3.32 8.43 2.67
N ALA A 55 3.29 7.76 1.51
CA ALA A 55 4.36 6.86 1.11
C ALA A 55 5.58 7.62 0.58
N VAL A 56 6.75 7.01 0.71
CA VAL A 56 8.01 7.60 0.27
C VAL A 56 8.79 6.63 -0.63
N ARG A 57 9.39 7.14 -1.70
CA ARG A 57 10.17 6.31 -2.63
C ARG A 57 11.59 6.10 -2.11
N THR A 58 12.11 4.88 -2.23
CA THR A 58 13.44 4.53 -1.72
C THR A 58 14.08 3.40 -2.53
N ARG A 59 15.39 3.27 -2.43
CA ARG A 59 16.14 2.20 -3.13
C ARG A 59 16.15 0.91 -2.30
N ASN A 60 15.74 -0.21 -2.92
CA ASN A 60 15.72 -1.50 -2.23
C ASN A 60 17.09 -2.19 -2.28
N ALA A 61 17.16 -3.46 -1.87
CA ALA A 61 18.42 -4.23 -1.86
C ALA A 61 19.00 -4.43 -3.26
N LYS A 62 18.13 -4.35 -4.30
CA LYS A 62 18.56 -4.53 -5.69
C LYS A 62 18.76 -3.18 -6.39
N MET A 63 18.87 -2.10 -5.62
CA MET A 63 19.11 -0.75 -6.16
C MET A 63 17.95 -0.23 -7.02
N GLU A 64 16.74 -0.79 -6.81
CA GLU A 64 15.55 -0.37 -7.55
C GLU A 64 14.73 0.64 -6.73
N MET A 65 14.35 1.75 -7.36
CA MET A 65 13.54 2.77 -6.70
C MET A 65 12.10 2.30 -6.55
N VAL A 66 11.74 1.93 -5.33
CA VAL A 66 10.41 1.41 -5.03
C VAL A 66 9.69 2.26 -3.97
N TYR A 67 8.38 2.06 -3.87
CA TYR A 67 7.55 2.73 -2.88
C TYR A 67 7.70 2.07 -1.50
N CYS A 68 7.80 2.89 -0.47
CA CYS A 68 7.89 2.41 0.91
C CYS A 68 7.04 3.30 1.82
N LEU A 69 6.95 2.91 3.08
CA LEU A 69 6.16 3.64 4.06
C LEU A 69 7.01 3.99 5.28
N PRO A 70 6.94 5.26 5.75
CA PRO A 70 7.69 5.70 6.93
C PRO A 70 7.17 5.05 8.23
N ALA A 71 8.03 5.03 9.24
CA ALA A 71 7.72 4.43 10.53
C ALA A 71 6.67 5.24 11.32
N GLU A 72 5.45 4.68 11.43
CA GLU A 72 4.36 5.28 12.20
C GLU A 72 4.04 6.73 11.77
N LEU A 73 3.42 6.88 10.60
CA LEU A 73 2.99 8.20 10.09
C LEU A 73 1.47 8.30 10.17
N GLY A 74 0.98 8.93 11.25
CA GLY A 74 -0.45 9.06 11.48
C GLY A 74 -0.92 8.17 12.61
N VAL A 75 -0.88 8.69 13.85
CA VAL A 75 -1.27 7.95 15.05
C VAL A 75 -0.21 6.89 15.41
N PRO A 76 0.74 7.24 16.29
CA PRO A 76 1.84 6.35 16.71
C PRO A 76 1.35 5.20 17.61
N THR A 77 1.54 3.97 17.14
CA THR A 77 1.14 2.77 17.87
C THR A 77 1.71 1.53 17.18
N THR A 78 1.24 0.35 17.56
CA THR A 78 1.68 -0.91 16.96
C THR A 78 0.76 -1.26 15.77
N MET A 1 -23.63 0.56 11.78
CA MET A 1 -22.22 0.59 12.25
C MET A 1 -21.43 -0.58 11.65
N ARG A 2 -20.13 -0.38 11.43
CA ARG A 2 -19.26 -1.42 10.87
C ARG A 2 -17.78 -1.10 11.14
N SER A 3 -17.34 -1.35 12.38
CA SER A 3 -15.94 -1.11 12.78
C SER A 3 -15.00 -2.15 12.14
N SER A 4 -15.32 -3.42 12.33
CA SER A 4 -14.52 -4.53 11.78
C SER A 4 -15.45 -5.55 11.12
N ALA A 5 -15.40 -5.62 9.78
CA ALA A 5 -16.25 -6.57 9.03
C ALA A 5 -15.91 -6.60 7.53
N LYS A 6 -16.06 -5.46 6.85
CA LYS A 6 -15.89 -5.40 5.40
C LYS A 6 -14.71 -4.52 4.96
N GLN A 7 -13.80 -5.15 4.22
CA GLN A 7 -12.62 -4.52 3.61
C GLN A 7 -11.76 -3.67 4.56
N GLU A 8 -11.83 -3.95 5.86
CA GLU A 8 -10.94 -3.31 6.83
C GLU A 8 -9.58 -4.03 6.84
N GLU A 9 -9.18 -4.51 5.65
CA GLU A 9 -7.94 -5.26 5.46
C GLU A 9 -7.06 -4.59 4.42
N LEU A 10 -7.68 -3.99 3.41
CA LEU A 10 -6.98 -3.28 2.33
C LEU A 10 -6.00 -2.24 2.89
N VAL A 11 -6.35 -1.65 4.02
CA VAL A 11 -5.49 -0.66 4.67
C VAL A 11 -4.23 -1.32 5.26
N LYS A 12 -4.37 -2.47 5.92
CA LYS A 12 -3.22 -3.20 6.48
C LYS A 12 -2.37 -3.80 5.35
N ALA A 13 -3.05 -4.33 4.33
CA ALA A 13 -2.39 -4.89 3.15
C ALA A 13 -1.63 -3.80 2.38
N PHE A 14 -2.28 -2.64 2.20
CA PHE A 14 -1.67 -1.50 1.49
C PHE A 14 -0.35 -1.08 2.15
N LYS A 15 -0.35 -0.88 3.46
CA LYS A 15 0.87 -0.53 4.21
C LYS A 15 1.95 -1.60 4.07
N ALA A 16 1.53 -2.87 4.23
CA ALA A 16 2.44 -4.01 4.15
C ALA A 16 3.15 -4.10 2.80
N LEU A 17 2.39 -3.94 1.71
CA LEU A 17 2.95 -3.96 0.35
C LEU A 17 4.05 -2.91 0.18
N LEU A 18 3.76 -1.69 0.61
CA LEU A 18 4.72 -0.59 0.51
C LEU A 18 5.96 -0.81 1.38
N LYS A 19 5.72 -1.09 2.66
CA LYS A 19 6.81 -1.30 3.64
C LYS A 19 7.71 -2.49 3.28
N GLU A 20 7.20 -3.43 2.47
CA GLU A 20 8.00 -4.58 1.99
C GLU A 20 9.03 -4.14 0.94
N GLU A 21 8.76 -3.00 0.29
CA GLU A 21 9.67 -2.41 -0.71
C GLU A 21 9.80 -3.30 -1.96
N LYS A 22 8.68 -3.56 -2.63
CA LYS A 22 8.68 -4.40 -3.85
C LYS A 22 7.71 -3.86 -4.93
N PHE A 23 7.42 -2.55 -4.88
CA PHE A 23 6.55 -1.92 -5.87
C PHE A 23 7.09 -0.55 -6.25
N SER A 24 7.46 -0.41 -7.51
CA SER A 24 8.06 0.82 -8.02
C SER A 24 7.03 1.74 -8.71
N SER A 25 5.76 1.36 -8.65
CA SER A 25 4.68 2.14 -9.27
C SER A 25 3.33 1.77 -8.64
N GLN A 26 2.35 2.64 -8.82
CA GLN A 26 0.99 2.41 -8.31
C GLN A 26 0.36 1.17 -8.99
N GLY A 27 0.36 1.17 -10.33
CA GLY A 27 -0.17 0.05 -11.12
C GLY A 27 0.33 -1.33 -10.68
N GLU A 28 1.57 -1.40 -10.20
CA GLU A 28 2.15 -2.66 -9.72
C GLU A 28 1.45 -3.15 -8.45
N ILE A 29 1.24 -2.25 -7.48
CA ILE A 29 0.55 -2.60 -6.23
C ILE A 29 -0.97 -2.74 -6.45
N VAL A 30 -1.48 -2.11 -7.51
CA VAL A 30 -2.89 -2.24 -7.90
C VAL A 30 -3.21 -3.69 -8.27
N ALA A 31 -2.42 -4.24 -9.20
CA ALA A 31 -2.56 -5.63 -9.65
C ALA A 31 -2.27 -6.62 -8.51
N ALA A 32 -1.29 -6.28 -7.65
CA ALA A 32 -0.92 -7.12 -6.51
C ALA A 32 -2.10 -7.36 -5.55
N LEU A 33 -2.77 -6.29 -5.15
CA LEU A 33 -3.93 -6.39 -4.23
C LEU A 33 -5.11 -7.11 -4.92
N GLN A 34 -5.25 -6.92 -6.23
CA GLN A 34 -6.30 -7.61 -6.99
C GLN A 34 -6.11 -9.14 -6.92
N GLU A 35 -4.85 -9.59 -6.90
CA GLU A 35 -4.53 -11.02 -6.75
C GLU A 35 -4.82 -11.51 -5.33
N GLN A 36 -4.52 -10.67 -4.33
CA GLN A 36 -4.73 -11.01 -2.91
C GLN A 36 -6.20 -11.33 -2.63
N GLY A 37 -7.05 -10.32 -2.79
CA GLY A 37 -8.48 -10.50 -2.57
C GLY A 37 -9.23 -9.18 -2.50
N PHE A 38 -8.79 -8.20 -3.29
CA PHE A 38 -9.42 -6.88 -3.30
C PHE A 38 -9.91 -6.53 -4.69
N ASP A 39 -11.23 -6.56 -4.87
CA ASP A 39 -11.89 -6.31 -6.16
C ASP A 39 -12.41 -4.87 -6.26
N ASN A 40 -11.92 -4.00 -5.39
CA ASN A 40 -12.27 -2.59 -5.38
C ASN A 40 -10.99 -1.74 -5.30
N ILE A 41 -10.10 -1.97 -6.27
CA ILE A 41 -8.80 -1.30 -6.30
C ILE A 41 -8.42 -0.91 -7.74
N ASN A 42 -7.96 0.32 -7.90
CA ASN A 42 -7.54 0.86 -9.20
C ASN A 42 -6.38 1.85 -9.01
N GLN A 43 -5.85 2.37 -10.13
CA GLN A 43 -4.72 3.31 -10.09
C GLN A 43 -5.02 4.55 -9.23
N SER A 44 -6.23 5.12 -9.39
CA SER A 44 -6.66 6.29 -8.62
C SER A 44 -6.77 5.98 -7.12
N LYS A 45 -7.30 4.80 -6.78
CA LYS A 45 -7.44 4.38 -5.38
C LYS A 45 -6.05 4.14 -4.74
N VAL A 46 -5.10 3.68 -5.54
CA VAL A 46 -3.73 3.40 -5.10
C VAL A 46 -2.92 4.71 -4.96
N SER A 47 -3.08 5.64 -5.90
CA SER A 47 -2.39 6.94 -5.82
C SER A 47 -2.95 7.78 -4.66
N ARG A 48 -4.25 7.65 -4.39
CA ARG A 48 -4.89 8.34 -3.27
C ARG A 48 -4.37 7.79 -1.94
N MET A 49 -4.33 6.45 -1.84
CA MET A 49 -3.82 5.78 -0.65
C MET A 49 -2.33 6.09 -0.41
N LEU A 50 -1.55 6.18 -1.51
CA LEU A 50 -0.12 6.53 -1.43
C LEU A 50 0.07 7.93 -0.80
N THR A 51 -0.76 8.88 -1.25
CA THR A 51 -0.72 10.24 -0.72
C THR A 51 -1.26 10.29 0.73
N LYS A 52 -2.40 9.63 0.96
CA LYS A 52 -3.06 9.58 2.27
C LYS A 52 -2.16 8.96 3.35
N PHE A 53 -1.52 7.85 3.03
CA PHE A 53 -0.63 7.13 3.97
C PHE A 53 0.79 7.73 3.99
N GLY A 54 1.03 8.78 3.19
CA GLY A 54 2.33 9.45 3.16
C GLY A 54 3.47 8.57 2.66
N ALA A 55 3.20 7.81 1.58
CA ALA A 55 4.21 6.92 0.99
C ALA A 55 5.31 7.72 0.29
N VAL A 56 6.52 7.19 0.32
CA VAL A 56 7.69 7.85 -0.26
C VAL A 56 8.44 6.93 -1.23
N ARG A 57 9.07 7.52 -2.24
CA ARG A 57 9.88 6.77 -3.20
C ARG A 57 11.32 6.69 -2.66
N THR A 58 11.75 5.50 -2.28
CA THR A 58 13.07 5.31 -1.67
C THR A 58 13.75 4.03 -2.16
N ARG A 59 15.02 3.88 -1.81
CA ARG A 59 15.81 2.71 -2.16
C ARG A 59 15.50 1.55 -1.20
N ASN A 60 15.31 0.35 -1.74
CA ASN A 60 15.05 -0.83 -0.93
C ASN A 60 16.36 -1.49 -0.47
N ALA A 61 16.32 -2.80 -0.24
CA ALA A 61 17.50 -3.54 0.20
C ALA A 61 18.51 -3.75 -0.93
N LYS A 62 18.04 -3.74 -2.20
CA LYS A 62 18.91 -3.93 -3.35
C LYS A 62 18.79 -2.78 -4.36
N MET A 63 19.01 -1.56 -3.87
CA MET A 63 19.02 -0.33 -4.68
C MET A 63 17.95 -0.23 -5.76
N GLU A 64 16.69 -0.43 -5.37
CA GLU A 64 15.57 -0.26 -6.30
C GLU A 64 14.69 0.91 -5.84
N MET A 65 14.45 1.87 -6.74
CA MET A 65 13.59 3.02 -6.43
C MET A 65 12.13 2.56 -6.34
N VAL A 66 11.67 2.29 -5.12
CA VAL A 66 10.31 1.77 -4.90
C VAL A 66 9.57 2.55 -3.82
N TYR A 67 8.24 2.37 -3.82
CA TYR A 67 7.35 3.00 -2.85
C TYR A 67 7.47 2.31 -1.49
N CYS A 68 7.78 3.10 -0.46
CA CYS A 68 7.87 2.62 0.91
C CYS A 68 7.09 3.55 1.83
N LEU A 69 6.96 3.16 3.09
CA LEU A 69 6.23 3.95 4.08
C LEU A 69 7.16 4.44 5.18
N PRO A 70 6.97 5.69 5.69
CA PRO A 70 7.75 6.24 6.83
C PRO A 70 7.49 5.44 8.12
N ALA A 71 7.38 6.16 9.23
CA ALA A 71 7.05 5.56 10.52
C ALA A 71 5.60 5.03 10.53
N GLU A 72 5.04 4.80 11.72
CA GLU A 72 3.66 4.32 11.85
C GLU A 72 2.66 5.42 11.46
N LEU A 73 2.47 5.59 10.15
CA LEU A 73 1.58 6.62 9.60
C LEU A 73 0.32 5.99 9.00
N GLY A 74 -0.77 6.08 9.76
CA GLY A 74 -2.06 5.56 9.32
C GLY A 74 -3.11 6.65 9.41
N VAL A 75 -3.28 7.21 10.60
CA VAL A 75 -4.22 8.30 10.84
C VAL A 75 -3.83 9.03 12.13
N PRO A 76 -3.87 10.39 12.15
CA PRO A 76 -3.47 11.18 13.33
C PRO A 76 -4.34 10.97 14.58
N THR A 77 -5.54 10.40 14.39
CA THR A 77 -6.48 10.19 15.51
C THR A 77 -7.28 8.90 15.30
N THR A 78 -7.10 7.95 16.23
CA THR A 78 -7.83 6.67 16.21
C THR A 78 -7.53 5.89 17.50
N MET A 1 -7.03 -14.09 10.93
CA MET A 1 -8.39 -14.60 10.65
C MET A 1 -9.40 -13.44 10.56
N ARG A 2 -10.68 -13.77 10.38
CA ARG A 2 -11.76 -12.78 10.28
C ARG A 2 -11.60 -11.87 9.06
N SER A 3 -12.12 -12.32 7.92
CA SER A 3 -12.09 -11.54 6.68
C SER A 3 -13.38 -10.72 6.56
N SER A 4 -13.37 -9.50 7.08
CA SER A 4 -14.53 -8.63 7.08
C SER A 4 -14.91 -8.18 5.67
N ALA A 5 -16.19 -7.89 5.51
CA ALA A 5 -16.73 -7.37 4.26
C ALA A 5 -16.33 -5.89 4.07
N LYS A 6 -16.22 -5.17 5.20
CA LYS A 6 -15.76 -3.77 5.21
C LYS A 6 -14.33 -3.68 4.68
N GLN A 7 -14.03 -2.64 3.92
CA GLN A 7 -12.71 -2.48 3.30
C GLN A 7 -11.65 -1.93 4.26
N GLU A 8 -11.77 -2.27 5.53
CA GLU A 8 -10.74 -1.95 6.53
C GLU A 8 -9.58 -2.96 6.44
N GLU A 9 -9.63 -3.85 5.43
CA GLU A 9 -8.58 -4.85 5.20
C GLU A 9 -7.60 -4.35 4.17
N LEU A 10 -8.17 -3.72 3.12
CA LEU A 10 -7.42 -3.10 2.03
C LEU A 10 -6.34 -2.13 2.56
N VAL A 11 -6.54 -1.61 3.78
CA VAL A 11 -5.56 -0.74 4.43
C VAL A 11 -4.36 -1.57 4.93
N LYS A 12 -4.61 -2.67 5.68
CA LYS A 12 -3.52 -3.54 6.18
C LYS A 12 -2.66 -4.05 5.04
N ALA A 13 -3.33 -4.40 3.94
CA ALA A 13 -2.67 -4.85 2.72
C ALA A 13 -1.80 -3.75 2.13
N PHE A 14 -2.37 -2.55 1.96
CA PHE A 14 -1.67 -1.40 1.40
C PHE A 14 -0.36 -1.09 2.16
N LYS A 15 -0.45 -0.94 3.49
CA LYS A 15 0.73 -0.66 4.33
C LYS A 15 1.81 -1.73 4.14
N ALA A 16 1.41 -3.01 4.21
CA ALA A 16 2.34 -4.13 4.08
C ALA A 16 3.02 -4.17 2.70
N LEU A 17 2.22 -4.02 1.64
CA LEU A 17 2.75 -4.02 0.25
C LEU A 17 3.86 -3.00 0.08
N LEU A 18 3.64 -1.79 0.57
CA LEU A 18 4.62 -0.70 0.47
C LEU A 18 5.85 -0.98 1.34
N LYS A 19 5.60 -1.23 2.63
CA LYS A 19 6.67 -1.44 3.62
C LYS A 19 7.53 -2.69 3.31
N GLU A 20 7.08 -3.54 2.40
CA GLU A 20 7.85 -4.73 1.99
C GLU A 20 8.99 -4.37 1.00
N GLU A 21 8.94 -3.16 0.42
CA GLU A 21 9.95 -2.68 -0.52
C GLU A 21 10.03 -3.58 -1.77
N LYS A 22 9.02 -3.48 -2.63
CA LYS A 22 8.92 -4.31 -3.83
C LYS A 22 8.39 -3.53 -5.04
N PHE A 23 7.25 -2.89 -4.85
CA PHE A 23 6.55 -2.17 -5.92
C PHE A 23 7.17 -0.81 -6.22
N SER A 24 7.37 -0.54 -7.50
CA SER A 24 7.98 0.72 -7.96
C SER A 24 6.95 1.70 -8.52
N SER A 25 5.71 1.27 -8.72
CA SER A 25 4.67 2.14 -9.26
C SER A 25 3.29 1.79 -8.70
N GLN A 26 2.39 2.78 -8.79
CA GLN A 26 0.99 2.63 -8.36
C GLN A 26 0.32 1.46 -9.08
N GLY A 27 0.38 1.51 -10.41
CA GLY A 27 -0.19 0.46 -11.27
C GLY A 27 0.31 -0.95 -10.96
N GLU A 28 1.49 -1.06 -10.35
CA GLU A 28 2.04 -2.36 -9.94
C GLU A 28 1.33 -2.88 -8.68
N ILE A 29 1.28 -2.04 -7.64
CA ILE A 29 0.59 -2.40 -6.37
C ILE A 29 -0.94 -2.53 -6.59
N VAL A 30 -1.44 -1.94 -7.70
CA VAL A 30 -2.85 -2.09 -8.10
C VAL A 30 -3.17 -3.58 -8.35
N ALA A 31 -2.25 -4.26 -9.04
CA ALA A 31 -2.39 -5.69 -9.32
C ALA A 31 -2.10 -6.54 -8.08
N ALA A 32 -1.12 -6.11 -7.28
CA ALA A 32 -0.74 -6.83 -6.05
C ALA A 32 -1.93 -7.07 -5.12
N LEU A 33 -2.78 -6.05 -4.95
CA LEU A 33 -3.98 -6.17 -4.11
C LEU A 33 -5.04 -7.08 -4.77
N GLN A 34 -5.07 -7.11 -6.10
CA GLN A 34 -6.00 -8.01 -6.82
C GLN A 34 -5.61 -9.48 -6.56
N GLU A 35 -4.31 -9.73 -6.41
CA GLU A 35 -3.79 -11.07 -6.08
C GLU A 35 -4.06 -11.41 -4.61
N GLN A 36 -3.98 -10.40 -3.73
CA GLN A 36 -4.20 -10.57 -2.28
C GLN A 36 -5.61 -11.12 -1.99
N GLY A 37 -6.63 -10.38 -2.40
CA GLY A 37 -8.00 -10.80 -2.16
C GLY A 37 -9.03 -9.71 -2.40
N PHE A 38 -8.67 -8.72 -3.22
CA PHE A 38 -9.56 -7.58 -3.51
C PHE A 38 -9.97 -7.55 -4.99
N ASP A 39 -11.02 -6.80 -5.29
CA ASP A 39 -11.55 -6.68 -6.64
C ASP A 39 -12.24 -5.32 -6.80
N ASN A 40 -11.97 -4.68 -7.92
CA ASN A 40 -12.47 -3.34 -8.26
C ASN A 40 -11.46 -2.28 -7.79
N ILE A 41 -10.18 -2.65 -7.80
CA ILE A 41 -9.10 -1.78 -7.38
C ILE A 41 -8.43 -1.16 -8.61
N ASN A 42 -8.31 0.17 -8.61
CA ASN A 42 -7.74 0.91 -9.76
C ASN A 42 -6.65 1.91 -9.33
N GLN A 43 -6.17 2.67 -10.32
CA GLN A 43 -5.08 3.66 -10.14
C GLN A 43 -5.44 4.75 -9.11
N SER A 44 -6.59 5.40 -9.30
CA SER A 44 -7.04 6.49 -8.42
C SER A 44 -7.14 6.03 -6.95
N LYS A 45 -7.60 4.79 -6.76
CA LYS A 45 -7.71 4.17 -5.42
C LYS A 45 -6.32 4.02 -4.78
N VAL A 46 -5.29 3.80 -5.61
CA VAL A 46 -3.91 3.61 -5.15
C VAL A 46 -3.23 4.97 -4.88
N SER A 47 -3.29 5.89 -5.85
CA SER A 47 -2.69 7.22 -5.70
C SER A 47 -3.25 7.96 -4.48
N ARG A 48 -4.55 7.79 -4.21
CA ARG A 48 -5.19 8.40 -3.04
C ARG A 48 -4.61 7.84 -1.73
N MET A 49 -4.31 6.53 -1.72
CA MET A 49 -3.73 5.89 -0.52
C MET A 49 -2.25 6.26 -0.34
N LEU A 50 -1.52 6.43 -1.45
CA LEU A 50 -0.11 6.83 -1.40
C LEU A 50 0.06 8.23 -0.79
N THR A 51 -0.82 9.15 -1.17
CA THR A 51 -0.81 10.52 -0.63
C THR A 51 -1.45 10.56 0.77
N LYS A 52 -2.48 9.74 1.00
CA LYS A 52 -3.18 9.67 2.29
C LYS A 52 -2.26 9.11 3.38
N PHE A 53 -1.58 7.99 3.09
CA PHE A 53 -0.67 7.35 4.05
C PHE A 53 0.71 8.03 4.06
N GLY A 54 1.09 8.65 2.94
CA GLY A 54 2.38 9.32 2.85
C GLY A 54 3.51 8.36 2.49
N ALA A 55 3.42 7.78 1.30
CA ALA A 55 4.46 6.85 0.81
C ALA A 55 5.67 7.61 0.27
N VAL A 56 6.84 6.99 0.39
CA VAL A 56 8.10 7.59 -0.08
C VAL A 56 8.89 6.60 -0.93
N ARG A 57 9.53 7.11 -1.98
CA ARG A 57 10.35 6.28 -2.86
C ARG A 57 11.75 6.10 -2.23
N THR A 58 12.27 4.88 -2.26
CA THR A 58 13.57 4.58 -1.64
C THR A 58 14.29 3.45 -2.37
N ARG A 59 15.58 3.27 -2.06
CA ARG A 59 16.39 2.21 -2.67
C ARG A 59 16.03 0.85 -2.06
N ASN A 60 15.79 -0.11 -2.94
CA ASN A 60 15.45 -1.49 -2.57
C ASN A 60 16.70 -2.27 -2.16
N ALA A 61 16.58 -3.59 -2.02
CA ALA A 61 17.71 -4.45 -1.67
C ALA A 61 18.72 -4.55 -2.83
N LYS A 62 18.25 -4.23 -4.05
CA LYS A 62 19.10 -4.25 -5.25
C LYS A 62 19.01 -2.91 -6.02
N MET A 63 19.14 -1.80 -5.28
CA MET A 63 19.20 -0.44 -5.85
C MET A 63 17.95 0.00 -6.63
N GLU A 64 16.83 -0.73 -6.53
CA GLU A 64 15.59 -0.33 -7.25
C GLU A 64 14.88 0.79 -6.49
N MET A 65 14.50 1.85 -7.21
CA MET A 65 13.80 3.00 -6.61
C MET A 65 12.31 2.66 -6.43
N VAL A 66 11.99 1.85 -5.42
CA VAL A 66 10.62 1.39 -5.16
C VAL A 66 9.91 2.23 -4.10
N TYR A 67 8.61 1.99 -3.96
CA TYR A 67 7.77 2.65 -2.97
C TYR A 67 7.87 1.97 -1.61
N CYS A 68 7.92 2.78 -0.55
CA CYS A 68 7.94 2.31 0.83
C CYS A 68 7.16 3.28 1.72
N LEU A 69 7.02 2.91 2.97
CA LEU A 69 6.26 3.72 3.93
C LEU A 69 7.14 4.10 5.13
N PRO A 70 7.02 5.36 5.64
CA PRO A 70 7.76 5.82 6.84
C PRO A 70 7.38 5.02 8.11
N ALA A 71 7.65 5.61 9.26
CA ALA A 71 7.36 4.98 10.55
C ALA A 71 5.86 5.10 10.92
N GLU A 72 5.03 4.56 10.03
CA GLU A 72 3.57 4.55 10.18
C GLU A 72 2.99 5.94 10.50
N LEU A 73 3.30 6.91 9.62
CA LEU A 73 2.80 8.29 9.77
C LEU A 73 1.49 8.46 8.99
N GLY A 74 0.39 8.02 9.60
CA GLY A 74 -0.91 8.12 8.96
C GLY A 74 -1.98 7.49 9.82
N VAL A 75 -3.09 8.21 10.02
CA VAL A 75 -4.19 7.76 10.89
C VAL A 75 -3.76 7.79 12.36
N PRO A 76 -4.33 8.73 13.17
CA PRO A 76 -3.97 8.88 14.60
C PRO A 76 -3.99 7.55 15.37
N THR A 77 -2.84 7.19 15.92
CA THR A 77 -2.70 5.93 16.68
C THR A 77 -3.53 5.98 17.97
N THR A 78 -4.25 4.89 18.24
CA THR A 78 -5.11 4.77 19.43
C THR A 78 -5.39 3.29 19.72
N MET A 1 -28.80 -7.83 8.63
CA MET A 1 -27.84 -7.43 9.69
C MET A 1 -26.46 -8.02 9.43
N ARG A 2 -25.71 -7.38 8.54
CA ARG A 2 -24.34 -7.81 8.19
C ARG A 2 -23.35 -6.68 8.49
N SER A 3 -22.92 -6.60 9.76
CA SER A 3 -21.99 -5.56 10.21
C SER A 3 -20.54 -5.89 9.84
N SER A 4 -20.22 -7.17 9.68
CA SER A 4 -18.87 -7.61 9.33
C SER A 4 -18.60 -7.46 7.83
N ALA A 5 -18.15 -6.26 7.43
CA ALA A 5 -17.82 -5.97 6.04
C ALA A 5 -16.40 -6.44 5.70
N LYS A 6 -15.48 -6.28 6.66
CA LYS A 6 -14.09 -6.72 6.54
C LYS A 6 -13.31 -5.99 5.44
N GLN A 7 -13.76 -4.78 5.09
CA GLN A 7 -13.08 -3.96 4.08
C GLN A 7 -11.90 -3.20 4.69
N GLU A 8 -11.87 -3.12 6.03
CA GLU A 8 -10.77 -2.44 6.76
C GLU A 8 -9.49 -3.32 6.77
N GLU A 9 -9.33 -4.09 5.69
CA GLU A 9 -8.18 -4.98 5.49
C GLU A 9 -7.30 -4.43 4.38
N LEU A 10 -7.93 -3.75 3.40
CA LEU A 10 -7.23 -3.10 2.29
C LEU A 10 -6.12 -2.16 2.80
N VAL A 11 -6.34 -1.61 3.99
CA VAL A 11 -5.32 -0.76 4.63
C VAL A 11 -4.13 -1.58 5.12
N LYS A 12 -4.38 -2.72 5.80
CA LYS A 12 -3.28 -3.60 6.24
C LYS A 12 -2.46 -4.09 5.05
N ALA A 13 -3.17 -4.47 3.98
CA ALA A 13 -2.55 -4.91 2.74
C ALA A 13 -1.72 -3.80 2.09
N PHE A 14 -2.34 -2.61 1.92
CA PHE A 14 -1.66 -1.46 1.30
C PHE A 14 -0.33 -1.12 2.00
N LYS A 15 -0.40 -0.82 3.30
CA LYS A 15 0.78 -0.51 4.10
C LYS A 15 1.85 -1.61 4.03
N ALA A 16 1.44 -2.88 4.13
CA ALA A 16 2.35 -4.03 4.07
C ALA A 16 3.10 -4.11 2.74
N LEU A 17 2.35 -4.03 1.62
CA LEU A 17 2.93 -4.06 0.27
C LEU A 17 4.05 -3.03 0.10
N LEU A 18 3.78 -1.81 0.58
CA LEU A 18 4.74 -0.71 0.51
C LEU A 18 5.94 -0.95 1.43
N LYS A 19 5.66 -1.15 2.73
CA LYS A 19 6.72 -1.33 3.73
C LYS A 19 7.69 -2.49 3.39
N GLU A 20 7.24 -3.44 2.57
CA GLU A 20 8.08 -4.58 2.14
C GLU A 20 9.16 -4.13 1.13
N GLU A 21 8.97 -2.96 0.50
CA GLU A 21 9.93 -2.39 -0.46
C GLU A 21 10.05 -3.25 -1.72
N LYS A 22 9.03 -3.18 -2.60
CA LYS A 22 8.99 -3.98 -3.83
C LYS A 22 8.43 -3.18 -5.02
N PHE A 23 7.19 -2.71 -4.88
CA PHE A 23 6.49 -2.00 -5.96
C PHE A 23 7.07 -0.62 -6.22
N SER A 24 7.37 -0.33 -7.50
CA SER A 24 7.97 0.95 -7.91
C SER A 24 6.92 1.99 -8.31
N SER A 25 5.79 1.53 -8.83
CA SER A 25 4.70 2.44 -9.27
C SER A 25 3.34 1.99 -8.72
N GLN A 26 2.34 2.87 -8.90
CA GLN A 26 0.96 2.62 -8.43
C GLN A 26 0.37 1.36 -9.07
N GLY A 27 0.30 1.36 -10.41
CA GLY A 27 -0.26 0.24 -11.17
C GLY A 27 0.21 -1.15 -10.73
N GLU A 28 1.47 -1.25 -10.30
CA GLU A 28 2.05 -2.52 -9.84
C GLU A 28 1.39 -3.00 -8.53
N ILE A 29 1.17 -2.08 -7.58
CA ILE A 29 0.50 -2.44 -6.32
C ILE A 29 -1.01 -2.59 -6.52
N VAL A 30 -1.56 -1.94 -7.57
CA VAL A 30 -2.98 -2.09 -7.94
C VAL A 30 -3.28 -3.56 -8.29
N ALA A 31 -2.40 -4.14 -9.13
CA ALA A 31 -2.51 -5.55 -9.53
C ALA A 31 -2.28 -6.49 -8.35
N ALA A 32 -1.26 -6.19 -7.54
CA ALA A 32 -0.90 -7.02 -6.37
C ALA A 32 -2.10 -7.26 -5.42
N LEU A 33 -2.83 -6.20 -5.08
CA LEU A 33 -4.00 -6.31 -4.19
C LEU A 33 -5.13 -7.14 -4.84
N GLN A 34 -5.20 -7.15 -6.17
CA GLN A 34 -6.20 -7.96 -6.86
C GLN A 34 -5.88 -9.47 -6.75
N GLU A 35 -4.59 -9.78 -6.51
CA GLU A 35 -4.15 -11.15 -6.28
C GLU A 35 -4.29 -11.52 -4.80
N GLN A 36 -4.22 -10.51 -3.93
CA GLN A 36 -4.35 -10.69 -2.47
C GLN A 36 -5.79 -11.08 -2.09
N GLY A 37 -6.75 -10.21 -2.43
CA GLY A 37 -8.15 -10.47 -2.14
C GLY A 37 -9.00 -9.22 -2.17
N PHE A 38 -8.72 -8.33 -3.13
CA PHE A 38 -9.47 -7.07 -3.26
C PHE A 38 -9.92 -6.87 -4.71
N ASP A 39 -11.22 -7.01 -4.94
CA ASP A 39 -11.81 -6.88 -6.29
C ASP A 39 -12.52 -5.53 -6.47
N ASN A 40 -12.02 -4.51 -5.81
CA ASN A 40 -12.56 -3.16 -5.91
C ASN A 40 -11.45 -2.15 -5.69
N ILE A 41 -10.45 -2.18 -6.57
CA ILE A 41 -9.27 -1.34 -6.48
C ILE A 41 -8.79 -0.93 -7.87
N ASN A 42 -8.38 0.33 -8.00
CA ASN A 42 -7.87 0.88 -9.27
C ASN A 42 -6.70 1.85 -9.02
N GLN A 43 -6.09 2.35 -10.11
CA GLN A 43 -4.95 3.27 -10.03
C GLN A 43 -5.27 4.54 -9.21
N SER A 44 -6.50 5.04 -9.33
CA SER A 44 -6.92 6.25 -8.62
C SER A 44 -6.94 6.04 -7.10
N LYS A 45 -7.48 4.91 -6.65
CA LYS A 45 -7.52 4.57 -5.22
C LYS A 45 -6.10 4.34 -4.67
N VAL A 46 -5.22 3.82 -5.52
CA VAL A 46 -3.82 3.54 -5.16
C VAL A 46 -2.99 4.82 -5.06
N SER A 47 -3.16 5.75 -6.02
CA SER A 47 -2.47 7.04 -5.98
C SER A 47 -2.97 7.91 -4.81
N ARG A 48 -4.27 7.81 -4.53
CA ARG A 48 -4.88 8.54 -3.41
C ARG A 48 -4.39 7.96 -2.07
N MET A 49 -4.36 6.61 -1.97
CA MET A 49 -3.86 5.94 -0.76
C MET A 49 -2.37 6.22 -0.53
N LEU A 50 -1.58 6.31 -1.62
CA LEU A 50 -0.15 6.63 -1.53
C LEU A 50 0.08 8.00 -0.87
N THR A 51 -0.67 9.02 -1.31
CA THR A 51 -0.57 10.37 -0.75
C THR A 51 -1.27 10.46 0.62
N LYS A 52 -2.37 9.73 0.79
CA LYS A 52 -3.14 9.72 2.05
C LYS A 52 -2.30 9.11 3.19
N PHE A 53 -1.72 7.93 2.93
CA PHE A 53 -0.89 7.24 3.92
C PHE A 53 0.48 7.89 4.10
N GLY A 54 0.99 8.54 3.04
CA GLY A 54 2.29 9.20 3.10
C GLY A 54 3.43 8.26 2.71
N ALA A 55 3.33 7.70 1.51
CA ALA A 55 4.35 6.77 0.99
C ALA A 55 5.57 7.52 0.47
N VAL A 56 6.75 6.93 0.67
CA VAL A 56 8.02 7.49 0.23
C VAL A 56 8.81 6.48 -0.60
N ARG A 57 9.39 6.94 -1.70
CA ARG A 57 10.18 6.08 -2.59
C ARG A 57 11.64 6.03 -2.13
N THR A 58 12.20 4.82 -2.02
CA THR A 58 13.59 4.64 -1.59
C THR A 58 14.15 3.28 -2.06
N ARG A 59 15.43 3.06 -1.76
CA ARG A 59 16.13 1.83 -2.16
C ARG A 59 15.69 0.61 -1.32
N ASN A 60 15.51 -0.54 -1.99
CA ASN A 60 15.11 -1.79 -1.31
C ASN A 60 16.30 -2.76 -1.20
N ALA A 61 15.98 -4.06 -1.03
CA ALA A 61 17.01 -5.11 -0.89
C ALA A 61 17.94 -5.22 -2.12
N LYS A 62 17.42 -4.90 -3.31
CA LYS A 62 18.22 -4.95 -4.54
C LYS A 62 18.53 -3.57 -5.10
N MET A 63 18.56 -2.56 -4.22
CA MET A 63 18.93 -1.18 -4.58
C MET A 63 17.93 -0.51 -5.54
N GLU A 64 16.71 -1.08 -5.66
CA GLU A 64 15.68 -0.51 -6.53
C GLU A 64 14.94 0.63 -5.83
N MET A 65 14.76 1.75 -6.53
CA MET A 65 14.03 2.90 -5.97
C MET A 65 12.52 2.66 -6.04
N VAL A 66 12.01 1.90 -5.07
CA VAL A 66 10.59 1.51 -5.02
C VAL A 66 9.81 2.25 -3.93
N TYR A 67 8.49 2.11 -3.98
CA TYR A 67 7.58 2.70 -3.00
C TYR A 67 7.69 2.01 -1.65
N CYS A 68 7.77 2.81 -0.60
CA CYS A 68 7.89 2.31 0.76
C CYS A 68 7.00 3.13 1.69
N LEU A 69 6.68 2.58 2.84
CA LEU A 69 5.85 3.25 3.84
C LEU A 69 6.66 3.55 5.08
N PRO A 70 6.37 4.68 5.75
CA PRO A 70 7.02 5.03 7.02
C PRO A 70 6.79 3.98 8.13
N ALA A 71 7.07 4.40 9.36
CA ALA A 71 6.84 3.58 10.56
C ALA A 71 5.35 3.59 10.95
N GLU A 72 5.09 3.62 12.25
CA GLU A 72 3.71 3.66 12.78
C GLU A 72 3.03 4.98 12.40
N LEU A 73 2.24 4.94 11.32
CA LEU A 73 1.55 6.13 10.80
C LEU A 73 0.41 5.71 9.88
N GLY A 74 -0.77 6.29 10.10
CA GLY A 74 -1.94 5.98 9.28
C GLY A 74 -2.70 4.75 9.75
N VAL A 75 -2.79 4.57 11.07
CA VAL A 75 -3.50 3.44 11.67
C VAL A 75 -4.25 3.89 12.93
N PRO A 76 -5.60 3.71 12.97
CA PRO A 76 -6.42 4.12 14.12
C PRO A 76 -6.42 3.07 15.24
N THR A 77 -5.22 2.66 15.66
CA THR A 77 -5.07 1.66 16.74
C THR A 77 -3.57 1.52 17.09
N THR A 78 -2.92 2.63 17.41
CA THR A 78 -1.49 2.65 17.76
C THR A 78 -1.15 3.87 18.62
N MET A 1 -13.47 -21.66 2.32
CA MET A 1 -13.49 -21.90 3.80
C MET A 1 -14.38 -20.87 4.50
N ARG A 2 -13.77 -19.75 4.93
CA ARG A 2 -14.50 -18.69 5.64
C ARG A 2 -14.02 -17.31 5.18
N SER A 3 -14.92 -16.53 4.59
CA SER A 3 -14.61 -15.17 4.13
C SER A 3 -14.81 -14.16 5.26
N SER A 4 -13.71 -13.78 5.91
CA SER A 4 -13.72 -12.83 7.03
C SER A 4 -12.72 -11.70 6.77
N ALA A 5 -13.23 -10.59 6.24
CA ALA A 5 -12.40 -9.44 5.92
C ALA A 5 -13.23 -8.19 5.64
N LYS A 6 -13.04 -7.16 6.46
CA LYS A 6 -13.68 -5.85 6.25
C LYS A 6 -12.89 -5.09 5.17
N GLN A 7 -13.13 -3.77 5.07
CA GLN A 7 -12.35 -2.95 4.13
C GLN A 7 -11.04 -2.48 4.76
N GLU A 8 -10.92 -2.63 6.08
CA GLU A 8 -9.68 -2.29 6.80
C GLU A 8 -8.54 -3.28 6.44
N GLU A 9 -8.85 -4.23 5.55
CA GLU A 9 -7.89 -5.23 5.09
C GLU A 9 -7.11 -4.67 3.91
N LEU A 10 -7.82 -3.93 3.04
CA LEU A 10 -7.20 -3.25 1.91
C LEU A 10 -6.20 -2.19 2.42
N VAL A 11 -6.57 -1.55 3.54
CA VAL A 11 -5.72 -0.53 4.17
C VAL A 11 -4.49 -1.16 4.86
N LYS A 12 -4.71 -2.21 5.67
CA LYS A 12 -3.60 -2.90 6.36
C LYS A 12 -2.67 -3.60 5.33
N ALA A 13 -3.26 -4.12 4.26
CA ALA A 13 -2.51 -4.76 3.18
C ALA A 13 -1.71 -3.72 2.39
N PHE A 14 -2.34 -2.56 2.14
CA PHE A 14 -1.70 -1.45 1.42
C PHE A 14 -0.38 -1.04 2.08
N LYS A 15 -0.42 -0.81 3.41
CA LYS A 15 0.78 -0.45 4.18
C LYS A 15 1.86 -1.54 4.07
N ALA A 16 1.43 -2.80 4.23
CA ALA A 16 2.32 -3.96 4.17
C ALA A 16 3.02 -4.07 2.80
N LEU A 17 2.24 -3.93 1.72
CA LEU A 17 2.78 -3.98 0.35
C LEU A 17 3.92 -2.99 0.16
N LEU A 18 3.70 -1.76 0.61
CA LEU A 18 4.70 -0.69 0.49
C LEU A 18 5.92 -0.96 1.39
N LYS A 19 5.66 -1.26 2.66
CA LYS A 19 6.73 -1.50 3.64
C LYS A 19 7.62 -2.70 3.29
N GLU A 20 7.14 -3.60 2.41
CA GLU A 20 7.95 -4.73 1.94
C GLU A 20 9.08 -4.28 0.99
N GLU A 21 8.95 -3.07 0.42
CA GLU A 21 9.95 -2.50 -0.51
C GLU A 21 10.07 -3.37 -1.77
N LYS A 22 9.03 -3.35 -2.61
CA LYS A 22 8.99 -4.16 -3.83
C LYS A 22 8.38 -3.40 -5.01
N PHE A 23 7.21 -2.80 -4.79
CA PHE A 23 6.47 -2.13 -5.87
C PHE A 23 7.05 -0.77 -6.22
N SER A 24 7.22 -0.54 -7.52
CA SER A 24 7.81 0.71 -8.04
C SER A 24 6.75 1.71 -8.51
N SER A 25 5.57 1.22 -8.91
CA SER A 25 4.51 2.10 -9.40
C SER A 25 3.16 1.75 -8.75
N GLN A 26 2.18 2.64 -8.95
CA GLN A 26 0.82 2.47 -8.44
C GLN A 26 0.18 1.21 -9.04
N GLY A 27 0.13 1.16 -10.36
CA GLY A 27 -0.43 0.02 -11.08
C GLY A 27 0.18 -1.33 -10.70
N GLU A 28 1.43 -1.33 -10.21
CA GLU A 28 2.08 -2.57 -9.78
C GLU A 28 1.46 -3.09 -8.47
N ILE A 29 1.21 -2.20 -7.51
CA ILE A 29 0.57 -2.58 -6.25
C ILE A 29 -0.94 -2.82 -6.45
N VAL A 30 -1.51 -2.23 -7.53
CA VAL A 30 -2.89 -2.48 -7.92
C VAL A 30 -3.08 -3.97 -8.24
N ALA A 31 -2.23 -4.47 -9.15
CA ALA A 31 -2.26 -5.89 -9.54
C ALA A 31 -1.96 -6.81 -8.36
N ALA A 32 -1.03 -6.39 -7.49
CA ALA A 32 -0.65 -7.17 -6.29
C ALA A 32 -1.84 -7.39 -5.34
N LEU A 33 -2.64 -6.34 -5.11
CA LEU A 33 -3.83 -6.45 -4.24
C LEU A 33 -4.91 -7.31 -4.92
N GLN A 34 -5.00 -7.25 -6.27
CA GLN A 34 -5.94 -8.09 -7.02
C GLN A 34 -5.59 -9.59 -6.86
N GLU A 35 -4.28 -9.89 -6.73
CA GLU A 35 -3.82 -11.25 -6.48
C GLU A 35 -4.16 -11.68 -5.04
N GLN A 36 -4.13 -10.71 -4.11
CA GLN A 36 -4.44 -10.96 -2.70
C GLN A 36 -5.93 -11.27 -2.51
N GLY A 37 -6.79 -10.30 -2.80
CA GLY A 37 -8.22 -10.49 -2.66
C GLY A 37 -9.02 -9.20 -2.72
N PHE A 38 -8.59 -8.27 -3.57
CA PHE A 38 -9.26 -6.98 -3.74
C PHE A 38 -9.45 -6.67 -5.22
N ASP A 39 -10.69 -6.77 -5.70
CA ASP A 39 -11.00 -6.51 -7.12
C ASP A 39 -11.50 -5.09 -7.36
N ASN A 40 -12.14 -4.55 -6.34
CA ASN A 40 -12.68 -3.19 -6.37
C ASN A 40 -11.58 -2.14 -6.12
N ILE A 41 -10.44 -2.32 -6.79
CA ILE A 41 -9.29 -1.41 -6.65
C ILE A 41 -8.97 -0.78 -8.00
N ASN A 42 -8.62 0.50 -7.97
CA ASN A 42 -8.27 1.26 -9.18
C ASN A 42 -7.00 2.10 -8.95
N GLN A 43 -6.39 2.57 -10.05
CA GLN A 43 -5.15 3.37 -9.98
C GLN A 43 -5.32 4.65 -9.14
N SER A 44 -6.45 5.34 -9.33
CA SER A 44 -6.76 6.57 -8.58
C SER A 44 -6.75 6.33 -7.07
N LYS A 45 -7.46 5.28 -6.63
CA LYS A 45 -7.52 4.89 -5.21
C LYS A 45 -6.14 4.55 -4.66
N VAL A 46 -5.30 3.91 -5.48
CA VAL A 46 -3.93 3.54 -5.12
C VAL A 46 -3.05 4.80 -4.98
N SER A 47 -3.30 5.80 -5.83
CA SER A 47 -2.59 7.08 -5.75
C SER A 47 -3.07 7.88 -4.52
N ARG A 48 -4.38 7.79 -4.23
CA ARG A 48 -4.97 8.46 -3.06
C ARG A 48 -4.40 7.89 -1.76
N MET A 49 -4.32 6.56 -1.70
CA MET A 49 -3.76 5.87 -0.54
C MET A 49 -2.26 6.16 -0.39
N LEU A 50 -1.55 6.28 -1.52
CA LEU A 50 -0.11 6.63 -1.49
C LEU A 50 0.12 8.00 -0.85
N THR A 51 -0.74 8.96 -1.21
CA THR A 51 -0.66 10.32 -0.66
C THR A 51 -1.17 10.35 0.79
N LYS A 52 -2.31 9.68 1.04
CA LYS A 52 -2.93 9.61 2.37
C LYS A 52 -2.01 8.96 3.41
N PHE A 53 -1.39 7.83 3.04
CA PHE A 53 -0.49 7.10 3.94
C PHE A 53 0.93 7.70 3.95
N GLY A 54 1.15 8.75 3.14
CA GLY A 54 2.45 9.42 3.09
C GLY A 54 3.60 8.54 2.64
N ALA A 55 3.41 7.82 1.54
CA ALA A 55 4.44 6.91 1.01
C ALA A 55 5.54 7.69 0.29
N VAL A 56 6.76 7.16 0.35
CA VAL A 56 7.93 7.78 -0.29
C VAL A 56 8.63 6.79 -1.24
N ARG A 57 9.20 7.31 -2.33
CA ARG A 57 9.92 6.49 -3.31
C ARG A 57 11.42 6.49 -2.99
N THR A 58 12.01 5.31 -2.82
CA THR A 58 13.44 5.22 -2.50
C THR A 58 14.04 3.87 -2.91
N ARG A 59 15.37 3.76 -2.76
CA ARG A 59 16.11 2.53 -3.10
C ARG A 59 15.89 1.45 -2.04
N ASN A 60 15.65 0.22 -2.48
CA ASN A 60 15.45 -0.92 -1.58
C ASN A 60 16.78 -1.67 -1.35
N ALA A 61 16.68 -2.97 -1.06
CA ALA A 61 17.87 -3.80 -0.81
C ALA A 61 18.67 -4.09 -2.09
N LYS A 62 18.00 -4.03 -3.25
CA LYS A 62 18.65 -4.31 -4.54
C LYS A 62 18.58 -3.13 -5.50
N MET A 63 18.99 -1.95 -5.02
CA MET A 63 19.07 -0.71 -5.80
C MET A 63 17.86 -0.43 -6.72
N GLU A 64 16.66 -0.79 -6.28
CA GLU A 64 15.46 -0.52 -7.07
C GLU A 64 14.63 0.58 -6.42
N MET A 65 14.22 1.57 -7.22
CA MET A 65 13.38 2.67 -6.72
C MET A 65 11.94 2.18 -6.51
N VAL A 66 11.56 2.00 -5.26
CA VAL A 66 10.25 1.47 -4.90
C VAL A 66 9.54 2.32 -3.84
N TYR A 67 8.23 2.16 -3.77
CA TYR A 67 7.38 2.83 -2.79
C TYR A 67 7.51 2.17 -1.42
N CYS A 68 7.79 2.96 -0.40
CA CYS A 68 7.89 2.48 0.98
C CYS A 68 7.21 3.46 1.93
N LEU A 69 7.05 3.05 3.18
CA LEU A 69 6.41 3.89 4.19
C LEU A 69 7.46 4.53 5.11
N PRO A 70 7.20 5.77 5.61
CA PRO A 70 8.11 6.48 6.55
C PRO A 70 8.32 5.73 7.88
N ALA A 71 8.43 6.51 8.96
CA ALA A 71 8.65 5.95 10.30
C ALA A 71 7.35 5.41 10.91
N GLU A 72 6.84 4.33 10.31
CA GLU A 72 5.62 3.65 10.75
C GLU A 72 4.45 4.63 10.99
N LEU A 73 3.79 5.05 9.91
CA LEU A 73 2.67 5.99 9.99
C LEU A 73 1.41 5.28 10.53
N GLY A 74 1.26 5.28 11.85
CA GLY A 74 0.13 4.65 12.50
C GLY A 74 0.24 4.70 14.01
N VAL A 75 0.06 5.90 14.58
CA VAL A 75 0.16 6.13 16.02
C VAL A 75 -1.03 6.94 16.55
N PRO A 76 -1.29 6.90 17.88
CA PRO A 76 -2.37 7.66 18.51
C PRO A 76 -2.00 9.13 18.69
N THR A 77 -2.37 9.95 17.71
CA THR A 77 -2.07 11.39 17.73
C THR A 77 -3.33 12.19 18.07
N THR A 78 -3.19 13.13 19.03
CA THR A 78 -4.30 13.96 19.48
C THR A 78 -3.83 15.40 19.73
N MET A 1 -20.93 -1.50 8.78
CA MET A 1 -20.01 -1.09 7.70
C MET A 1 -19.95 0.42 7.58
N ARG A 2 -18.78 1.00 7.89
CA ARG A 2 -18.59 2.45 7.79
C ARG A 2 -17.10 2.80 7.79
N SER A 3 -16.34 2.14 8.65
CA SER A 3 -14.89 2.39 8.76
C SER A 3 -14.15 1.19 9.38
N SER A 4 -14.60 0.76 10.57
CA SER A 4 -13.95 -0.32 11.31
C SER A 4 -14.34 -1.70 10.78
N ALA A 5 -13.39 -2.62 10.88
CA ALA A 5 -13.56 -4.04 10.49
C ALA A 5 -13.64 -4.22 8.98
N LYS A 6 -14.74 -3.76 8.39
CA LYS A 6 -14.99 -3.92 6.95
C LYS A 6 -14.06 -3.03 6.12
N GLN A 7 -13.30 -3.66 5.22
CA GLN A 7 -12.38 -3.01 4.31
C GLN A 7 -11.11 -2.45 4.98
N GLU A 8 -10.87 -2.81 6.24
CA GLU A 8 -9.60 -2.47 6.90
C GLU A 8 -8.51 -3.46 6.45
N GLU A 9 -8.89 -4.36 5.52
CA GLU A 9 -8.00 -5.39 4.99
C GLU A 9 -7.28 -4.89 3.74
N LEU A 10 -7.99 -4.11 2.91
CA LEU A 10 -7.38 -3.47 1.76
C LEU A 10 -6.31 -2.48 2.22
N VAL A 11 -6.52 -1.88 3.41
CA VAL A 11 -5.56 -0.94 3.98
C VAL A 11 -4.36 -1.66 4.62
N LYS A 12 -4.60 -2.60 5.55
CA LYS A 12 -3.49 -3.32 6.20
C LYS A 12 -2.56 -3.97 5.18
N ALA A 13 -3.18 -4.55 4.15
CA ALA A 13 -2.45 -5.14 3.01
C ALA A 13 -1.63 -4.07 2.28
N PHE A 14 -2.28 -2.93 1.94
CA PHE A 14 -1.63 -1.79 1.26
C PHE A 14 -0.34 -1.36 1.98
N LYS A 15 -0.48 -1.07 3.28
CA LYS A 15 0.67 -0.67 4.13
C LYS A 15 1.83 -1.67 4.02
N ALA A 16 1.49 -2.97 4.13
CA ALA A 16 2.47 -4.06 4.07
C ALA A 16 3.18 -4.13 2.71
N LEU A 17 2.41 -3.96 1.62
CA LEU A 17 2.97 -3.97 0.25
C LEU A 17 4.08 -2.94 0.09
N LEU A 18 3.83 -1.72 0.60
CA LEU A 18 4.81 -0.64 0.54
C LEU A 18 6.01 -0.92 1.46
N LYS A 19 5.71 -1.24 2.72
CA LYS A 19 6.74 -1.49 3.73
C LYS A 19 7.65 -2.69 3.38
N GLU A 20 7.21 -3.56 2.46
CA GLU A 20 8.02 -4.69 2.00
C GLU A 20 9.14 -4.22 1.05
N GLU A 21 8.94 -3.04 0.43
CA GLU A 21 9.91 -2.44 -0.49
C GLU A 21 10.11 -3.31 -1.74
N LYS A 22 9.09 -3.32 -2.61
CA LYS A 22 9.09 -4.12 -3.84
C LYS A 22 8.47 -3.35 -5.01
N PHE A 23 7.29 -2.78 -4.78
CA PHE A 23 6.54 -2.07 -5.82
C PHE A 23 7.10 -0.68 -6.09
N SER A 24 7.38 -0.39 -7.36
CA SER A 24 7.95 0.90 -7.77
C SER A 24 6.89 1.88 -8.27
N SER A 25 5.77 1.35 -8.76
CA SER A 25 4.69 2.18 -9.31
C SER A 25 3.34 1.83 -8.67
N GLN A 26 2.36 2.70 -8.91
CA GLN A 26 0.99 2.54 -8.41
C GLN A 26 0.34 1.28 -9.01
N GLY A 27 0.25 1.25 -10.35
CA GLY A 27 -0.33 0.11 -11.07
C GLY A 27 0.23 -1.26 -10.65
N GLU A 28 1.47 -1.29 -10.18
CA GLU A 28 2.11 -2.52 -9.70
C GLU A 28 1.40 -3.04 -8.43
N ILE A 29 1.17 -2.14 -7.46
CA ILE A 29 0.50 -2.51 -6.21
C ILE A 29 -1.03 -2.63 -6.40
N VAL A 30 -1.55 -2.04 -7.50
CA VAL A 30 -2.97 -2.18 -7.86
C VAL A 30 -3.28 -3.66 -8.19
N ALA A 31 -2.50 -4.22 -9.12
CA ALA A 31 -2.63 -5.62 -9.50
C ALA A 31 -2.28 -6.55 -8.33
N ALA A 32 -1.33 -6.12 -7.48
CA ALA A 32 -0.90 -6.91 -6.32
C ALA A 32 -2.06 -7.16 -5.33
N LEU A 33 -2.82 -6.12 -4.99
CA LEU A 33 -3.96 -6.26 -4.06
C LEU A 33 -5.14 -7.00 -4.75
N GLN A 34 -5.29 -6.84 -6.08
CA GLN A 34 -6.31 -7.59 -6.82
C GLN A 34 -6.05 -9.11 -6.73
N GLU A 35 -4.76 -9.49 -6.73
CA GLU A 35 -4.36 -10.88 -6.58
C GLU A 35 -4.47 -11.36 -5.12
N GLN A 36 -4.28 -10.42 -4.17
CA GLN A 36 -4.34 -10.72 -2.73
C GLN A 36 -5.74 -11.20 -2.31
N GLY A 37 -6.78 -10.50 -2.77
CA GLY A 37 -8.15 -10.87 -2.42
C GLY A 37 -9.11 -9.70 -2.42
N PHE A 38 -8.80 -8.64 -3.16
CA PHE A 38 -9.65 -7.43 -3.19
C PHE A 38 -10.23 -7.21 -4.59
N ASP A 39 -11.46 -6.68 -4.63
CA ASP A 39 -12.17 -6.38 -5.86
C ASP A 39 -12.72 -4.97 -5.80
N ASN A 40 -12.47 -4.25 -6.87
CA ASN A 40 -12.81 -2.81 -7.02
C ASN A 40 -11.60 -1.96 -6.65
N ILE A 41 -10.42 -2.45 -7.05
CA ILE A 41 -9.15 -1.77 -6.78
C ILE A 41 -8.63 -1.13 -8.06
N ASN A 42 -8.60 0.20 -8.05
CA ASN A 42 -8.18 1.00 -9.22
C ASN A 42 -6.94 1.85 -8.89
N GLN A 43 -6.30 2.37 -9.94
CA GLN A 43 -5.09 3.21 -9.77
C GLN A 43 -5.40 4.49 -8.98
N SER A 44 -6.64 4.99 -9.07
CA SER A 44 -7.08 6.18 -8.34
C SER A 44 -7.07 5.94 -6.83
N LYS A 45 -7.53 4.77 -6.40
CA LYS A 45 -7.53 4.38 -4.98
C LYS A 45 -6.10 4.15 -4.48
N VAL A 46 -5.24 3.65 -5.37
CA VAL A 46 -3.83 3.38 -5.06
C VAL A 46 -3.02 4.70 -5.01
N SER A 47 -3.27 5.61 -5.95
CA SER A 47 -2.59 6.91 -5.97
C SER A 47 -3.05 7.78 -4.79
N ARG A 48 -4.35 7.71 -4.45
CA ARG A 48 -4.90 8.47 -3.33
C ARG A 48 -4.36 7.96 -1.99
N MET A 49 -4.30 6.63 -1.82
CA MET A 49 -3.76 6.03 -0.59
C MET A 49 -2.27 6.35 -0.41
N LEU A 50 -1.52 6.47 -1.51
CA LEU A 50 -0.10 6.81 -1.46
C LEU A 50 0.10 8.22 -0.88
N THR A 51 -0.66 9.19 -1.40
CA THR A 51 -0.60 10.58 -0.91
C THR A 51 -1.20 10.68 0.51
N LYS A 52 -2.33 9.99 0.73
CA LYS A 52 -3.02 9.97 2.03
C LYS A 52 -2.09 9.47 3.15
N PHE A 53 -1.51 8.29 2.94
CA PHE A 53 -0.60 7.68 3.93
C PHE A 53 0.79 8.33 3.94
N GLY A 54 1.15 9.01 2.84
CA GLY A 54 2.44 9.67 2.74
C GLY A 54 3.58 8.72 2.44
N ALA A 55 3.44 7.94 1.36
CA ALA A 55 4.45 6.96 0.96
C ALA A 55 5.61 7.62 0.21
N VAL A 56 6.84 7.25 0.58
CA VAL A 56 8.06 7.76 -0.06
C VAL A 56 8.68 6.69 -0.96
N ARG A 57 9.57 7.11 -1.87
CA ARG A 57 10.26 6.16 -2.76
C ARG A 57 11.76 6.14 -2.41
N THR A 58 12.33 4.95 -2.32
CA THR A 58 13.75 4.83 -1.95
C THR A 58 14.35 3.48 -2.40
N ARG A 59 15.65 3.32 -2.15
CA ARG A 59 16.39 2.10 -2.48
C ARG A 59 16.04 0.98 -1.49
N ASN A 60 15.66 -0.19 -2.03
CA ASN A 60 15.30 -1.35 -1.21
C ASN A 60 16.53 -2.19 -0.84
N ALA A 61 16.35 -3.50 -0.72
CA ALA A 61 17.43 -4.42 -0.36
C ALA A 61 18.44 -4.65 -1.49
N LYS A 62 18.01 -4.42 -2.75
CA LYS A 62 18.89 -4.64 -3.91
C LYS A 62 18.99 -3.42 -4.83
N MET A 63 19.21 -2.24 -4.24
CA MET A 63 19.46 -0.99 -5.00
C MET A 63 18.34 -0.61 -5.98
N GLU A 64 17.10 -1.02 -5.71
CA GLU A 64 15.98 -0.70 -6.60
C GLU A 64 15.09 0.39 -5.97
N MET A 65 14.81 1.44 -6.76
CA MET A 65 13.95 2.54 -6.31
C MET A 65 12.49 2.08 -6.27
N VAL A 66 11.96 1.86 -5.07
CA VAL A 66 10.58 1.39 -4.89
C VAL A 66 9.86 2.19 -3.79
N TYR A 67 8.54 2.04 -3.76
CA TYR A 67 7.68 2.69 -2.76
C TYR A 67 7.87 2.06 -1.39
N CYS A 68 7.85 2.89 -0.35
CA CYS A 68 7.97 2.43 1.03
C CYS A 68 7.21 3.38 1.96
N LEU A 69 7.00 2.95 3.20
CA LEU A 69 6.25 3.75 4.16
C LEU A 69 7.16 4.32 5.26
N PRO A 70 7.10 5.66 5.47
CA PRO A 70 7.84 6.31 6.55
C PRO A 70 7.02 6.25 7.85
N ALA A 71 7.31 7.17 8.78
CA ALA A 71 6.53 7.27 10.02
C ALA A 71 5.14 7.83 9.70
N GLU A 72 4.19 7.66 10.63
CA GLU A 72 2.80 8.10 10.43
C GLU A 72 2.72 9.60 10.09
N LEU A 73 2.42 9.88 8.82
CA LEU A 73 2.32 11.25 8.31
C LEU A 73 0.85 11.63 8.12
N GLY A 74 0.31 12.31 9.12
CA GLY A 74 -1.08 12.74 9.09
C GLY A 74 -1.38 13.78 10.16
N VAL A 75 -1.15 13.41 11.42
CA VAL A 75 -1.35 14.31 12.56
C VAL A 75 -0.69 13.74 13.81
N PRO A 76 0.20 14.51 14.46
CA PRO A 76 0.91 14.08 15.68
C PRO A 76 0.02 14.13 16.92
N THR A 77 -0.82 13.11 17.09
CA THR A 77 -1.75 13.03 18.23
C THR A 77 -1.03 12.68 19.54
N THR A 78 0.15 12.06 19.43
CA THR A 78 0.96 11.68 20.59
C THR A 78 2.45 11.85 20.27
N MET A 1 -13.44 -2.21 20.54
CA MET A 1 -13.42 -3.54 19.87
C MET A 1 -13.62 -3.39 18.36
N ARG A 2 -12.57 -3.73 17.60
CA ARG A 2 -12.61 -3.64 16.14
C ARG A 2 -12.15 -4.96 15.52
N SER A 3 -12.89 -5.43 14.52
CA SER A 3 -12.57 -6.67 13.80
C SER A 3 -12.21 -6.34 12.35
N SER A 4 -13.17 -5.80 11.61
CA SER A 4 -12.97 -5.38 10.22
C SER A 4 -13.89 -4.20 9.91
N ALA A 5 -13.40 -2.98 10.15
CA ALA A 5 -14.17 -1.75 9.95
C ALA A 5 -14.16 -1.31 8.47
N LYS A 6 -15.07 -1.91 7.69
CA LYS A 6 -15.28 -1.58 6.29
C LYS A 6 -14.00 -1.56 5.44
N GLN A 7 -13.60 -2.75 4.99
CA GLN A 7 -12.44 -2.95 4.13
C GLN A 7 -11.14 -2.32 4.67
N GLU A 8 -10.94 -2.41 5.97
CA GLU A 8 -9.67 -1.95 6.58
C GLU A 8 -8.54 -2.94 6.28
N GLU A 9 -8.92 -4.11 5.76
CA GLU A 9 -7.99 -5.17 5.35
C GLU A 9 -7.20 -4.71 4.14
N LEU A 10 -7.87 -3.91 3.30
CA LEU A 10 -7.24 -3.27 2.15
C LEU A 10 -6.09 -2.37 2.62
N VAL A 11 -6.21 -1.85 3.85
CA VAL A 11 -5.15 -1.01 4.43
C VAL A 11 -3.99 -1.89 4.92
N LYS A 12 -4.28 -2.89 5.77
CA LYS A 12 -3.22 -3.81 6.27
C LYS A 12 -2.38 -4.36 5.11
N ALA A 13 -3.07 -4.74 4.02
CA ALA A 13 -2.42 -5.21 2.81
C ALA A 13 -1.61 -4.10 2.12
N PHE A 14 -2.26 -2.95 1.86
CA PHE A 14 -1.62 -1.78 1.21
C PHE A 14 -0.32 -1.39 1.93
N LYS A 15 -0.45 -1.02 3.20
CA LYS A 15 0.69 -0.64 4.06
C LYS A 15 1.82 -1.68 4.01
N ALA A 16 1.45 -2.97 4.10
CA ALA A 16 2.42 -4.08 4.05
C ALA A 16 3.18 -4.11 2.72
N LEU A 17 2.46 -4.01 1.59
CA LEU A 17 3.06 -4.02 0.24
C LEU A 17 4.15 -2.96 0.12
N LEU A 18 3.85 -1.76 0.60
CA LEU A 18 4.80 -0.63 0.56
C LEU A 18 5.99 -0.86 1.50
N LYS A 19 5.69 -1.15 2.76
CA LYS A 19 6.72 -1.33 3.80
C LYS A 19 7.67 -2.51 3.50
N GLU A 20 7.24 -3.46 2.66
CA GLU A 20 8.09 -4.58 2.27
C GLU A 20 9.12 -4.17 1.19
N GLU A 21 8.93 -2.97 0.60
CA GLU A 21 9.86 -2.42 -0.41
C GLU A 21 10.00 -3.33 -1.64
N LYS A 22 9.01 -3.29 -2.54
CA LYS A 22 9.00 -4.11 -3.76
C LYS A 22 8.44 -3.35 -4.96
N PHE A 23 7.28 -2.72 -4.77
CA PHE A 23 6.58 -2.01 -5.84
C PHE A 23 7.16 -0.63 -6.09
N SER A 24 7.41 -0.32 -7.35
CA SER A 24 8.02 0.96 -7.74
C SER A 24 6.98 1.97 -8.26
N SER A 25 5.82 1.48 -8.73
CA SER A 25 4.76 2.35 -9.23
C SER A 25 3.39 1.90 -8.70
N GLN A 26 2.40 2.79 -8.79
CA GLN A 26 1.02 2.52 -8.36
C GLN A 26 0.42 1.32 -9.11
N GLY A 27 0.44 1.42 -10.45
CA GLY A 27 -0.11 0.38 -11.33
C GLY A 27 0.25 -1.06 -10.94
N GLU A 28 1.43 -1.25 -10.35
CA GLU A 28 1.89 -2.58 -9.93
C GLU A 28 1.16 -3.04 -8.65
N ILE A 29 1.13 -2.17 -7.62
CA ILE A 29 0.46 -2.50 -6.34
C ILE A 29 -1.06 -2.59 -6.53
N VAL A 30 -1.57 -1.99 -7.61
CA VAL A 30 -2.98 -2.10 -7.99
C VAL A 30 -3.33 -3.56 -8.33
N ALA A 31 -2.41 -4.24 -9.01
CA ALA A 31 -2.60 -5.64 -9.39
C ALA A 31 -2.35 -6.57 -8.19
N ALA A 32 -1.34 -6.26 -7.38
CA ALA A 32 -0.98 -7.06 -6.20
C ALA A 32 -2.17 -7.27 -5.26
N LEU A 33 -2.86 -6.17 -4.90
CA LEU A 33 -4.02 -6.24 -4.01
C LEU A 33 -5.24 -6.90 -4.72
N GLN A 34 -5.26 -6.87 -6.06
CA GLN A 34 -6.36 -7.53 -6.80
C GLN A 34 -6.24 -9.06 -6.68
N GLU A 35 -5.01 -9.56 -6.75
CA GLU A 35 -4.73 -11.00 -6.58
C GLU A 35 -4.88 -11.43 -5.12
N GLN A 36 -4.63 -10.50 -4.18
CA GLN A 36 -4.75 -10.76 -2.74
C GLN A 36 -6.20 -11.10 -2.35
N GLY A 37 -7.10 -10.13 -2.57
CA GLY A 37 -8.50 -10.34 -2.24
C GLY A 37 -9.29 -9.05 -2.18
N PHE A 38 -8.94 -8.08 -3.04
CA PHE A 38 -9.61 -6.77 -3.04
C PHE A 38 -10.09 -6.42 -4.46
N ASP A 39 -11.42 -6.30 -4.62
CA ASP A 39 -12.02 -5.97 -5.93
C ASP A 39 -12.26 -4.45 -6.06
N ASN A 40 -12.11 -3.74 -4.96
CA ASN A 40 -12.29 -2.29 -4.91
C ASN A 40 -10.94 -1.60 -5.00
N ILE A 41 -10.17 -1.91 -6.06
CA ILE A 41 -8.84 -1.32 -6.25
C ILE A 41 -8.62 -0.93 -7.71
N ASN A 42 -8.00 0.23 -7.89
CA ASN A 42 -7.68 0.78 -9.22
C ASN A 42 -6.56 1.82 -9.10
N GLN A 43 -6.13 2.37 -10.25
CA GLN A 43 -5.05 3.37 -10.32
C GLN A 43 -5.26 4.55 -9.36
N SER A 44 -6.46 5.14 -9.40
CA SER A 44 -6.78 6.30 -8.54
C SER A 44 -6.75 5.92 -7.06
N LYS A 45 -7.48 4.87 -6.72
CA LYS A 45 -7.55 4.39 -5.33
C LYS A 45 -6.15 4.07 -4.75
N VAL A 46 -5.24 3.57 -5.59
CA VAL A 46 -3.87 3.26 -5.18
C VAL A 46 -3.04 4.55 -4.99
N SER A 47 -3.14 5.48 -5.95
CA SER A 47 -2.42 6.77 -5.84
C SER A 47 -2.97 7.62 -4.70
N ARG A 48 -4.27 7.47 -4.41
CA ARG A 48 -4.92 8.19 -3.30
C ARG A 48 -4.37 7.69 -1.95
N MET A 49 -4.34 6.37 -1.77
CA MET A 49 -3.80 5.76 -0.55
C MET A 49 -2.32 6.07 -0.37
N LEU A 50 -1.56 6.10 -1.47
CA LEU A 50 -0.14 6.46 -1.45
C LEU A 50 0.06 7.89 -0.94
N THR A 51 -0.83 8.80 -1.35
CA THR A 51 -0.79 10.20 -0.92
C THR A 51 -1.32 10.34 0.52
N LYS A 52 -2.46 9.68 0.80
CA LYS A 52 -3.09 9.70 2.14
C LYS A 52 -2.15 9.20 3.23
N PHE A 53 -1.54 8.03 2.99
CA PHE A 53 -0.59 7.43 3.93
C PHE A 53 0.78 8.10 3.89
N GLY A 54 0.98 9.03 2.93
CA GLY A 54 2.24 9.74 2.80
C GLY A 54 3.41 8.83 2.48
N ALA A 55 3.31 8.11 1.37
CA ALA A 55 4.33 7.16 0.94
C ALA A 55 5.53 7.88 0.33
N VAL A 56 6.72 7.35 0.62
CA VAL A 56 7.98 7.89 0.08
C VAL A 56 8.68 6.82 -0.77
N ARG A 57 9.70 7.22 -1.53
CA ARG A 57 10.44 6.28 -2.40
C ARG A 57 11.88 6.10 -1.91
N THR A 58 12.41 4.89 -2.06
CA THR A 58 13.79 4.59 -1.64
C THR A 58 14.37 3.43 -2.44
N ARG A 59 15.70 3.44 -2.62
CA ARG A 59 16.39 2.40 -3.38
C ARG A 59 16.55 1.12 -2.55
N ASN A 60 16.36 -0.02 -3.21
CA ASN A 60 16.53 -1.35 -2.59
C ASN A 60 17.91 -1.93 -2.94
N ALA A 61 18.13 -3.19 -2.59
CA ALA A 61 19.40 -3.88 -2.88
C ALA A 61 19.59 -4.16 -4.39
N LYS A 62 18.65 -3.67 -5.23
CA LYS A 62 18.72 -3.87 -6.68
C LYS A 62 18.68 -2.54 -7.44
N MET A 63 18.96 -1.43 -6.77
CA MET A 63 19.00 -0.09 -7.40
C MET A 63 17.60 0.42 -7.79
N GLU A 64 16.55 -0.35 -7.49
CA GLU A 64 15.18 0.03 -7.82
C GLU A 64 14.63 1.02 -6.79
N MET A 65 14.34 2.25 -7.23
CA MET A 65 13.75 3.28 -6.37
C MET A 65 12.26 2.99 -6.18
N VAL A 66 11.96 2.10 -5.23
CA VAL A 66 10.59 1.63 -4.99
C VAL A 66 9.87 2.42 -3.89
N TYR A 67 8.55 2.23 -3.84
CA TYR A 67 7.67 2.85 -2.84
C TYR A 67 7.84 2.18 -1.49
N CYS A 68 7.79 2.99 -0.44
CA CYS A 68 7.90 2.52 0.93
C CYS A 68 7.22 3.50 1.89
N LEU A 69 6.93 3.02 3.09
CA LEU A 69 6.33 3.86 4.12
C LEU A 69 7.40 4.33 5.11
N PRO A 70 7.27 5.56 5.66
CA PRO A 70 8.21 6.12 6.67
C PRO A 70 8.34 5.25 7.94
N ALA A 71 8.34 5.91 9.09
CA ALA A 71 8.42 5.23 10.40
C ALA A 71 7.18 4.34 10.66
N GLU A 72 6.94 4.04 11.94
CA GLU A 72 5.79 3.21 12.32
C GLU A 72 4.47 3.97 12.17
N LEU A 73 4.01 4.09 10.92
CA LEU A 73 2.80 4.83 10.59
C LEU A 73 1.58 3.90 10.45
N GLY A 74 1.16 3.32 11.57
CA GLY A 74 -0.05 2.49 11.57
C GLY A 74 -1.28 3.36 11.45
N VAL A 75 -1.43 4.28 12.41
CA VAL A 75 -2.50 5.28 12.40
C VAL A 75 -1.95 6.60 11.82
N PRO A 76 -2.80 7.40 11.15
CA PRO A 76 -2.37 8.67 10.54
C PRO A 76 -2.01 9.75 11.57
N THR A 77 -0.73 10.09 11.65
CA THR A 77 -0.25 11.11 12.59
C THR A 77 1.20 11.49 12.24
N THR A 78 1.53 12.78 12.37
CA THR A 78 2.87 13.28 12.08
C THR A 78 3.79 13.12 13.30
N MET A 1 -11.94 -4.91 10.57
CA MET A 1 -13.01 -5.43 11.47
C MET A 1 -13.92 -6.44 10.75
N ARG A 2 -13.88 -7.69 11.21
CA ARG A 2 -14.72 -8.78 10.68
C ARG A 2 -14.38 -9.12 9.22
N SER A 3 -13.12 -9.49 8.98
CA SER A 3 -12.64 -9.90 7.66
C SER A 3 -12.96 -8.87 6.57
N SER A 4 -13.50 -9.33 5.43
CA SER A 4 -13.80 -8.45 4.29
C SER A 4 -15.15 -7.74 4.42
N ALA A 5 -15.59 -7.51 5.65
CA ALA A 5 -16.82 -6.74 5.91
C ALA A 5 -16.53 -5.25 5.76
N LYS A 6 -15.58 -4.77 6.57
CA LYS A 6 -15.11 -3.40 6.50
C LYS A 6 -13.85 -3.33 5.61
N GLN A 7 -13.60 -2.17 5.00
CA GLN A 7 -12.46 -2.02 4.09
C GLN A 7 -11.13 -1.75 4.83
N GLU A 8 -11.02 -2.26 6.05
CA GLU A 8 -9.79 -2.13 6.84
C GLU A 8 -8.74 -3.18 6.43
N GLU A 9 -9.11 -4.11 5.55
CA GLU A 9 -8.19 -5.16 5.08
C GLU A 9 -7.32 -4.62 3.95
N LEU A 10 -7.93 -3.87 3.04
CA LEU A 10 -7.22 -3.23 1.93
C LEU A 10 -6.23 -2.20 2.49
N VAL A 11 -6.60 -1.57 3.60
CA VAL A 11 -5.74 -0.56 4.26
C VAL A 11 -4.52 -1.23 4.95
N LYS A 12 -4.75 -2.30 5.74
CA LYS A 12 -3.62 -3.03 6.38
C LYS A 12 -2.71 -3.62 5.30
N ALA A 13 -3.34 -4.28 4.33
CA ALA A 13 -2.63 -4.87 3.19
C ALA A 13 -1.81 -3.83 2.42
N PHE A 14 -2.37 -2.62 2.27
CA PHE A 14 -1.71 -1.52 1.57
C PHE A 14 -0.36 -1.17 2.21
N LYS A 15 -0.35 -0.96 3.53
CA LYS A 15 0.88 -0.64 4.26
C LYS A 15 1.93 -1.76 4.10
N ALA A 16 1.45 -3.01 4.25
CA ALA A 16 2.32 -4.20 4.17
C ALA A 16 3.05 -4.30 2.82
N LEU A 17 2.31 -4.14 1.72
CA LEU A 17 2.89 -4.20 0.36
C LEU A 17 4.00 -3.18 0.17
N LEU A 18 3.76 -1.95 0.63
CA LEU A 18 4.75 -0.88 0.52
C LEU A 18 5.98 -1.16 1.39
N LYS A 19 5.75 -1.52 2.65
CA LYS A 19 6.83 -1.77 3.61
C LYS A 19 7.65 -3.04 3.28
N GLU A 20 7.39 -3.66 2.12
CA GLU A 20 8.15 -4.83 1.66
C GLU A 20 9.29 -4.40 0.70
N GLU A 21 9.20 -3.15 0.20
CA GLU A 21 10.20 -2.59 -0.72
C GLU A 21 10.30 -3.42 -2.01
N LYS A 22 9.26 -3.34 -2.84
CA LYS A 22 9.19 -4.13 -4.08
C LYS A 22 8.57 -3.31 -5.23
N PHE A 23 7.41 -2.71 -4.96
CA PHE A 23 6.66 -1.95 -5.97
C PHE A 23 7.17 -0.51 -6.08
N SER A 24 7.31 -0.02 -7.31
CA SER A 24 7.80 1.34 -7.57
C SER A 24 6.71 2.25 -8.14
N SER A 25 5.59 1.68 -8.58
CA SER A 25 4.51 2.47 -9.17
C SER A 25 3.14 2.11 -8.56
N GLN A 26 2.24 3.11 -8.57
CA GLN A 26 0.87 2.96 -8.07
C GLN A 26 0.09 1.91 -8.89
N GLY A 27 0.60 1.56 -10.07
CA GLY A 27 -0.05 0.53 -10.90
C GLY A 27 0.33 -0.88 -10.46
N GLU A 28 1.61 -1.10 -10.15
CA GLU A 28 2.10 -2.42 -9.70
C GLU A 28 1.40 -2.84 -8.39
N ILE A 29 1.21 -1.90 -7.47
CA ILE A 29 0.52 -2.20 -6.19
C ILE A 29 -0.98 -2.49 -6.42
N VAL A 30 -1.55 -1.99 -7.53
CA VAL A 30 -2.95 -2.29 -7.89
C VAL A 30 -3.08 -3.77 -8.24
N ALA A 31 -2.20 -4.24 -9.13
CA ALA A 31 -2.20 -5.64 -9.57
C ALA A 31 -1.93 -6.60 -8.40
N ALA A 32 -1.08 -6.17 -7.46
CA ALA A 32 -0.74 -6.97 -6.27
C ALA A 32 -1.97 -7.22 -5.38
N LEU A 33 -2.72 -6.15 -5.07
CA LEU A 33 -3.93 -6.27 -4.24
C LEU A 33 -5.03 -7.07 -4.96
N GLN A 34 -5.06 -7.02 -6.29
CA GLN A 34 -6.03 -7.78 -7.08
C GLN A 34 -5.81 -9.31 -6.98
N GLU A 35 -4.63 -9.71 -6.49
CA GLU A 35 -4.31 -11.13 -6.29
C GLU A 35 -4.41 -11.54 -4.81
N GLN A 36 -4.52 -10.53 -3.92
CA GLN A 36 -4.57 -10.76 -2.47
C GLN A 36 -5.94 -11.23 -2.00
N GLY A 37 -6.99 -10.53 -2.43
CA GLY A 37 -8.36 -10.88 -2.04
C GLY A 37 -9.26 -9.67 -1.97
N PHE A 38 -9.20 -8.82 -2.99
CA PHE A 38 -10.01 -7.60 -3.07
C PHE A 38 -10.66 -7.46 -4.45
N ASP A 39 -11.50 -6.44 -4.61
CA ASP A 39 -12.16 -6.16 -5.87
C ASP A 39 -12.72 -4.74 -5.87
N ASN A 40 -12.51 -4.07 -7.00
CA ASN A 40 -12.92 -2.66 -7.20
C ASN A 40 -11.77 -1.72 -6.78
N ILE A 41 -10.54 -2.22 -6.93
CA ILE A 41 -9.34 -1.46 -6.61
C ILE A 41 -8.70 -0.96 -7.91
N ASN A 42 -8.75 0.35 -8.10
CA ASN A 42 -8.19 1.00 -9.31
C ASN A 42 -6.95 1.84 -8.98
N GLN A 43 -6.22 2.24 -10.04
CA GLN A 43 -4.99 3.04 -9.91
C GLN A 43 -5.22 4.37 -9.19
N SER A 44 -6.39 4.98 -9.39
CA SER A 44 -6.74 6.24 -8.74
C SER A 44 -6.83 6.09 -7.22
N LYS A 45 -7.43 4.99 -6.77
CA LYS A 45 -7.55 4.70 -5.33
C LYS A 45 -6.18 4.36 -4.72
N VAL A 46 -5.33 3.70 -5.50
CA VAL A 46 -3.99 3.31 -5.07
C VAL A 46 -3.05 4.54 -5.01
N SER A 47 -3.19 5.47 -5.96
CA SER A 47 -2.41 6.70 -5.96
C SER A 47 -2.91 7.68 -4.88
N ARG A 48 -4.23 7.67 -4.64
CA ARG A 48 -4.84 8.50 -3.58
C ARG A 48 -4.41 7.99 -2.20
N MET A 49 -4.37 6.65 -2.04
CA MET A 49 -3.93 6.03 -0.79
C MET A 49 -2.43 6.29 -0.54
N LEU A 50 -1.65 6.32 -1.63
CA LEU A 50 -0.21 6.64 -1.56
C LEU A 50 0.00 8.04 -0.95
N THR A 51 -0.83 9.00 -1.35
CA THR A 51 -0.77 10.36 -0.81
C THR A 51 -1.30 10.41 0.64
N LYS A 52 -2.42 9.71 0.89
CA LYS A 52 -3.04 9.65 2.23
C LYS A 52 -2.09 9.04 3.27
N PHE A 53 -1.57 7.85 2.98
CA PHE A 53 -0.64 7.16 3.89
C PHE A 53 0.75 7.83 3.89
N GLY A 54 1.06 8.56 2.81
CA GLY A 54 2.33 9.27 2.71
C GLY A 54 3.50 8.36 2.39
N ALA A 55 3.43 7.66 1.25
CA ALA A 55 4.51 6.77 0.81
C ALA A 55 5.65 7.55 0.18
N VAL A 56 6.87 7.03 0.32
CA VAL A 56 8.07 7.65 -0.24
C VAL A 56 8.87 6.63 -1.05
N ARG A 57 9.43 7.05 -2.18
CA ARG A 57 10.26 6.14 -3.02
C ARG A 57 11.72 6.18 -2.56
N THR A 58 12.34 5.01 -2.50
CA THR A 58 13.74 4.89 -2.07
C THR A 58 14.37 3.62 -2.65
N ARG A 59 15.71 3.57 -2.67
CA ARG A 59 16.45 2.43 -3.19
C ARG A 59 16.39 1.25 -2.21
N ASN A 60 15.85 0.11 -2.69
CA ASN A 60 15.73 -1.10 -1.86
C ASN A 60 16.99 -1.97 -1.94
N ALA A 61 16.85 -3.25 -1.60
CA ALA A 61 17.98 -4.20 -1.61
C ALA A 61 18.59 -4.38 -3.00
N LYS A 62 17.81 -4.06 -4.05
CA LYS A 62 18.28 -4.19 -5.44
C LYS A 62 18.53 -2.83 -6.11
N MET A 63 18.66 -1.77 -5.31
CA MET A 63 18.94 -0.42 -5.85
C MET A 63 17.77 0.16 -6.65
N GLU A 64 16.59 -0.46 -6.57
CA GLU A 64 15.41 0.01 -7.29
C GLU A 64 14.62 1.02 -6.45
N MET A 65 14.24 2.13 -7.07
CA MET A 65 13.45 3.18 -6.39
C MET A 65 12.00 2.71 -6.19
N VAL A 66 11.73 2.07 -5.05
CA VAL A 66 10.41 1.52 -4.75
C VAL A 66 9.67 2.31 -3.67
N TYR A 67 8.34 2.27 -3.76
CA TYR A 67 7.44 2.92 -2.80
C TYR A 67 7.48 2.21 -1.44
N CYS A 68 8.02 2.88 -0.43
CA CYS A 68 8.03 2.35 0.94
C CYS A 68 7.24 3.28 1.85
N LEU A 69 7.02 2.83 3.08
CA LEU A 69 6.24 3.60 4.05
C LEU A 69 7.12 4.17 5.17
N PRO A 70 7.03 5.51 5.42
CA PRO A 70 7.74 6.16 6.55
C PRO A 70 7.23 5.66 7.91
N ALA A 71 7.25 6.53 8.90
CA ALA A 71 6.70 6.22 10.23
C ALA A 71 5.21 5.88 10.12
N GLU A 72 4.66 5.24 11.15
CA GLU A 72 3.25 4.81 11.16
C GLU A 72 2.28 6.01 11.14
N LEU A 73 1.96 6.47 9.93
CA LEU A 73 1.06 7.61 9.72
C LEU A 73 -0.40 7.11 9.64
N GLY A 74 -0.93 6.70 10.78
CA GLY A 74 -2.30 6.20 10.85
C GLY A 74 -2.84 6.22 12.27
N VAL A 75 -1.97 5.90 13.23
CA VAL A 75 -2.34 5.90 14.65
C VAL A 75 -1.38 6.81 15.44
N PRO A 76 -1.58 8.15 15.37
CA PRO A 76 -0.71 9.13 16.04
C PRO A 76 -0.85 9.08 17.57
N THR A 77 0.29 9.07 18.26
CA THR A 77 0.32 9.01 19.73
C THR A 77 1.54 9.77 20.27
N THR A 78 1.68 11.03 19.85
CA THR A 78 2.77 11.89 20.26
C THR A 78 2.27 13.31 20.49
N MET A 1 -12.59 -13.63 18.19
CA MET A 1 -11.94 -13.10 16.96
C MET A 1 -12.95 -12.38 16.07
N ARG A 2 -13.39 -11.20 16.52
CA ARG A 2 -14.37 -10.38 15.79
C ARG A 2 -13.95 -8.92 15.75
N SER A 3 -13.35 -8.51 14.62
CA SER A 3 -12.91 -7.12 14.43
C SER A 3 -13.97 -6.32 13.67
N SER A 4 -14.55 -6.94 12.63
CA SER A 4 -15.54 -6.27 11.77
C SER A 4 -14.89 -5.11 11.00
N ALA A 5 -14.02 -5.46 10.06
CA ALA A 5 -13.26 -4.47 9.29
C ALA A 5 -14.01 -4.02 8.03
N LYS A 6 -14.59 -2.81 8.09
CA LYS A 6 -15.28 -2.24 6.93
C LYS A 6 -14.25 -1.59 5.98
N GLN A 7 -13.67 -2.44 5.14
CA GLN A 7 -12.65 -2.05 4.16
C GLN A 7 -11.30 -1.65 4.78
N GLU A 8 -11.09 -1.98 6.06
CA GLU A 8 -9.81 -1.73 6.73
C GLU A 8 -8.77 -2.82 6.38
N GLU A 9 -9.22 -3.88 5.68
CA GLU A 9 -8.34 -5.00 5.31
C GLU A 9 -7.52 -4.65 4.09
N LEU A 10 -8.16 -3.94 3.16
CA LEU A 10 -7.48 -3.40 1.98
C LEU A 10 -6.36 -2.44 2.42
N VAL A 11 -6.56 -1.82 3.59
CA VAL A 11 -5.55 -0.93 4.17
C VAL A 11 -4.36 -1.71 4.73
N LYS A 12 -4.60 -2.73 5.59
CA LYS A 12 -3.48 -3.53 6.15
C LYS A 12 -2.56 -4.05 5.05
N ALA A 13 -3.17 -4.69 4.04
CA ALA A 13 -2.43 -5.23 2.89
C ALA A 13 -1.66 -4.13 2.14
N PHE A 14 -2.31 -2.98 1.91
CA PHE A 14 -1.68 -1.83 1.24
C PHE A 14 -0.36 -1.45 1.92
N LYS A 15 -0.47 -1.06 3.19
CA LYS A 15 0.68 -0.67 4.03
C LYS A 15 1.80 -1.72 4.01
N ALA A 16 1.42 -3.00 4.11
CA ALA A 16 2.37 -4.12 4.15
C ALA A 16 3.18 -4.24 2.85
N LEU A 17 2.50 -4.14 1.69
CA LEU A 17 3.16 -4.24 0.38
C LEU A 17 4.22 -3.16 0.20
N LEU A 18 3.87 -1.91 0.56
CA LEU A 18 4.81 -0.78 0.44
C LEU A 18 6.06 -1.01 1.29
N LYS A 19 5.86 -1.47 2.53
CA LYS A 19 6.95 -1.70 3.46
C LYS A 19 7.91 -2.82 3.02
N GLU A 20 7.54 -3.57 1.98
CA GLU A 20 8.42 -4.63 1.43
C GLU A 20 9.58 -4.03 0.62
N GLU A 21 9.39 -2.79 0.12
CA GLU A 21 10.39 -2.12 -0.72
C GLU A 21 10.54 -2.88 -2.05
N LYS A 22 9.42 -3.05 -2.75
CA LYS A 22 9.34 -3.84 -3.98
C LYS A 22 8.43 -3.18 -5.02
N PHE A 23 7.54 -2.31 -4.55
CA PHE A 23 6.53 -1.67 -5.39
C PHE A 23 7.01 -0.37 -6.00
N SER A 24 7.30 -0.40 -7.31
CA SER A 24 7.84 0.76 -8.01
C SER A 24 6.78 1.80 -8.36
N SER A 25 5.69 1.37 -8.99
CA SER A 25 4.60 2.27 -9.35
C SER A 25 3.29 1.83 -8.69
N GLN A 26 2.28 2.69 -8.79
CA GLN A 26 0.93 2.40 -8.26
C GLN A 26 0.35 1.13 -8.89
N GLY A 27 0.36 1.10 -10.23
CA GLY A 27 -0.15 -0.04 -11.01
C GLY A 27 0.27 -1.41 -10.50
N GLU A 28 1.51 -1.53 -9.99
CA GLU A 28 2.01 -2.80 -9.45
C GLU A 28 1.26 -3.21 -8.18
N ILE A 29 1.07 -2.26 -7.26
CA ILE A 29 0.35 -2.51 -5.99
C ILE A 29 -1.17 -2.56 -6.22
N VAL A 30 -1.63 -1.95 -7.32
CA VAL A 30 -3.03 -2.02 -7.75
C VAL A 30 -3.40 -3.48 -8.08
N ALA A 31 -2.51 -4.13 -8.83
CA ALA A 31 -2.68 -5.53 -9.22
C ALA A 31 -2.47 -6.47 -8.03
N ALA A 32 -1.44 -6.20 -7.23
CA ALA A 32 -1.10 -7.04 -6.06
C ALA A 32 -2.28 -7.23 -5.10
N LEU A 33 -3.01 -6.14 -4.78
CA LEU A 33 -4.16 -6.24 -3.88
C LEU A 33 -5.35 -6.97 -4.57
N GLN A 34 -5.42 -6.90 -5.91
CA GLN A 34 -6.46 -7.65 -6.65
C GLN A 34 -6.20 -9.15 -6.55
N GLU A 35 -4.92 -9.54 -6.53
CA GLU A 35 -4.51 -10.94 -6.36
C GLU A 35 -4.65 -11.40 -4.89
N GLN A 36 -4.48 -10.46 -3.96
CA GLN A 36 -4.60 -10.74 -2.52
C GLN A 36 -6.03 -11.18 -2.15
N GLY A 37 -7.01 -10.39 -2.54
CA GLY A 37 -8.40 -10.71 -2.25
C GLY A 37 -9.32 -9.49 -2.23
N PHE A 38 -8.98 -8.48 -3.03
CA PHE A 38 -9.77 -7.24 -3.08
C PHE A 38 -10.33 -6.96 -4.47
N ASP A 39 -11.40 -6.16 -4.51
CA ASP A 39 -12.06 -5.77 -5.73
C ASP A 39 -12.50 -4.32 -5.59
N ASN A 40 -12.47 -3.62 -6.69
CA ASN A 40 -12.79 -2.18 -6.77
C ASN A 40 -11.55 -1.35 -6.42
N ILE A 41 -10.42 -1.74 -7.00
CA ILE A 41 -9.14 -1.09 -6.80
C ILE A 41 -8.53 -0.72 -8.16
N ASN A 42 -8.11 0.54 -8.30
CA ASN A 42 -7.51 1.03 -9.55
C ASN A 42 -6.33 1.97 -9.26
N GLN A 43 -5.73 2.50 -10.33
CA GLN A 43 -4.57 3.41 -10.20
C GLN A 43 -4.87 4.61 -9.31
N SER A 44 -6.03 5.24 -9.49
CA SER A 44 -6.45 6.40 -8.71
C SER A 44 -6.55 6.10 -7.22
N LYS A 45 -7.24 5.00 -6.87
CA LYS A 45 -7.39 4.60 -5.45
C LYS A 45 -6.03 4.31 -4.80
N VAL A 46 -5.12 3.71 -5.57
CA VAL A 46 -3.77 3.39 -5.10
C VAL A 46 -2.91 4.67 -4.96
N SER A 47 -3.02 5.59 -5.94
CA SER A 47 -2.29 6.86 -5.88
C SER A 47 -2.85 7.77 -4.77
N ARG A 48 -4.16 7.66 -4.51
CA ARG A 48 -4.81 8.42 -3.43
C ARG A 48 -4.39 7.88 -2.07
N MET A 49 -4.36 6.55 -1.93
CA MET A 49 -3.90 5.90 -0.69
C MET A 49 -2.42 6.20 -0.44
N LEU A 50 -1.62 6.28 -1.52
CA LEU A 50 -0.20 6.62 -1.43
C LEU A 50 0.00 8.04 -0.85
N THR A 51 -0.77 9.00 -1.36
CA THR A 51 -0.72 10.39 -0.90
C THR A 51 -1.34 10.53 0.50
N LYS A 52 -2.42 9.77 0.74
CA LYS A 52 -3.13 9.78 2.03
C LYS A 52 -2.26 9.25 3.18
N PHE A 53 -1.72 8.05 2.99
CA PHE A 53 -0.87 7.40 3.99
C PHE A 53 0.50 8.10 4.12
N GLY A 54 0.98 8.68 3.02
CA GLY A 54 2.27 9.36 3.03
C GLY A 54 3.42 8.42 2.70
N ALA A 55 3.29 7.70 1.59
CA ALA A 55 4.34 6.78 1.13
C ALA A 55 5.45 7.54 0.40
N VAL A 56 6.70 7.18 0.68
CA VAL A 56 7.86 7.82 0.06
C VAL A 56 8.56 6.88 -0.93
N ARG A 57 9.09 7.43 -2.01
CA ARG A 57 9.84 6.64 -3.00
C ARG A 57 11.34 6.77 -2.76
N THR A 58 12.05 5.66 -2.88
CA THR A 58 13.50 5.66 -2.65
C THR A 58 14.17 4.44 -3.33
N ARG A 59 15.51 4.42 -3.28
CA ARG A 59 16.29 3.32 -3.84
C ARG A 59 16.35 2.16 -2.83
N ASN A 60 15.96 0.95 -3.28
CA ASN A 60 15.97 -0.24 -2.41
C ASN A 60 17.32 -0.96 -2.47
N ALA A 61 17.34 -2.19 -1.94
CA ALA A 61 18.56 -3.01 -1.88
C ALA A 61 19.22 -3.21 -3.26
N LYS A 62 18.40 -3.32 -4.32
CA LYS A 62 18.91 -3.53 -5.68
C LYS A 62 18.85 -2.27 -6.53
N MET A 63 18.89 -1.09 -5.90
CA MET A 63 18.94 0.20 -6.61
C MET A 63 17.65 0.51 -7.39
N GLU A 64 16.53 -0.08 -7.02
CA GLU A 64 15.25 0.17 -7.69
C GLU A 64 14.47 1.29 -7.00
N MET A 65 13.97 2.26 -7.78
CA MET A 65 13.20 3.39 -7.24
C MET A 65 11.77 2.95 -6.93
N VAL A 66 11.54 2.52 -5.69
CA VAL A 66 10.23 2.00 -5.29
C VAL A 66 9.64 2.70 -4.05
N TYR A 67 8.34 2.50 -3.88
CA TYR A 67 7.56 3.05 -2.76
C TYR A 67 7.87 2.32 -1.46
N CYS A 68 7.78 3.05 -0.35
CA CYS A 68 7.95 2.48 0.99
C CYS A 68 7.20 3.33 2.00
N LEU A 69 6.88 2.73 3.14
CA LEU A 69 6.11 3.42 4.18
C LEU A 69 7.01 3.95 5.30
N PRO A 70 6.95 5.27 5.61
CA PRO A 70 7.71 5.86 6.74
C PRO A 70 7.20 5.33 8.09
N ALA A 71 7.42 6.11 9.15
CA ALA A 71 6.89 5.78 10.48
C ALA A 71 5.36 5.83 10.44
N GLU A 72 4.72 4.65 10.49
CA GLU A 72 3.25 4.48 10.35
C GLU A 72 2.43 5.71 10.77
N LEU A 73 2.01 6.49 9.77
CA LEU A 73 1.23 7.71 9.98
C LEU A 73 -0.26 7.39 10.13
N GLY A 74 -0.66 6.97 11.34
CA GLY A 74 -2.05 6.63 11.60
C GLY A 74 -2.21 5.84 12.88
N VAL A 75 -2.76 4.64 12.78
CA VAL A 75 -2.99 3.77 13.93
C VAL A 75 -2.90 2.29 13.51
N PRO A 76 -1.69 1.71 13.56
CA PRO A 76 -1.44 0.32 13.17
C PRO A 76 -1.63 -0.66 14.35
N THR A 77 -2.88 -0.82 14.77
CA THR A 77 -3.20 -1.72 15.89
C THR A 77 -4.67 -2.17 15.78
N THR A 78 -5.20 -2.71 16.87
CA THR A 78 -6.58 -3.21 16.92
C THR A 78 -7.32 -2.66 18.16
N MET A 1 -5.53 -14.92 4.56
CA MET A 1 -6.15 -14.32 3.35
C MET A 1 -7.33 -15.17 2.89
N ARG A 2 -8.02 -14.68 1.85
CA ARG A 2 -9.20 -15.35 1.26
C ARG A 2 -10.38 -15.36 2.23
N SER A 3 -10.80 -14.16 2.63
CA SER A 3 -11.93 -13.97 3.55
C SER A 3 -12.24 -12.48 3.65
N SER A 4 -12.85 -11.93 2.61
CA SER A 4 -13.16 -10.51 2.53
C SER A 4 -14.43 -10.15 3.32
N ALA A 5 -14.22 -9.54 4.48
CA ALA A 5 -15.32 -9.11 5.37
C ALA A 5 -14.92 -7.82 6.09
N LYS A 6 -13.66 -7.76 6.52
CA LYS A 6 -13.09 -6.58 7.18
C LYS A 6 -12.29 -5.77 6.18
N GLN A 7 -12.65 -4.49 5.99
CA GLN A 7 -11.92 -3.64 5.04
C GLN A 7 -10.73 -2.94 5.68
N GLU A 8 -10.45 -3.26 6.95
CA GLU A 8 -9.22 -2.84 7.60
C GLU A 8 -8.05 -3.66 7.02
N GLU A 9 -8.37 -4.52 6.04
CA GLU A 9 -7.38 -5.37 5.37
C GLU A 9 -6.87 -4.70 4.11
N LEU A 10 -7.71 -3.87 3.48
CA LEU A 10 -7.29 -3.06 2.34
C LEU A 10 -6.20 -2.09 2.80
N VAL A 11 -6.32 -1.63 4.05
CA VAL A 11 -5.31 -0.75 4.66
C VAL A 11 -4.09 -1.57 5.10
N LYS A 12 -4.31 -2.60 5.94
CA LYS A 12 -3.21 -3.46 6.43
C LYS A 12 -2.40 -4.08 5.27
N ALA A 13 -3.07 -4.42 4.18
CA ALA A 13 -2.41 -4.96 2.98
C ALA A 13 -1.60 -3.85 2.31
N PHE A 14 -2.22 -2.68 2.14
CA PHE A 14 -1.56 -1.51 1.53
C PHE A 14 -0.25 -1.14 2.27
N LYS A 15 -0.30 -1.13 3.61
CA LYS A 15 0.91 -0.86 4.42
C LYS A 15 2.00 -1.89 4.13
N ALA A 16 1.61 -3.18 4.20
CA ALA A 16 2.53 -4.31 3.98
C ALA A 16 3.15 -4.28 2.58
N LEU A 17 2.32 -4.03 1.56
CA LEU A 17 2.79 -3.96 0.17
C LEU A 17 3.93 -2.95 0.01
N LEU A 18 3.74 -1.77 0.59
CA LEU A 18 4.75 -0.70 0.51
C LEU A 18 5.98 -1.03 1.37
N LYS A 19 5.75 -1.34 2.65
CA LYS A 19 6.83 -1.62 3.60
C LYS A 19 7.74 -2.79 3.19
N GLU A 20 7.23 -3.70 2.35
CA GLU A 20 8.01 -4.84 1.84
C GLU A 20 9.08 -4.37 0.82
N GLU A 21 8.88 -3.17 0.26
CA GLU A 21 9.81 -2.58 -0.72
C GLU A 21 9.92 -3.49 -1.97
N LYS A 22 8.86 -3.47 -2.78
CA LYS A 22 8.76 -4.32 -3.98
C LYS A 22 8.20 -3.53 -5.16
N PHE A 23 7.13 -2.76 -4.91
CA PHE A 23 6.43 -2.00 -5.94
C PHE A 23 7.10 -0.66 -6.23
N SER A 24 7.32 -0.37 -7.50
CA SER A 24 8.00 0.86 -7.93
C SER A 24 7.02 1.94 -8.39
N SER A 25 5.83 1.53 -8.85
CA SER A 25 4.82 2.48 -9.32
C SER A 25 3.45 2.18 -8.70
N GLN A 26 2.44 2.96 -9.10
CA GLN A 26 1.06 2.81 -8.61
C GLN A 26 0.48 1.47 -9.12
N GLY A 27 0.40 1.37 -10.44
CA GLY A 27 -0.15 0.20 -11.14
C GLY A 27 0.32 -1.16 -10.60
N GLU A 28 1.59 -1.26 -10.20
CA GLU A 28 2.15 -2.51 -9.67
C GLU A 28 1.43 -2.96 -8.39
N ILE A 29 1.19 -2.03 -7.46
CA ILE A 29 0.48 -2.33 -6.20
C ILE A 29 -1.04 -2.44 -6.42
N VAL A 30 -1.55 -1.84 -7.52
CA VAL A 30 -2.97 -1.98 -7.91
C VAL A 30 -3.29 -3.45 -8.24
N ALA A 31 -2.43 -4.07 -9.05
CA ALA A 31 -2.59 -5.48 -9.43
C ALA A 31 -2.32 -6.41 -8.24
N ALA A 32 -1.30 -6.07 -7.44
CA ALA A 32 -0.93 -6.87 -6.26
C ALA A 32 -2.11 -7.08 -5.30
N LEU A 33 -2.90 -6.02 -5.06
CA LEU A 33 -4.07 -6.13 -4.17
C LEU A 33 -5.17 -7.00 -4.80
N GLN A 34 -5.25 -7.02 -6.13
CA GLN A 34 -6.23 -7.89 -6.82
C GLN A 34 -5.88 -9.37 -6.61
N GLU A 35 -4.57 -9.67 -6.54
CA GLU A 35 -4.08 -11.03 -6.26
C GLU A 35 -4.26 -11.38 -4.76
N GLN A 36 -4.16 -10.36 -3.89
CA GLN A 36 -4.30 -10.54 -2.44
C GLN A 36 -5.71 -11.01 -2.07
N GLY A 37 -6.70 -10.19 -2.38
CA GLY A 37 -8.08 -10.54 -2.07
C GLY A 37 -9.04 -9.35 -2.16
N PHE A 38 -8.76 -8.41 -3.08
CA PHE A 38 -9.60 -7.23 -3.24
C PHE A 38 -10.17 -7.16 -4.66
N ASP A 39 -11.26 -6.40 -4.81
CA ASP A 39 -11.94 -6.25 -6.08
C ASP A 39 -12.53 -4.85 -6.19
N ASN A 40 -12.30 -4.27 -7.35
CA ASN A 40 -12.71 -2.87 -7.66
C ASN A 40 -11.63 -1.89 -7.19
N ILE A 41 -10.38 -2.33 -7.29
CA ILE A 41 -9.22 -1.52 -6.91
C ILE A 41 -8.57 -0.98 -8.18
N ASN A 42 -8.59 0.34 -8.33
CA ASN A 42 -8.05 1.02 -9.52
C ASN A 42 -6.82 1.88 -9.18
N GLN A 43 -6.21 2.43 -10.24
CA GLN A 43 -5.00 3.28 -10.12
C GLN A 43 -5.25 4.53 -9.25
N SER A 44 -6.40 5.18 -9.45
CA SER A 44 -6.74 6.38 -8.69
C SER A 44 -6.83 6.10 -7.18
N LYS A 45 -7.38 4.92 -6.80
CA LYS A 45 -7.47 4.53 -5.39
C LYS A 45 -6.08 4.29 -4.80
N VAL A 46 -5.20 3.68 -5.59
CA VAL A 46 -3.81 3.42 -5.20
C VAL A 46 -3.01 4.72 -5.07
N SER A 47 -3.16 5.61 -6.06
CA SER A 47 -2.48 6.90 -6.05
C SER A 47 -3.02 7.81 -4.94
N ARG A 48 -4.33 7.71 -4.66
CA ARG A 48 -4.95 8.48 -3.58
C ARG A 48 -4.51 7.94 -2.21
N MET A 49 -4.44 6.60 -2.10
CA MET A 49 -3.98 5.95 -0.87
C MET A 49 -2.51 6.27 -0.60
N LEU A 50 -1.69 6.36 -1.67
CA LEU A 50 -0.27 6.73 -1.54
C LEU A 50 -0.11 8.13 -0.93
N THR A 51 -0.87 9.09 -1.47
CA THR A 51 -0.84 10.47 -0.98
C THR A 51 -1.50 10.61 0.41
N LYS A 52 -2.59 9.86 0.63
CA LYS A 52 -3.33 9.88 1.90
C LYS A 52 -2.51 9.23 3.03
N PHE A 53 -1.97 8.04 2.77
CA PHE A 53 -1.22 7.27 3.76
C PHE A 53 0.13 7.94 4.07
N GLY A 54 0.75 8.52 3.05
CA GLY A 54 2.04 9.19 3.22
C GLY A 54 3.22 8.28 2.91
N ALA A 55 3.20 7.67 1.72
CA ALA A 55 4.29 6.79 1.27
C ALA A 55 5.47 7.60 0.73
N VAL A 56 6.66 7.01 0.79
CA VAL A 56 7.89 7.62 0.28
C VAL A 56 8.63 6.66 -0.65
N ARG A 57 9.49 7.20 -1.52
CA ARG A 57 10.27 6.38 -2.46
C ARG A 57 11.71 6.21 -1.95
N THR A 58 12.23 4.99 -2.00
CA THR A 58 13.59 4.72 -1.52
C THR A 58 14.20 3.48 -2.21
N ARG A 59 15.52 3.34 -2.09
CA ARG A 59 16.23 2.19 -2.66
C ARG A 59 16.08 0.97 -1.75
N ASN A 60 15.60 -0.15 -2.30
CA ASN A 60 15.40 -1.38 -1.52
C ASN A 60 16.69 -2.21 -1.43
N ALA A 61 16.57 -3.41 -0.86
CA ALA A 61 17.71 -4.32 -0.66
C ALA A 61 18.39 -4.70 -1.99
N LYS A 62 17.64 -4.66 -3.09
CA LYS A 62 18.17 -4.97 -4.42
C LYS A 62 18.49 -3.70 -5.21
N MET A 63 18.84 -2.62 -4.49
CA MET A 63 19.22 -1.32 -5.08
C MET A 63 18.27 -0.82 -6.19
N GLU A 64 16.96 -0.93 -5.97
CA GLU A 64 15.97 -0.44 -6.92
C GLU A 64 15.08 0.61 -6.26
N MET A 65 14.76 1.68 -7.01
CA MET A 65 13.90 2.77 -6.50
C MET A 65 12.43 2.34 -6.43
N VAL A 66 12.00 1.89 -5.25
CA VAL A 66 10.61 1.45 -5.05
C VAL A 66 9.90 2.27 -3.96
N TYR A 67 8.61 1.99 -3.80
CA TYR A 67 7.78 2.63 -2.79
C TYR A 67 7.96 1.96 -1.43
N CYS A 68 7.90 2.75 -0.38
CA CYS A 68 7.99 2.25 0.99
C CYS A 68 7.23 3.17 1.94
N LEU A 69 7.09 2.77 3.19
CA LEU A 69 6.37 3.56 4.18
C LEU A 69 7.30 4.03 5.29
N PRO A 70 7.13 5.28 5.78
CA PRO A 70 7.92 5.80 6.91
C PRO A 70 7.65 5.03 8.21
N ALA A 71 7.94 5.66 9.35
CA ALA A 71 7.72 5.05 10.66
C ALA A 71 6.25 5.13 11.08
N GLU A 72 5.36 4.79 10.15
CA GLU A 72 3.91 4.78 10.34
C GLU A 72 3.37 6.16 10.70
N LEU A 73 2.85 6.88 9.70
CA LEU A 73 2.31 8.23 9.88
C LEU A 73 0.86 8.17 10.39
N GLY A 74 0.70 7.72 11.63
CA GLY A 74 -0.61 7.62 12.26
C GLY A 74 -0.50 7.16 13.69
N VAL A 75 -0.18 8.10 14.59
CA VAL A 75 0.02 7.82 16.02
C VAL A 75 1.36 7.08 16.24
N PRO A 76 2.37 7.77 16.80
CA PRO A 76 3.70 7.18 17.03
C PRO A 76 3.70 6.13 18.15
N THR A 77 3.95 4.87 17.78
CA THR A 77 3.96 3.76 18.75
C THR A 77 5.31 3.68 19.49
N THR A 78 5.60 4.71 20.29
CA THR A 78 6.85 4.80 21.05
C THR A 78 6.73 5.89 22.12
N MET A 1 -20.32 -16.59 10.45
CA MET A 1 -20.10 -15.64 11.58
C MET A 1 -19.55 -14.30 11.06
N ARG A 2 -19.85 -13.21 11.78
CA ARG A 2 -19.39 -11.88 11.40
C ARG A 2 -18.84 -11.13 12.62
N SER A 3 -17.63 -11.49 13.03
CA SER A 3 -16.95 -10.82 14.15
C SER A 3 -16.57 -9.38 13.77
N SER A 4 -15.99 -9.23 12.58
CA SER A 4 -15.62 -7.92 12.04
C SER A 4 -15.62 -7.97 10.52
N ALA A 5 -16.29 -6.99 9.90
CA ALA A 5 -16.37 -6.89 8.44
C ALA A 5 -16.14 -5.45 8.01
N LYS A 6 -14.91 -4.98 8.21
CA LYS A 6 -14.49 -3.63 7.83
C LYS A 6 -13.47 -3.69 6.70
N GLN A 7 -13.43 -2.66 5.87
CA GLN A 7 -12.48 -2.64 4.74
C GLN A 7 -11.09 -2.15 5.16
N GLU A 8 -10.75 -2.31 6.45
CA GLU A 8 -9.42 -1.99 6.95
C GLU A 8 -8.40 -3.07 6.52
N GLU A 9 -8.90 -4.07 5.78
CA GLU A 9 -8.06 -5.14 5.22
C GLU A 9 -7.28 -4.59 4.03
N LEU A 10 -7.95 -3.73 3.25
CA LEU A 10 -7.34 -3.05 2.12
C LEU A 10 -6.28 -2.05 2.61
N VAL A 11 -6.40 -1.60 3.86
CA VAL A 11 -5.45 -0.67 4.45
C VAL A 11 -4.18 -1.39 4.91
N LYS A 12 -4.33 -2.30 5.89
CA LYS A 12 -3.20 -3.08 6.43
C LYS A 12 -2.39 -3.75 5.31
N ALA A 13 -3.10 -4.33 4.34
CA ALA A 13 -2.48 -4.94 3.16
C ALA A 13 -1.66 -3.90 2.38
N PHE A 14 -2.22 -2.70 2.21
CA PHE A 14 -1.54 -1.59 1.51
C PHE A 14 -0.21 -1.23 2.18
N LYS A 15 -0.24 -1.04 3.50
CA LYS A 15 0.96 -0.70 4.28
C LYS A 15 2.07 -1.73 4.10
N ALA A 16 1.72 -3.02 4.27
CA ALA A 16 2.70 -4.12 4.17
C ALA A 16 3.37 -4.19 2.79
N LEU A 17 2.56 -4.14 1.73
CA LEU A 17 3.08 -4.19 0.34
C LEU A 17 4.13 -3.10 0.11
N LEU A 18 3.85 -1.89 0.62
CA LEU A 18 4.76 -0.76 0.48
C LEU A 18 5.99 -0.90 1.39
N LYS A 19 5.75 -1.02 2.71
CA LYS A 19 6.82 -1.10 3.71
C LYS A 19 7.83 -2.25 3.45
N GLU A 20 7.44 -3.24 2.64
CA GLU A 20 8.33 -4.35 2.27
C GLU A 20 9.37 -3.93 1.22
N GLU A 21 9.10 -2.84 0.48
CA GLU A 21 10.00 -2.32 -0.57
C GLU A 21 10.09 -3.30 -1.76
N LYS A 22 9.06 -3.25 -2.61
CA LYS A 22 8.95 -4.17 -3.77
C LYS A 22 8.39 -3.45 -5.00
N PHE A 23 7.22 -2.83 -4.87
CA PHE A 23 6.54 -2.17 -5.98
C PHE A 23 7.13 -0.80 -6.27
N SER A 24 7.37 -0.51 -7.54
CA SER A 24 7.97 0.76 -7.96
C SER A 24 6.94 1.83 -8.30
N SER A 25 5.79 1.40 -8.83
CA SER A 25 4.72 2.32 -9.20
C SER A 25 3.37 1.84 -8.68
N GLN A 26 2.38 2.73 -8.75
CA GLN A 26 1.01 2.47 -8.31
C GLN A 26 0.41 1.24 -9.01
N GLY A 27 0.44 1.26 -10.34
CA GLY A 27 -0.08 0.16 -11.18
C GLY A 27 0.33 -1.24 -10.72
N GLU A 28 1.59 -1.39 -10.28
CA GLU A 28 2.10 -2.69 -9.79
C GLU A 28 1.39 -3.15 -8.52
N ILE A 29 1.20 -2.23 -7.56
CA ILE A 29 0.53 -2.55 -6.29
C ILE A 29 -0.99 -2.67 -6.48
N VAL A 30 -1.53 -2.07 -7.56
CA VAL A 30 -2.95 -2.22 -7.92
C VAL A 30 -3.25 -3.67 -8.27
N ALA A 31 -2.43 -4.24 -9.17
CA ALA A 31 -2.55 -5.64 -9.57
C ALA A 31 -2.28 -6.60 -8.40
N ALA A 32 -1.33 -6.21 -7.53
CA ALA A 32 -0.97 -7.02 -6.34
C ALA A 32 -2.17 -7.24 -5.40
N LEU A 33 -2.91 -6.16 -5.09
CA LEU A 33 -4.09 -6.25 -4.23
C LEU A 33 -5.24 -7.01 -4.91
N GLN A 34 -5.35 -6.88 -6.24
CA GLN A 34 -6.37 -7.64 -6.99
C GLN A 34 -6.13 -9.15 -6.84
N GLU A 35 -4.86 -9.55 -6.84
CA GLU A 35 -4.47 -10.95 -6.64
C GLU A 35 -4.67 -11.39 -5.18
N GLN A 36 -4.48 -10.44 -4.24
CA GLN A 36 -4.65 -10.71 -2.80
C GLN A 36 -6.11 -11.05 -2.48
N GLY A 37 -7.03 -10.17 -2.84
CA GLY A 37 -8.44 -10.42 -2.59
C GLY A 37 -9.28 -9.15 -2.53
N PHE A 38 -8.95 -8.16 -3.38
CA PHE A 38 -9.66 -6.88 -3.40
C PHE A 38 -10.17 -6.56 -4.81
N ASP A 39 -11.51 -6.55 -4.96
CA ASP A 39 -12.15 -6.27 -6.25
C ASP A 39 -12.56 -4.80 -6.39
N ASN A 40 -12.37 -4.05 -5.31
CA ASN A 40 -12.68 -2.62 -5.26
C ASN A 40 -11.39 -1.81 -5.21
N ILE A 41 -10.58 -1.95 -6.27
CA ILE A 41 -9.29 -1.27 -6.36
C ILE A 41 -9.03 -0.77 -7.79
N ASN A 42 -8.32 0.35 -7.89
CA ASN A 42 -7.95 0.93 -9.18
C ASN A 42 -6.72 1.84 -8.99
N GLN A 43 -6.16 2.33 -10.10
CA GLN A 43 -4.95 3.17 -10.07
C GLN A 43 -5.15 4.43 -9.20
N SER A 44 -6.31 5.09 -9.35
CA SER A 44 -6.64 6.29 -8.58
C SER A 44 -6.70 6.01 -7.08
N LYS A 45 -7.36 4.89 -6.72
CA LYS A 45 -7.50 4.45 -5.32
C LYS A 45 -6.12 4.17 -4.70
N VAL A 46 -5.22 3.61 -5.49
CA VAL A 46 -3.84 3.31 -5.07
C VAL A 46 -3.03 4.60 -4.91
N SER A 47 -3.11 5.49 -5.92
CA SER A 47 -2.41 6.77 -5.88
C SER A 47 -2.92 7.64 -4.71
N ARG A 48 -4.23 7.55 -4.43
CA ARG A 48 -4.84 8.30 -3.33
C ARG A 48 -4.38 7.75 -1.97
N MET A 49 -4.27 6.42 -1.87
CA MET A 49 -3.80 5.77 -0.64
C MET A 49 -2.31 6.08 -0.39
N LEU A 50 -1.53 6.21 -1.48
CA LEU A 50 -0.10 6.59 -1.37
C LEU A 50 0.03 7.98 -0.75
N THR A 51 -0.78 8.92 -1.23
CA THR A 51 -0.80 10.29 -0.71
C THR A 51 -1.40 10.34 0.72
N LYS A 52 -2.54 9.67 0.90
CA LYS A 52 -3.24 9.60 2.19
C LYS A 52 -2.34 9.03 3.30
N PHE A 53 -1.75 7.87 3.04
CA PHE A 53 -0.87 7.20 4.02
C PHE A 53 0.52 7.87 4.10
N GLY A 54 0.81 8.82 3.19
CA GLY A 54 2.10 9.51 3.19
C GLY A 54 3.24 8.60 2.77
N ALA A 55 3.14 8.06 1.55
CA ALA A 55 4.14 7.13 1.02
C ALA A 55 5.39 7.86 0.51
N VAL A 56 6.53 7.19 0.67
CA VAL A 56 7.83 7.70 0.23
C VAL A 56 8.47 6.75 -0.79
N ARG A 57 9.45 7.23 -1.54
CA ARG A 57 10.14 6.40 -2.54
C ARG A 57 11.63 6.28 -2.18
N THR A 58 12.18 5.07 -2.31
CA THR A 58 13.60 4.85 -1.97
C THR A 58 14.16 3.58 -2.62
N ARG A 59 15.48 3.42 -2.57
CA ARG A 59 16.16 2.25 -3.12
C ARG A 59 16.08 1.06 -2.17
N ASN A 60 15.62 -0.09 -2.68
CA ASN A 60 15.48 -1.30 -1.87
C ASN A 60 16.78 -2.14 -1.87
N ALA A 61 16.67 -3.39 -1.44
CA ALA A 61 17.83 -4.30 -1.36
C ALA A 61 18.50 -4.55 -2.73
N LYS A 62 17.75 -4.34 -3.83
CA LYS A 62 18.29 -4.54 -5.18
C LYS A 62 18.54 -3.22 -5.91
N MET A 63 18.73 -2.14 -5.16
CA MET A 63 19.04 -0.82 -5.72
C MET A 63 17.90 -0.26 -6.59
N GLU A 64 16.69 -0.83 -6.45
CA GLU A 64 15.54 -0.38 -7.24
C GLU A 64 14.77 0.72 -6.50
N MET A 65 14.56 1.87 -7.15
CA MET A 65 13.81 2.98 -6.57
C MET A 65 12.33 2.63 -6.50
N VAL A 66 11.94 1.97 -5.43
CA VAL A 66 10.56 1.50 -5.24
C VAL A 66 9.82 2.33 -4.19
N TYR A 67 8.53 2.03 -4.05
CA TYR A 67 7.66 2.66 -3.08
C TYR A 67 7.88 2.04 -1.70
N CYS A 68 7.67 2.85 -0.68
CA CYS A 68 7.78 2.43 0.71
C CYS A 68 6.99 3.37 1.59
N LEU A 69 6.83 2.98 2.85
CA LEU A 69 6.15 3.81 3.83
C LEU A 69 7.01 3.93 5.07
N PRO A 70 6.70 4.92 5.92
CA PRO A 70 7.39 5.10 7.20
C PRO A 70 7.12 3.91 8.14
N ALA A 71 7.26 4.18 9.42
CA ALA A 71 6.96 3.24 10.48
C ALA A 71 5.46 2.90 10.47
N GLU A 72 5.01 2.08 11.43
CA GLU A 72 3.59 1.70 11.49
C GLU A 72 2.71 2.89 11.91
N LEU A 73 2.04 3.48 10.92
CA LEU A 73 1.16 4.64 11.11
C LEU A 73 -0.29 4.20 11.05
N GLY A 74 -0.91 4.05 12.22
CA GLY A 74 -2.29 3.62 12.31
C GLY A 74 -2.97 4.13 13.56
N VAL A 75 -4.09 4.83 13.39
CA VAL A 75 -4.85 5.39 14.51
C VAL A 75 -5.55 4.30 15.34
N PRO A 76 -5.89 4.58 16.63
CA PRO A 76 -6.54 3.60 17.52
C PRO A 76 -7.93 3.17 17.02
N THR A 77 -8.21 1.87 17.10
CA THR A 77 -9.50 1.30 16.68
C THR A 77 -9.88 0.14 17.60
N THR A 78 -10.01 0.43 18.90
CA THR A 78 -10.39 -0.56 19.90
C THR A 78 -11.84 -0.34 20.35
N MET A 1 -22.65 -12.62 2.68
CA MET A 1 -22.25 -13.68 3.64
C MET A 1 -21.26 -14.65 2.98
N ARG A 2 -20.87 -15.69 3.72
CA ARG A 2 -19.91 -16.70 3.24
C ARG A 2 -18.48 -16.15 3.32
N SER A 3 -18.23 -15.11 2.55
CA SER A 3 -16.96 -14.39 2.54
C SER A 3 -17.15 -12.99 3.13
N SER A 4 -17.04 -12.89 4.46
CA SER A 4 -17.20 -11.61 5.16
C SER A 4 -15.98 -10.72 4.90
N ALA A 5 -16.15 -9.73 4.01
CA ALA A 5 -15.07 -8.85 3.58
C ALA A 5 -14.83 -7.70 4.57
N LYS A 6 -13.72 -7.77 5.29
CA LYS A 6 -13.27 -6.70 6.18
C LYS A 6 -12.39 -5.75 5.37
N GLN A 7 -12.86 -4.53 5.12
CA GLN A 7 -12.10 -3.60 4.28
C GLN A 7 -10.84 -3.04 4.96
N GLU A 8 -10.70 -3.25 6.27
CA GLU A 8 -9.48 -2.86 7.00
C GLU A 8 -8.30 -3.76 6.60
N GLU A 9 -8.57 -4.71 5.70
CA GLU A 9 -7.55 -5.62 5.17
C GLU A 9 -6.93 -5.04 3.90
N LEU A 10 -7.76 -4.34 3.11
CA LEU A 10 -7.27 -3.63 1.93
C LEU A 10 -6.26 -2.57 2.35
N VAL A 11 -6.50 -1.96 3.52
CA VAL A 11 -5.60 -0.98 4.08
C VAL A 11 -4.36 -1.64 4.69
N LYS A 12 -4.56 -2.60 5.60
CA LYS A 12 -3.44 -3.30 6.25
C LYS A 12 -2.53 -3.99 5.23
N ALA A 13 -3.12 -4.46 4.12
CA ALA A 13 -2.35 -5.05 3.02
C ALA A 13 -1.54 -3.96 2.29
N PHE A 14 -2.23 -2.84 1.96
CA PHE A 14 -1.60 -1.67 1.29
C PHE A 14 -0.32 -1.24 2.01
N LYS A 15 -0.45 -0.91 3.30
CA LYS A 15 0.69 -0.51 4.15
C LYS A 15 1.81 -1.57 4.13
N ALA A 16 1.43 -2.84 4.27
CA ALA A 16 2.40 -3.96 4.27
C ALA A 16 3.17 -4.06 2.95
N LEU A 17 2.43 -4.02 1.82
CA LEU A 17 3.03 -4.08 0.47
C LEU A 17 4.13 -3.03 0.28
N LEU A 18 3.83 -1.80 0.71
CA LEU A 18 4.78 -0.69 0.63
C LEU A 18 6.01 -0.93 1.51
N LYS A 19 5.77 -1.21 2.79
CA LYS A 19 6.83 -1.41 3.78
C LYS A 19 7.77 -2.59 3.45
N GLU A 20 7.30 -3.51 2.59
CA GLU A 20 8.13 -4.64 2.13
C GLU A 20 9.19 -4.19 1.09
N GLU A 21 8.95 -3.02 0.46
CA GLU A 21 9.86 -2.43 -0.54
C GLU A 21 10.06 -3.34 -1.77
N LYS A 22 9.02 -3.42 -2.61
CA LYS A 22 9.07 -4.25 -3.82
C LYS A 22 8.38 -3.57 -5.02
N PHE A 23 7.31 -2.83 -4.76
CA PHE A 23 6.54 -2.16 -5.82
C PHE A 23 7.10 -0.77 -6.12
N SER A 24 7.33 -0.50 -7.40
CA SER A 24 7.91 0.77 -7.85
C SER A 24 6.86 1.77 -8.34
N SER A 25 5.70 1.26 -8.79
CA SER A 25 4.63 2.13 -9.32
C SER A 25 3.29 1.83 -8.65
N GLN A 26 2.33 2.76 -8.80
CA GLN A 26 0.98 2.60 -8.26
C GLN A 26 0.29 1.37 -8.88
N GLY A 27 0.22 1.34 -10.22
CA GLY A 27 -0.36 0.21 -10.95
C GLY A 27 0.21 -1.15 -10.56
N GLU A 28 1.45 -1.15 -10.07
CA GLU A 28 2.12 -2.36 -9.60
C GLU A 28 1.43 -2.91 -8.33
N ILE A 29 1.19 -2.03 -7.35
CA ILE A 29 0.51 -2.41 -6.10
C ILE A 29 -1.01 -2.54 -6.31
N VAL A 30 -1.53 -1.93 -7.40
CA VAL A 30 -2.94 -2.08 -7.78
C VAL A 30 -3.22 -3.55 -8.13
N ALA A 31 -2.42 -4.09 -9.05
CA ALA A 31 -2.53 -5.49 -9.47
C ALA A 31 -2.19 -6.45 -8.32
N ALA A 32 -1.28 -6.03 -7.44
CA ALA A 32 -0.89 -6.84 -6.27
C ALA A 32 -2.08 -7.11 -5.33
N LEU A 33 -2.82 -6.05 -4.96
CA LEU A 33 -3.99 -6.21 -4.09
C LEU A 33 -5.14 -6.93 -4.82
N GLN A 34 -5.22 -6.78 -6.15
CA GLN A 34 -6.23 -7.49 -6.95
C GLN A 34 -6.04 -9.02 -6.85
N GLU A 35 -4.77 -9.46 -6.90
CA GLU A 35 -4.42 -10.89 -6.77
C GLU A 35 -4.61 -11.38 -5.32
N GLN A 36 -4.36 -10.48 -4.36
CA GLN A 36 -4.49 -10.80 -2.92
C GLN A 36 -5.91 -11.27 -2.58
N GLY A 37 -6.89 -10.39 -2.79
CA GLY A 37 -8.26 -10.74 -2.50
C GLY A 37 -9.20 -9.55 -2.49
N PHE A 38 -8.86 -8.50 -3.27
CA PHE A 38 -9.66 -7.28 -3.34
C PHE A 38 -10.15 -7.04 -4.76
N ASP A 39 -11.38 -6.52 -4.88
CA ASP A 39 -12.01 -6.23 -6.15
C ASP A 39 -12.66 -4.85 -6.09
N ASN A 40 -12.34 -4.05 -7.09
CA ASN A 40 -12.74 -2.63 -7.21
C ASN A 40 -11.56 -1.73 -6.81
N ILE A 41 -10.34 -2.31 -6.89
CA ILE A 41 -9.10 -1.62 -6.59
C ILE A 41 -8.45 -1.18 -7.90
N ASN A 42 -8.31 0.12 -8.07
CA ASN A 42 -7.77 0.70 -9.31
C ASN A 42 -6.66 1.72 -9.03
N GLN A 43 -6.20 2.37 -10.09
CA GLN A 43 -5.13 3.38 -10.03
C GLN A 43 -5.48 4.51 -9.05
N SER A 44 -6.69 5.08 -9.18
CA SER A 44 -7.15 6.16 -8.30
C SER A 44 -7.11 5.75 -6.83
N LYS A 45 -7.61 4.55 -6.55
CA LYS A 45 -7.60 3.97 -5.18
C LYS A 45 -6.17 3.96 -4.59
N VAL A 46 -5.21 3.56 -5.43
CA VAL A 46 -3.81 3.43 -5.04
C VAL A 46 -3.08 4.77 -4.96
N SER A 47 -3.29 5.64 -5.95
CA SER A 47 -2.66 6.98 -5.95
C SER A 47 -3.19 7.83 -4.80
N ARG A 48 -4.47 7.63 -4.44
CA ARG A 48 -5.09 8.34 -3.31
C ARG A 48 -4.50 7.88 -1.98
N MET A 49 -4.44 6.56 -1.77
CA MET A 49 -3.87 6.00 -0.54
C MET A 49 -2.38 6.34 -0.39
N LEU A 50 -1.64 6.39 -1.51
CA LEU A 50 -0.20 6.73 -1.47
C LEU A 50 0.02 8.15 -0.93
N THR A 51 -0.71 9.12 -1.47
CA THR A 51 -0.63 10.51 -1.01
C THR A 51 -1.20 10.67 0.41
N LYS A 52 -2.32 9.97 0.66
CA LYS A 52 -3.00 9.98 1.97
C LYS A 52 -2.09 9.49 3.10
N PHE A 53 -1.46 8.33 2.89
CA PHE A 53 -0.57 7.72 3.91
C PHE A 53 0.82 8.38 3.94
N GLY A 54 1.21 9.03 2.83
CA GLY A 54 2.51 9.70 2.76
C GLY A 54 3.65 8.73 2.48
N ALA A 55 3.55 8.01 1.37
CA ALA A 55 4.57 7.04 0.97
C ALA A 55 5.81 7.73 0.37
N VAL A 56 6.97 7.05 0.49
CA VAL A 56 8.23 7.56 -0.03
C VAL A 56 8.92 6.51 -0.91
N ARG A 57 9.51 6.94 -2.02
CA ARG A 57 10.25 6.02 -2.91
C ARG A 57 11.72 5.96 -2.46
N THR A 58 12.17 4.74 -2.18
CA THR A 58 13.50 4.50 -1.62
C THR A 58 14.24 3.39 -2.39
N ARG A 59 15.57 3.42 -2.33
CA ARG A 59 16.42 2.41 -2.95
C ARG A 59 16.47 1.14 -2.08
N ASN A 60 16.20 -0.02 -2.68
CA ASN A 60 16.22 -1.29 -1.94
C ASN A 60 17.60 -1.95 -2.00
N ALA A 61 17.65 -3.24 -1.58
CA ALA A 61 18.91 -4.00 -1.54
C ALA A 61 19.64 -4.02 -2.89
N LYS A 62 18.89 -4.10 -3.99
CA LYS A 62 19.48 -4.15 -5.33
C LYS A 62 19.40 -2.80 -6.07
N MET A 63 19.45 -1.71 -5.32
CA MET A 63 19.46 -0.35 -5.91
C MET A 63 18.19 0.00 -6.70
N GLU A 64 17.10 -0.73 -6.49
CA GLU A 64 15.83 -0.44 -7.19
C GLU A 64 14.98 0.54 -6.38
N MET A 65 14.58 1.64 -7.01
CA MET A 65 13.75 2.67 -6.36
C MET A 65 12.29 2.22 -6.30
N VAL A 66 11.85 1.83 -5.11
CA VAL A 66 10.49 1.34 -4.90
C VAL A 66 9.76 2.11 -3.80
N TYR A 67 8.42 2.09 -3.88
CA TYR A 67 7.55 2.73 -2.90
C TYR A 67 7.67 2.07 -1.52
N CYS A 68 7.80 2.89 -0.49
CA CYS A 68 7.89 2.43 0.88
C CYS A 68 7.10 3.35 1.80
N LEU A 69 6.92 2.92 3.04
CA LEU A 69 6.21 3.71 4.04
C LEU A 69 7.19 4.15 5.12
N PRO A 70 7.11 5.42 5.58
CA PRO A 70 7.95 5.92 6.67
C PRO A 70 7.45 5.40 8.03
N ALA A 71 7.80 6.08 9.11
CA ALA A 71 7.29 5.72 10.44
C ALA A 71 5.76 5.73 10.42
N GLU A 72 5.15 4.61 10.83
CA GLU A 72 3.68 4.42 10.78
C GLU A 72 2.91 5.70 11.12
N LEU A 73 2.32 6.30 10.08
CA LEU A 73 1.60 7.56 10.19
C LEU A 73 0.09 7.32 10.15
N GLY A 74 -0.52 7.30 11.33
CA GLY A 74 -1.96 7.09 11.46
C GLY A 74 -2.34 6.25 12.65
N VAL A 75 -2.37 6.85 13.84
CA VAL A 75 -2.79 6.15 15.07
C VAL A 75 -4.28 6.42 15.35
N PRO A 76 -4.73 7.71 15.49
CA PRO A 76 -6.15 8.04 15.75
C PRO A 76 -7.13 7.60 14.63
N THR A 77 -6.60 7.37 13.43
CA THR A 77 -7.42 6.97 12.28
C THR A 77 -6.54 6.26 11.23
N THR A 78 -7.19 5.65 10.24
CA THR A 78 -6.49 4.94 9.16
C THR A 78 -6.21 5.90 8.00
N MET A 1 -6.35 -18.37 5.20
CA MET A 1 -6.29 -17.11 4.45
C MET A 1 -6.91 -15.96 5.25
N ARG A 2 -6.37 -14.75 5.06
CA ARG A 2 -6.85 -13.55 5.76
C ARG A 2 -7.56 -12.61 4.77
N SER A 3 -7.89 -11.40 5.24
CA SER A 3 -8.59 -10.39 4.42
C SER A 3 -10.00 -10.87 4.06
N SER A 4 -10.86 -10.98 5.07
CA SER A 4 -12.24 -11.44 4.90
C SER A 4 -13.22 -10.60 5.73
N ALA A 5 -14.39 -10.34 5.15
CA ALA A 5 -15.46 -9.57 5.80
C ALA A 5 -15.14 -8.07 5.90
N LYS A 6 -14.21 -7.71 6.78
CA LYS A 6 -13.80 -6.31 6.98
C LYS A 6 -13.06 -5.76 5.76
N GLN A 7 -13.22 -4.46 5.50
CA GLN A 7 -12.55 -3.80 4.37
C GLN A 7 -11.29 -3.06 4.79
N GLU A 8 -11.07 -2.93 6.10
CA GLU A 8 -9.83 -2.33 6.65
C GLU A 8 -8.61 -3.23 6.36
N GLU A 9 -8.85 -4.30 5.60
CA GLU A 9 -7.83 -5.28 5.24
C GLU A 9 -7.02 -4.79 4.06
N LEU A 10 -7.68 -4.03 3.17
CA LEU A 10 -6.99 -3.37 2.06
C LEU A 10 -6.01 -2.35 2.64
N VAL A 11 -6.40 -1.74 3.77
CA VAL A 11 -5.57 -0.77 4.47
C VAL A 11 -4.32 -1.44 5.07
N LYS A 12 -4.49 -2.55 5.81
CA LYS A 12 -3.35 -3.29 6.38
C LYS A 12 -2.41 -3.79 5.28
N ALA A 13 -3.01 -4.40 4.26
CA ALA A 13 -2.26 -4.94 3.11
C ALA A 13 -1.53 -3.81 2.35
N PHE A 14 -2.21 -2.67 2.17
CA PHE A 14 -1.62 -1.52 1.46
C PHE A 14 -0.31 -1.07 2.11
N LYS A 15 -0.33 -0.86 3.43
CA LYS A 15 0.88 -0.48 4.17
C LYS A 15 1.97 -1.54 4.08
N ALA A 16 1.57 -2.81 4.23
CA ALA A 16 2.51 -3.95 4.16
C ALA A 16 3.23 -4.02 2.80
N LEU A 17 2.46 -3.90 1.71
CA LEU A 17 3.02 -3.92 0.35
C LEU A 17 4.12 -2.86 0.19
N LEU A 18 3.81 -1.64 0.62
CA LEU A 18 4.78 -0.52 0.56
C LEU A 18 5.98 -0.80 1.44
N LYS A 19 5.73 -1.16 2.70
CA LYS A 19 6.78 -1.40 3.69
C LYS A 19 7.68 -2.61 3.33
N GLU A 20 7.24 -3.45 2.38
CA GLU A 20 8.06 -4.56 1.87
C GLU A 20 9.16 -4.02 0.94
N GLU A 21 8.87 -2.88 0.29
CA GLU A 21 9.81 -2.20 -0.62
C GLU A 21 10.07 -3.04 -1.89
N LYS A 22 8.99 -3.42 -2.59
CA LYS A 22 9.07 -4.21 -3.82
C LYS A 22 8.37 -3.53 -5.01
N PHE A 23 7.53 -2.53 -4.73
CA PHE A 23 6.77 -1.83 -5.77
C PHE A 23 7.41 -0.49 -6.12
N SER A 24 7.57 -0.23 -7.42
CA SER A 24 8.14 1.03 -7.91
C SER A 24 7.06 1.90 -8.57
N SER A 25 5.91 1.29 -8.89
CA SER A 25 4.80 2.00 -9.53
C SER A 25 3.47 1.63 -8.86
N GLN A 26 2.47 2.49 -9.05
CA GLN A 26 1.10 2.27 -8.54
C GLN A 26 0.49 1.02 -9.18
N GLY A 27 0.47 1.02 -10.51
CA GLY A 27 -0.07 -0.09 -11.32
C GLY A 27 0.25 -1.50 -10.81
N GLU A 28 1.48 -1.72 -10.33
CA GLU A 28 1.90 -3.03 -9.83
C GLU A 28 1.21 -3.37 -8.48
N ILE A 29 1.18 -2.40 -7.56
CA ILE A 29 0.51 -2.60 -6.26
C ILE A 29 -1.02 -2.69 -6.43
N VAL A 30 -1.54 -2.08 -7.51
CA VAL A 30 -2.96 -2.18 -7.87
C VAL A 30 -3.32 -3.63 -8.20
N ALA A 31 -2.52 -4.23 -9.10
CA ALA A 31 -2.71 -5.62 -9.53
C ALA A 31 -2.44 -6.60 -8.38
N ALA A 32 -1.38 -6.34 -7.60
CA ALA A 32 -1.01 -7.20 -6.47
C ALA A 32 -2.16 -7.39 -5.47
N LEU A 33 -2.86 -6.30 -5.14
CA LEU A 33 -4.00 -6.36 -4.23
C LEU A 33 -5.21 -7.09 -4.89
N GLN A 34 -5.30 -7.04 -6.23
CA GLN A 34 -6.37 -7.77 -6.93
C GLN A 34 -6.18 -9.29 -6.77
N GLU A 35 -4.92 -9.73 -6.73
CA GLU A 35 -4.60 -11.13 -6.48
C GLU A 35 -4.90 -11.51 -5.01
N GLN A 36 -4.65 -10.56 -4.10
CA GLN A 36 -4.88 -10.76 -2.65
C GLN A 36 -6.37 -11.03 -2.36
N GLY A 37 -7.21 -10.06 -2.69
CA GLY A 37 -8.65 -10.22 -2.47
C GLY A 37 -9.42 -8.92 -2.51
N PHE A 38 -8.95 -7.97 -3.35
CA PHE A 38 -9.59 -6.66 -3.48
C PHE A 38 -9.93 -6.36 -4.95
N ASP A 39 -11.22 -6.39 -5.26
CA ASP A 39 -11.71 -6.22 -6.63
C ASP A 39 -11.92 -4.75 -7.02
N ASN A 40 -12.50 -4.00 -6.10
CA ASN A 40 -12.81 -2.58 -6.32
C ASN A 40 -11.57 -1.68 -6.15
N ILE A 41 -10.47 -2.11 -6.75
CA ILE A 41 -9.20 -1.38 -6.68
C ILE A 41 -8.81 -0.86 -8.07
N ASN A 42 -8.31 0.37 -8.10
CA ASN A 42 -7.88 1.03 -9.35
C ASN A 42 -6.68 1.95 -9.08
N GLN A 43 -6.11 2.50 -10.16
CA GLN A 43 -4.91 3.37 -10.06
C GLN A 43 -5.15 4.60 -9.19
N SER A 44 -6.34 5.21 -9.30
CA SER A 44 -6.71 6.38 -8.50
C SER A 44 -6.70 6.06 -7.01
N LYS A 45 -7.37 4.96 -6.65
CA LYS A 45 -7.42 4.47 -5.26
C LYS A 45 -6.01 4.20 -4.69
N VAL A 46 -5.12 3.68 -5.55
CA VAL A 46 -3.72 3.38 -5.18
C VAL A 46 -2.91 4.68 -5.02
N SER A 47 -3.14 5.65 -5.90
CA SER A 47 -2.47 6.95 -5.83
C SER A 47 -2.99 7.78 -4.65
N ARG A 48 -4.29 7.66 -4.36
CA ARG A 48 -4.91 8.38 -3.24
C ARG A 48 -4.47 7.78 -1.90
N MET A 49 -4.40 6.45 -1.84
CA MET A 49 -3.91 5.74 -0.65
C MET A 49 -2.42 6.06 -0.41
N LEU A 50 -1.64 6.19 -1.51
CA LEU A 50 -0.22 6.56 -1.42
C LEU A 50 -0.05 7.93 -0.75
N THR A 51 -0.81 8.91 -1.22
CA THR A 51 -0.77 10.27 -0.66
C THR A 51 -1.39 10.32 0.74
N LYS A 52 -2.48 9.56 0.94
CA LYS A 52 -3.18 9.49 2.22
C LYS A 52 -2.30 8.90 3.32
N PHE A 53 -1.74 7.71 3.07
CA PHE A 53 -0.85 7.03 4.02
C PHE A 53 0.52 7.72 4.13
N GLY A 54 0.87 8.52 3.12
CA GLY A 54 2.14 9.24 3.13
C GLY A 54 3.33 8.39 2.74
N ALA A 55 3.27 7.81 1.54
CA ALA A 55 4.35 6.97 1.02
C ALA A 55 5.49 7.80 0.46
N VAL A 56 6.70 7.25 0.53
CA VAL A 56 7.91 7.91 0.00
C VAL A 56 8.62 6.96 -0.97
N ARG A 57 9.47 7.53 -1.83
CA ARG A 57 10.20 6.73 -2.82
C ARG A 57 11.70 6.75 -2.50
N THR A 58 12.32 5.57 -2.48
CA THR A 58 13.76 5.46 -2.16
C THR A 58 14.35 4.14 -2.68
N ARG A 59 15.68 4.10 -2.79
CA ARG A 59 16.39 2.92 -3.27
C ARG A 59 16.38 1.80 -2.23
N ASN A 60 15.91 0.62 -2.65
CA ASN A 60 15.85 -0.56 -1.77
C ASN A 60 17.18 -1.34 -1.78
N ALA A 61 17.14 -2.59 -1.31
CA ALA A 61 18.33 -3.44 -1.23
C ALA A 61 18.98 -3.69 -2.60
N LYS A 62 18.20 -3.60 -3.67
CA LYS A 62 18.72 -3.82 -5.04
C LYS A 62 18.94 -2.50 -5.80
N MET A 63 19.09 -1.39 -5.06
CA MET A 63 19.35 -0.08 -5.68
C MET A 63 18.19 0.41 -6.56
N GLU A 64 17.00 -0.18 -6.40
CA GLU A 64 15.83 0.20 -7.20
C GLU A 64 14.96 1.19 -6.42
N MET A 65 14.69 2.36 -7.03
CA MET A 65 13.85 3.39 -6.41
C MET A 65 12.39 2.92 -6.32
N VAL A 66 12.02 2.40 -5.15
CA VAL A 66 10.69 1.85 -4.92
C VAL A 66 9.90 2.66 -3.88
N TYR A 67 8.60 2.40 -3.86
CA TYR A 67 7.67 2.97 -2.90
C TYR A 67 7.84 2.30 -1.54
N CYS A 68 7.87 3.09 -0.49
CA CYS A 68 7.98 2.59 0.88
C CYS A 68 7.24 3.51 1.84
N LEU A 69 6.97 2.99 3.03
CA LEU A 69 6.26 3.75 4.05
C LEU A 69 7.19 4.13 5.19
N PRO A 70 7.16 5.42 5.65
CA PRO A 70 7.99 5.88 6.78
C PRO A 70 7.62 5.17 8.10
N ALA A 71 8.04 5.77 9.21
CA ALA A 71 7.73 5.25 10.54
C ALA A 71 6.28 5.56 10.93
N GLU A 72 5.36 4.94 10.19
CA GLU A 72 3.90 5.09 10.36
C GLU A 72 3.47 6.57 10.32
N LEU A 73 4.01 7.30 9.35
CA LEU A 73 3.71 8.73 9.15
C LEU A 73 4.17 9.58 10.34
N GLY A 74 5.47 9.86 10.41
CA GLY A 74 6.03 10.68 11.47
C GLY A 74 6.08 12.15 11.09
N VAL A 75 4.90 12.78 11.03
CA VAL A 75 4.79 14.19 10.65
C VAL A 75 3.56 14.81 11.33
N PRO A 76 3.68 16.06 11.85
CA PRO A 76 2.58 16.74 12.54
C PRO A 76 1.54 17.36 11.57
N THR A 77 1.10 16.57 10.60
CA THR A 77 0.09 17.00 9.61
C THR A 77 -0.38 15.78 8.78
N THR A 78 -0.81 16.03 7.54
CA THR A 78 -1.28 14.99 6.64
C THR A 78 -1.13 15.45 5.18
N MET A 1 -25.77 -11.05 9.44
CA MET A 1 -24.72 -10.01 9.31
C MET A 1 -23.75 -10.09 10.49
N ARG A 2 -22.75 -10.97 10.36
CA ARG A 2 -21.72 -11.15 11.39
C ARG A 2 -20.43 -11.64 10.73
N SER A 3 -19.28 -11.22 11.28
CA SER A 3 -17.96 -11.58 10.73
C SER A 3 -17.80 -11.06 9.29
N SER A 4 -17.76 -9.73 9.15
CA SER A 4 -17.63 -9.10 7.84
C SER A 4 -16.88 -7.76 7.98
N ALA A 5 -15.78 -7.64 7.25
CA ALA A 5 -14.95 -6.44 7.25
C ALA A 5 -14.13 -6.40 5.96
N LYS A 6 -14.77 -5.90 4.89
CA LYS A 6 -14.18 -5.90 3.56
C LYS A 6 -12.92 -5.04 3.45
N GLN A 7 -13.06 -3.79 3.79
CA GLN A 7 -11.97 -2.81 3.63
C GLN A 7 -10.98 -2.82 4.81
N GLU A 8 -11.32 -3.50 5.91
CA GLU A 8 -10.38 -3.64 7.04
C GLU A 8 -9.35 -4.74 6.75
N GLU A 9 -8.97 -4.84 5.49
CA GLU A 9 -7.98 -5.80 4.99
C GLU A 9 -7.17 -5.16 3.86
N LEU A 10 -7.81 -4.24 3.14
CA LEU A 10 -7.16 -3.52 2.03
C LEU A 10 -6.05 -2.59 2.53
N VAL A 11 -6.27 -1.95 3.68
CA VAL A 11 -5.29 -1.02 4.25
C VAL A 11 -4.08 -1.78 4.81
N LYS A 12 -4.31 -2.74 5.70
CA LYS A 12 -3.22 -3.54 6.28
C LYS A 12 -2.32 -4.13 5.19
N ALA A 13 -2.97 -4.69 4.17
CA ALA A 13 -2.27 -5.24 3.00
C ALA A 13 -1.49 -4.14 2.24
N PHE A 14 -2.15 -3.00 2.00
CA PHE A 14 -1.54 -1.83 1.31
C PHE A 14 -0.23 -1.42 2.00
N LYS A 15 -0.35 -1.03 3.28
CA LYS A 15 0.80 -0.64 4.11
C LYS A 15 1.94 -1.67 4.04
N ALA A 16 1.58 -2.95 4.14
CA ALA A 16 2.54 -4.07 4.11
C ALA A 16 3.28 -4.14 2.76
N LEU A 17 2.54 -3.99 1.65
CA LEU A 17 3.14 -4.02 0.30
C LEU A 17 4.25 -2.96 0.17
N LEU A 18 3.96 -1.75 0.66
CA LEU A 18 4.92 -0.64 0.62
C LEU A 18 6.12 -0.90 1.55
N LYS A 19 5.83 -1.25 2.80
CA LYS A 19 6.88 -1.48 3.81
C LYS A 19 7.84 -2.63 3.43
N GLU A 20 7.36 -3.61 2.64
CA GLU A 20 8.20 -4.71 2.18
C GLU A 20 9.14 -4.26 1.04
N GLU A 21 8.83 -3.11 0.44
CA GLU A 21 9.66 -2.49 -0.61
C GLU A 21 9.78 -3.37 -1.87
N LYS A 22 8.64 -3.59 -2.56
CA LYS A 22 8.64 -4.40 -3.78
C LYS A 22 7.69 -3.82 -4.85
N PHE A 23 7.48 -2.50 -4.84
CA PHE A 23 6.62 -1.84 -5.84
C PHE A 23 7.17 -0.46 -6.18
N SER A 24 7.43 -0.24 -7.47
CA SER A 24 8.00 1.04 -7.95
C SER A 24 6.94 1.98 -8.52
N SER A 25 5.76 1.45 -8.85
CA SER A 25 4.66 2.25 -9.40
C SER A 25 3.33 1.87 -8.74
N GLN A 26 2.34 2.75 -8.87
CA GLN A 26 0.99 2.54 -8.32
C GLN A 26 0.32 1.31 -8.96
N GLY A 27 0.25 1.31 -10.30
CA GLY A 27 -0.33 0.19 -11.05
C GLY A 27 0.18 -1.20 -10.65
N GLU A 28 1.43 -1.26 -10.16
CA GLU A 28 2.04 -2.50 -9.71
C GLU A 28 1.38 -3.02 -8.42
N ILE A 29 1.19 -2.11 -7.44
CA ILE A 29 0.54 -2.48 -6.17
C ILE A 29 -0.99 -2.58 -6.35
N VAL A 30 -1.51 -1.98 -7.44
CA VAL A 30 -2.94 -2.11 -7.80
C VAL A 30 -3.26 -3.56 -8.13
N ALA A 31 -2.49 -4.12 -9.08
CA ALA A 31 -2.64 -5.53 -9.49
C ALA A 31 -2.32 -6.48 -8.33
N ALA A 32 -1.35 -6.11 -7.49
CA ALA A 32 -0.95 -6.93 -6.33
C ALA A 32 -2.12 -7.15 -5.37
N LEU A 33 -2.82 -6.07 -4.97
CA LEU A 33 -3.96 -6.19 -4.06
C LEU A 33 -5.19 -6.81 -4.77
N GLN A 34 -5.27 -6.68 -6.10
CA GLN A 34 -6.34 -7.35 -6.87
C GLN A 34 -6.21 -8.87 -6.74
N GLU A 35 -4.96 -9.36 -6.81
CA GLU A 35 -4.65 -10.78 -6.65
C GLU A 35 -4.87 -11.24 -5.20
N GLN A 36 -4.58 -10.35 -4.24
CA GLN A 36 -4.77 -10.65 -2.81
C GLN A 36 -6.21 -11.01 -2.48
N GLY A 37 -7.15 -10.15 -2.91
CA GLY A 37 -8.57 -10.39 -2.66
C GLY A 37 -9.40 -9.12 -2.61
N PHE A 38 -8.96 -8.08 -3.32
CA PHE A 38 -9.66 -6.78 -3.31
C PHE A 38 -10.16 -6.42 -4.71
N ASP A 39 -11.48 -6.45 -4.88
CA ASP A 39 -12.12 -6.12 -6.16
C ASP A 39 -12.48 -4.64 -6.25
N ASN A 40 -12.57 -4.01 -5.09
CA ASN A 40 -12.87 -2.58 -4.99
C ASN A 40 -11.56 -1.77 -5.01
N ILE A 41 -10.78 -1.97 -6.07
CA ILE A 41 -9.48 -1.32 -6.23
C ILE A 41 -9.28 -0.79 -7.64
N ASN A 42 -8.33 0.11 -7.78
CA ASN A 42 -7.96 0.71 -9.08
C ASN A 42 -6.75 1.63 -8.91
N GLN A 43 -6.24 2.13 -10.04
CA GLN A 43 -5.07 3.03 -10.05
C GLN A 43 -5.28 4.27 -9.17
N SER A 44 -6.47 4.87 -9.26
CA SER A 44 -6.81 6.06 -8.48
C SER A 44 -6.81 5.78 -6.97
N LYS A 45 -7.40 4.64 -6.58
CA LYS A 45 -7.45 4.23 -5.17
C LYS A 45 -6.05 3.99 -4.60
N VAL A 46 -5.13 3.51 -5.44
CA VAL A 46 -3.74 3.25 -5.05
C VAL A 46 -2.92 4.54 -4.99
N SER A 47 -3.08 5.41 -6.00
CA SER A 47 -2.36 6.70 -6.02
C SER A 47 -2.86 7.62 -4.89
N ARG A 48 -4.17 7.56 -4.61
CA ARG A 48 -4.77 8.36 -3.54
C ARG A 48 -4.32 7.85 -2.16
N MET A 49 -4.27 6.52 -1.99
CA MET A 49 -3.81 5.91 -0.73
C MET A 49 -2.33 6.22 -0.48
N LEU A 50 -1.52 6.23 -1.55
CA LEU A 50 -0.09 6.58 -1.44
C LEU A 50 0.08 8.01 -0.90
N THR A 51 -0.73 8.93 -1.42
CA THR A 51 -0.73 10.34 -0.99
C THR A 51 -1.33 10.48 0.42
N LYS A 52 -2.46 9.80 0.65
CA LYS A 52 -3.17 9.80 1.94
C LYS A 52 -2.27 9.31 3.09
N PHE A 53 -1.63 8.16 2.89
CA PHE A 53 -0.73 7.58 3.91
C PHE A 53 0.60 8.32 3.98
N GLY A 54 1.01 8.94 2.87
CA GLY A 54 2.25 9.70 2.83
C GLY A 54 3.46 8.82 2.55
N ALA A 55 3.38 8.02 1.48
CA ALA A 55 4.47 7.11 1.10
C ALA A 55 5.59 7.84 0.35
N VAL A 56 6.82 7.35 0.50
CA VAL A 56 7.99 7.90 -0.19
C VAL A 56 8.69 6.80 -0.99
N ARG A 57 9.52 7.18 -1.95
CA ARG A 57 10.28 6.22 -2.76
C ARG A 57 11.74 6.17 -2.31
N THR A 58 12.33 4.99 -2.35
CA THR A 58 13.72 4.81 -1.94
C THR A 58 14.31 3.51 -2.53
N ARG A 59 15.62 3.33 -2.34
CA ARG A 59 16.32 2.14 -2.85
C ARG A 59 16.08 0.94 -1.90
N ASN A 60 15.80 -0.23 -2.51
CA ASN A 60 15.60 -1.48 -1.73
C ASN A 60 16.85 -2.37 -1.83
N ALA A 61 16.68 -3.66 -1.48
CA ALA A 61 17.79 -4.64 -1.49
C ALA A 61 18.47 -4.74 -2.87
N LYS A 62 17.70 -4.58 -3.96
CA LYS A 62 18.25 -4.68 -5.32
C LYS A 62 18.43 -3.31 -5.99
N MET A 63 18.56 -2.25 -5.20
CA MET A 63 18.87 -0.90 -5.72
C MET A 63 17.75 -0.32 -6.62
N GLU A 64 16.51 -0.78 -6.45
CA GLU A 64 15.38 -0.27 -7.23
C GLU A 64 14.63 0.82 -6.48
N MET A 65 14.18 1.86 -7.19
CA MET A 65 13.42 2.96 -6.59
C MET A 65 11.97 2.52 -6.34
N VAL A 66 11.71 1.98 -5.16
CA VAL A 66 10.38 1.47 -4.80
C VAL A 66 9.72 2.29 -3.68
N TYR A 67 8.39 2.22 -3.65
CA TYR A 67 7.57 2.89 -2.64
C TYR A 67 7.74 2.24 -1.26
N CYS A 68 7.75 3.06 -0.22
CA CYS A 68 7.86 2.60 1.16
C CYS A 68 7.22 3.61 2.11
N LEU A 69 6.92 3.19 3.34
CA LEU A 69 6.32 4.09 4.33
C LEU A 69 7.40 4.72 5.22
N PRO A 70 7.21 6.00 5.63
CA PRO A 70 8.14 6.70 6.53
C PRO A 70 7.93 6.29 7.96
N ALA A 71 6.85 6.82 8.44
CA ALA A 71 6.38 6.64 9.79
C ALA A 71 5.68 5.29 9.98
N GLU A 72 5.55 4.86 11.25
CA GLU A 72 5.01 3.54 11.63
C GLU A 72 5.73 2.40 10.90
N LEU A 73 6.99 2.65 10.53
CA LEU A 73 7.83 1.68 9.82
C LEU A 73 8.91 1.12 10.77
N GLY A 74 10.18 1.22 10.38
CA GLY A 74 11.25 0.72 11.21
C GLY A 74 12.61 1.27 10.81
N VAL A 75 12.79 2.57 11.03
CA VAL A 75 14.05 3.26 10.70
C VAL A 75 14.23 4.48 11.62
N PRO A 76 15.26 4.45 12.51
CA PRO A 76 15.52 5.55 13.44
C PRO A 76 16.22 6.73 12.76
N THR A 77 15.91 7.95 13.20
CA THR A 77 16.51 9.17 12.63
C THR A 77 17.80 9.54 13.36
N THR A 78 18.71 10.23 12.65
CA THR A 78 20.00 10.68 13.17
C THR A 78 20.83 9.51 13.76
#